data_3AYQ
# 
_entry.id   3AYQ 
# 
_audit_conform.dict_name       mmcif_pdbx.dic 
_audit_conform.dict_version    5.397 
_audit_conform.dict_location   http://mmcif.pdb.org/dictionaries/ascii/mmcif_pdbx.dic 
# 
loop_
_database_2.database_id 
_database_2.database_code 
_database_2.pdbx_database_accession 
_database_2.pdbx_DOI 
PDB   3AYQ         pdb_00003ayq 10.2210/pdb3ayq/pdb 
RCSB  RCSB029861   ?            ?                   
WWPDB D_1000029861 ?            ?                   
# 
loop_
_pdbx_audit_revision_history.ordinal 
_pdbx_audit_revision_history.data_content_type 
_pdbx_audit_revision_history.major_revision 
_pdbx_audit_revision_history.minor_revision 
_pdbx_audit_revision_history.revision_date 
1 'Structure model' 1 0 2012-05-23 
2 'Structure model' 2 0 2020-07-29 
3 'Structure model' 2 1 2023-11-01 
4 'Structure model' 2 2 2024-10-09 
# 
loop_
_pdbx_audit_revision_details.ordinal 
_pdbx_audit_revision_details.revision_ordinal 
_pdbx_audit_revision_details.data_content_type 
_pdbx_audit_revision_details.provider 
_pdbx_audit_revision_details.type 
_pdbx_audit_revision_details.description 
_pdbx_audit_revision_details.details 
1 1 'Structure model' repository 'Initial release' ?                          ? 
2 2 'Structure model' repository Remediation       'Carbohydrate remediation' ? 
# 
loop_
_pdbx_audit_revision_group.ordinal 
_pdbx_audit_revision_group.revision_ordinal 
_pdbx_audit_revision_group.data_content_type 
_pdbx_audit_revision_group.group 
1 2 'Structure model' 'Atomic model'           
2 2 'Structure model' 'Data collection'        
3 2 'Structure model' 'Derived calculations'   
4 2 'Structure model' 'Structure summary'      
5 3 'Structure model' 'Data collection'        
6 3 'Structure model' 'Database references'    
7 3 'Structure model' 'Refinement description' 
8 3 'Structure model' 'Structure summary'      
9 4 'Structure model' 'Structure summary'      
# 
loop_
_pdbx_audit_revision_category.ordinal 
_pdbx_audit_revision_category.revision_ordinal 
_pdbx_audit_revision_category.data_content_type 
_pdbx_audit_revision_category.category 
1  2 'Structure model' atom_site                     
2  2 'Structure model' chem_comp                     
3  2 'Structure model' entity                        
4  2 'Structure model' pdbx_branch_scheme            
5  2 'Structure model' pdbx_chem_comp_identifier     
6  2 'Structure model' pdbx_entity_branch            
7  2 'Structure model' pdbx_entity_branch_descriptor 
8  2 'Structure model' pdbx_entity_branch_link       
9  2 'Structure model' pdbx_entity_branch_list       
10 2 'Structure model' pdbx_entity_nonpoly           
11 2 'Structure model' pdbx_nonpoly_scheme           
12 2 'Structure model' pdbx_struct_assembly_gen      
13 2 'Structure model' pdbx_struct_special_symmetry  
14 2 'Structure model' struct_asym                   
15 2 'Structure model' struct_conn                   
16 2 'Structure model' struct_site                   
17 2 'Structure model' struct_site_gen               
18 3 'Structure model' chem_comp                     
19 3 'Structure model' chem_comp_atom                
20 3 'Structure model' chem_comp_bond                
21 3 'Structure model' database_2                    
22 3 'Structure model' pdbx_initial_refinement_model 
23 4 'Structure model' pdbx_entry_details            
24 4 'Structure model' pdbx_modification_feature     
# 
loop_
_pdbx_audit_revision_item.ordinal 
_pdbx_audit_revision_item.revision_ordinal 
_pdbx_audit_revision_item.data_content_type 
_pdbx_audit_revision_item.item 
1  2 'Structure model' '_atom_site.Cartn_x'                           
2  2 'Structure model' '_atom_site.Cartn_y'                           
3  2 'Structure model' '_atom_site.Cartn_z'                           
4  2 'Structure model' '_atom_site.auth_asym_id'                      
5  2 'Structure model' '_atom_site.auth_atom_id'                      
6  2 'Structure model' '_atom_site.auth_comp_id'                      
7  2 'Structure model' '_atom_site.auth_seq_id'                       
8  2 'Structure model' '_atom_site.label_asym_id'                     
9  2 'Structure model' '_atom_site.label_atom_id'                     
10 2 'Structure model' '_atom_site.label_comp_id'                     
11 2 'Structure model' '_atom_site.label_entity_id'                   
12 2 'Structure model' '_atom_site.type_symbol'                       
13 2 'Structure model' '_chem_comp.name'                              
14 2 'Structure model' '_chem_comp.type'                              
15 2 'Structure model' '_pdbx_struct_assembly_gen.asym_id_list'       
16 2 'Structure model' '_pdbx_struct_special_symmetry.label_asym_id'  
17 2 'Structure model' '_struct_conn.pdbx_dist_value'                 
18 2 'Structure model' '_struct_conn.pdbx_leaving_atom_flag'          
19 2 'Structure model' '_struct_conn.ptnr1_auth_asym_id'              
20 2 'Structure model' '_struct_conn.ptnr1_auth_comp_id'              
21 2 'Structure model' '_struct_conn.ptnr1_auth_seq_id'               
22 2 'Structure model' '_struct_conn.ptnr1_label_asym_id'             
23 2 'Structure model' '_struct_conn.ptnr1_label_atom_id'             
24 2 'Structure model' '_struct_conn.ptnr1_label_comp_id'             
25 2 'Structure model' '_struct_conn.ptnr2_auth_asym_id'              
26 2 'Structure model' '_struct_conn.ptnr2_auth_comp_id'              
27 2 'Structure model' '_struct_conn.ptnr2_auth_seq_id'               
28 2 'Structure model' '_struct_conn.ptnr2_label_asym_id'             
29 2 'Structure model' '_struct_conn.ptnr2_label_atom_id'             
30 2 'Structure model' '_struct_conn.ptnr2_label_comp_id'             
31 3 'Structure model' '_chem_comp.pdbx_synonyms'                     
32 3 'Structure model' '_database_2.pdbx_DOI'                         
33 3 'Structure model' '_database_2.pdbx_database_accession'          
34 4 'Structure model' '_pdbx_entry_details.has_protein_modification' 
# 
_pdbx_database_status.status_code                     REL 
_pdbx_database_status.entry_id                        3AYQ 
_pdbx_database_status.recvd_initial_deposition_date   2011-05-13 
_pdbx_database_status.deposit_site                    PDBJ 
_pdbx_database_status.process_site                    PDBJ 
_pdbx_database_status.status_code_sf                  REL 
_pdbx_database_status.status_code_mr                  ? 
_pdbx_database_status.SG_entry                        ? 
_pdbx_database_status.status_code_cs                  ? 
_pdbx_database_status.methods_development_category    ? 
_pdbx_database_status.pdb_format_compatible           Y 
_pdbx_database_status.status_code_nmr_data            ? 
# 
loop_
_audit_author.name 
_audit_author.pdbx_ordinal 
'Yoneda, K.' 1 
'Kuwano, Y.' 2 
'Usui, T.'   3 
'Ogata, M.'  4 
'Suzuki, A.' 5 
'Araki, T.'  6 
# 
_citation.id                        primary 
_citation.title                     'Crystal structure of inhibitor bound lysozyme from Meretrix lusoria' 
_citation.journal_abbrev            'To be Published' 
_citation.journal_volume            ? 
_citation.page_first                ? 
_citation.page_last                 ? 
_citation.year                      ? 
_citation.journal_id_ASTM           ? 
_citation.country                   ? 
_citation.journal_id_ISSN           ? 
_citation.journal_id_CSD            0353 
_citation.book_publisher            ? 
_citation.pdbx_database_id_PubMed   ? 
_citation.pdbx_database_id_DOI      ? 
# 
loop_
_citation_author.citation_id 
_citation_author.name 
_citation_author.ordinal 
_citation_author.identifier_ORCID 
primary 'Yoneda, K.' 1 ? 
primary 'Kuwano, Y.' 2 ? 
primary 'Usui, T.'   3 ? 
primary 'Ogata, M.'  4 ? 
primary 'Suzuki, A.' 5 ? 
primary 'Araki, T.'  6 ? 
# 
loop_
_entity.id 
_entity.type 
_entity.src_method 
_entity.pdbx_description 
_entity.formula_weight 
_entity.pdbx_number_of_molecules 
_entity.pdbx_ec 
_entity.pdbx_mutation 
_entity.pdbx_fragment 
_entity.details 
1 polymer  nat Lysozyme 13384.520 1   3.2.1.17 ? ? ? 
2 branched man 
;2-acetamido-2-deoxy-beta-D-glucopyranose-(1-4)-2-acetamido-2-deoxy-beta-D-glucopyranose-(1-4)-2-acetamido-2-deoxy-beta-D-glucopyranose-(1-4)-N-[(5S,6R)-5-hydroxy-6-(hydroxymethyl)-2-oxo-5,6-dihydro-2H-pyran-3-yl]acetamide
;
810.755   1   ?        ? ? ? 
3 water    nat water 18.015    148 ?        ? ? ? 
# 
_entity_name_com.entity_id   1 
_entity_name_com.name        'I-type lysozyme, 1,4-beta-N-acetylmuramidase' 
# 
_entity_poly.entity_id                      1 
_entity_poly.type                           'polypeptide(L)' 
_entity_poly.nstd_linkage                   no 
_entity_poly.nstd_monomer                   no 
_entity_poly.pdbx_seq_one_letter_code       
;FAGGTVSQRCLSCICKMESGCRNVGCKMDMGSLSCGYFQIKEAYWIDCGRPGSSWKSCAASSYCASLCVQNYMKRYAKWA
GCPLRCEGFAREHNGGPRGCKKGSTIGYWNRLQKISGCHGVQ
;
_entity_poly.pdbx_seq_one_letter_code_can   
;FAGGTVSQRCLSCICKMESGCRNVGCKMDMGSLSCGYFQIKEAYWIDCGRPGSSWKSCAASSYCASLCVQNYMKRYAKWA
GCPLRCEGFAREHNGGPRGCKKGSTIGYWNRLQKISGCHGVQ
;
_entity_poly.pdbx_strand_id                 A 
_entity_poly.pdbx_target_identifier         ? 
# 
_pdbx_entity_nonpoly.entity_id   3 
_pdbx_entity_nonpoly.name        water 
_pdbx_entity_nonpoly.comp_id     HOH 
# 
loop_
_entity_poly_seq.entity_id 
_entity_poly_seq.num 
_entity_poly_seq.mon_id 
_entity_poly_seq.hetero 
1 1   PHE n 
1 2   ALA n 
1 3   GLY n 
1 4   GLY n 
1 5   THR n 
1 6   VAL n 
1 7   SER n 
1 8   GLN n 
1 9   ARG n 
1 10  CYS n 
1 11  LEU n 
1 12  SER n 
1 13  CYS n 
1 14  ILE n 
1 15  CYS n 
1 16  LYS n 
1 17  MET n 
1 18  GLU n 
1 19  SER n 
1 20  GLY n 
1 21  CYS n 
1 22  ARG n 
1 23  ASN n 
1 24  VAL n 
1 25  GLY n 
1 26  CYS n 
1 27  LYS n 
1 28  MET n 
1 29  ASP n 
1 30  MET n 
1 31  GLY n 
1 32  SER n 
1 33  LEU n 
1 34  SER n 
1 35  CYS n 
1 36  GLY n 
1 37  TYR n 
1 38  PHE n 
1 39  GLN n 
1 40  ILE n 
1 41  LYS n 
1 42  GLU n 
1 43  ALA n 
1 44  TYR n 
1 45  TRP n 
1 46  ILE n 
1 47  ASP n 
1 48  CYS n 
1 49  GLY n 
1 50  ARG n 
1 51  PRO n 
1 52  GLY n 
1 53  SER n 
1 54  SER n 
1 55  TRP n 
1 56  LYS n 
1 57  SER n 
1 58  CYS n 
1 59  ALA n 
1 60  ALA n 
1 61  SER n 
1 62  SER n 
1 63  TYR n 
1 64  CYS n 
1 65  ALA n 
1 66  SER n 
1 67  LEU n 
1 68  CYS n 
1 69  VAL n 
1 70  GLN n 
1 71  ASN n 
1 72  TYR n 
1 73  MET n 
1 74  LYS n 
1 75  ARG n 
1 76  TYR n 
1 77  ALA n 
1 78  LYS n 
1 79  TRP n 
1 80  ALA n 
1 81  GLY n 
1 82  CYS n 
1 83  PRO n 
1 84  LEU n 
1 85  ARG n 
1 86  CYS n 
1 87  GLU n 
1 88  GLY n 
1 89  PHE n 
1 90  ALA n 
1 91  ARG n 
1 92  GLU n 
1 93  HIS n 
1 94  ASN n 
1 95  GLY n 
1 96  GLY n 
1 97  PRO n 
1 98  ARG n 
1 99  GLY n 
1 100 CYS n 
1 101 LYS n 
1 102 LYS n 
1 103 GLY n 
1 104 SER n 
1 105 THR n 
1 106 ILE n 
1 107 GLY n 
1 108 TYR n 
1 109 TRP n 
1 110 ASN n 
1 111 ARG n 
1 112 LEU n 
1 113 GLN n 
1 114 LYS n 
1 115 ILE n 
1 116 SER n 
1 117 GLY n 
1 118 CYS n 
1 119 HIS n 
1 120 GLY n 
1 121 VAL n 
1 122 GLN n 
# 
_entity_src_nat.entity_id                  1 
_entity_src_nat.pdbx_src_id                1 
_entity_src_nat.pdbx_alt_source_flag       sample 
_entity_src_nat.pdbx_beg_seq_num           ? 
_entity_src_nat.pdbx_end_seq_num           ? 
_entity_src_nat.common_name                'Hard clam' 
_entity_src_nat.pdbx_organism_scientific   'Meretrix lusoria' 
_entity_src_nat.pdbx_ncbi_taxonomy_id      74491 
_entity_src_nat.genus                      ? 
_entity_src_nat.species                    ? 
_entity_src_nat.strain                     ? 
_entity_src_nat.tissue                     ? 
_entity_src_nat.tissue_fraction            ? 
_entity_src_nat.pdbx_secretion             ? 
_entity_src_nat.pdbx_fragment              ? 
_entity_src_nat.pdbx_variant               ? 
_entity_src_nat.pdbx_cell_line             ? 
_entity_src_nat.pdbx_atcc                  ? 
_entity_src_nat.pdbx_cellular_location     ? 
_entity_src_nat.pdbx_organ                 ? 
_entity_src_nat.pdbx_organelle             ? 
_entity_src_nat.pdbx_cell                  ? 
_entity_src_nat.pdbx_plasmid_name          ? 
_entity_src_nat.pdbx_plasmid_details       ? 
_entity_src_nat.details                    ? 
# 
_pdbx_entity_branch.entity_id   2 
_pdbx_entity_branch.type        oligosaccharide 
# 
loop_
_pdbx_entity_branch_descriptor.ordinal 
_pdbx_entity_branch_descriptor.entity_id 
_pdbx_entity_branch_descriptor.descriptor 
_pdbx_entity_branch_descriptor.type 
_pdbx_entity_branch_descriptor.program 
_pdbx_entity_branch_descriptor.program_version 
1 2 'WURCS=2.0/2,4,3/[AZz22h_1-5_2*NCC/3=O][a2122h-1b_1-5_2*NCC/3=O]/1-2-2-2/a4-b1_b4-c1_c4-d1'   WURCS  PDB2Glycan 1.1.0 
2 2 '[][a-D-3-deoxy-GlcpNAc]{[(4+1)][b-D-GlcpNAc]{[(4+1)][b-D-GlcpNAc]{[(4+1)][b-D-GlcpNAc]{}}}}' LINUCS PDB-CARE   ?     
# 
loop_
_pdbx_entity_branch_link.link_id 
_pdbx_entity_branch_link.entity_id 
_pdbx_entity_branch_link.entity_branch_list_num_1 
_pdbx_entity_branch_link.comp_id_1 
_pdbx_entity_branch_link.atom_id_1 
_pdbx_entity_branch_link.leaving_atom_id_1 
_pdbx_entity_branch_link.entity_branch_list_num_2 
_pdbx_entity_branch_link.comp_id_2 
_pdbx_entity_branch_link.atom_id_2 
_pdbx_entity_branch_link.leaving_atom_id_2 
_pdbx_entity_branch_link.value_order 
_pdbx_entity_branch_link.details 
1 2 2 NAG C1 O1 1 4NN O4 HO4 sing ? 
2 2 3 NAG C1 O1 2 NAG O4 HO4 sing ? 
3 2 4 NAG C1 O1 3 NAG O4 HO4 sing ? 
# 
loop_
_chem_comp.id 
_chem_comp.type 
_chem_comp.mon_nstd_flag 
_chem_comp.name 
_chem_comp.pdbx_synonyms 
_chem_comp.formula 
_chem_comp.formula_weight 
4NN D-saccharide                 . 'N-[(5S,6R)-5-hydroxy-6-(hydroxymethyl)-2-oxo-5,6-dihydro-2H-pyran-3-yl]acetamide' ? 
'C8 H11 N O5'    201.177 
ALA 'L-peptide linking'          y ALANINE                                                                            ? 
'C3 H7 N O2'     89.093  
ARG 'L-peptide linking'          y ARGININE                                                                           ? 
'C6 H15 N4 O2 1' 175.209 
ASN 'L-peptide linking'          y ASPARAGINE                                                                         ? 
'C4 H8 N2 O3'    132.118 
ASP 'L-peptide linking'          y 'ASPARTIC ACID'                                                                    ? 
'C4 H7 N O4'     133.103 
CYS 'L-peptide linking'          y CYSTEINE                                                                           ? 
'C3 H7 N O2 S'   121.158 
GLN 'L-peptide linking'          y GLUTAMINE                                                                          ? 
'C5 H10 N2 O3'   146.144 
GLU 'L-peptide linking'          y 'GLUTAMIC ACID'                                                                    ? 
'C5 H9 N O4'     147.129 
GLY 'peptide linking'            y GLYCINE                                                                            ? 
'C2 H5 N O2'     75.067  
HIS 'L-peptide linking'          y HISTIDINE                                                                          ? 
'C6 H10 N3 O2 1' 156.162 
HOH non-polymer                  . WATER                                                                              ? 'H2 O' 
18.015  
ILE 'L-peptide linking'          y ISOLEUCINE                                                                         ? 
'C6 H13 N O2'    131.173 
LEU 'L-peptide linking'          y LEUCINE                                                                            ? 
'C6 H13 N O2'    131.173 
LYS 'L-peptide linking'          y LYSINE                                                                             ? 
'C6 H15 N2 O2 1' 147.195 
MET 'L-peptide linking'          y METHIONINE                                                                         ? 
'C5 H11 N O2 S'  149.211 
NAG 'D-saccharide, beta linking' . 2-acetamido-2-deoxy-beta-D-glucopyranose                                           
;N-acetyl-beta-D-glucosamine; 2-acetamido-2-deoxy-beta-D-glucose; 2-acetamido-2-deoxy-D-glucose; 2-acetamido-2-deoxy-glucose; N-ACETYL-D-GLUCOSAMINE
;
'C8 H15 N O6'    221.208 
PHE 'L-peptide linking'          y PHENYLALANINE                                                                      ? 
'C9 H11 N O2'    165.189 
PRO 'L-peptide linking'          y PROLINE                                                                            ? 
'C5 H9 N O2'     115.130 
SER 'L-peptide linking'          y SERINE                                                                             ? 
'C3 H7 N O3'     105.093 
THR 'L-peptide linking'          y THREONINE                                                                          ? 
'C4 H9 N O3'     119.119 
TRP 'L-peptide linking'          y TRYPTOPHAN                                                                         ? 
'C11 H12 N2 O2'  204.225 
TYR 'L-peptide linking'          y TYROSINE                                                                           ? 
'C9 H11 N O3'    181.189 
VAL 'L-peptide linking'          y VALINE                                                                             ? 
'C5 H11 N O2'    117.146 
# 
loop_
_pdbx_chem_comp_identifier.comp_id 
_pdbx_chem_comp_identifier.type 
_pdbx_chem_comp_identifier.program 
_pdbx_chem_comp_identifier.program_version 
_pdbx_chem_comp_identifier.identifier 
NAG 'CONDENSED IUPAC CARBOHYDRATE SYMBOL' GMML     1.0 DGlcpNAcb                      
NAG 'COMMON NAME'                         GMML     1.0 N-acetyl-b-D-glucopyranosamine 
NAG 'IUPAC CARBOHYDRATE SYMBOL'           PDB-CARE 1.0 b-D-GlcpNAc                    
NAG 'SNFG CARBOHYDRATE SYMBOL'            GMML     1.0 GlcNAc                         
# 
loop_
_pdbx_poly_seq_scheme.asym_id 
_pdbx_poly_seq_scheme.entity_id 
_pdbx_poly_seq_scheme.seq_id 
_pdbx_poly_seq_scheme.mon_id 
_pdbx_poly_seq_scheme.ndb_seq_num 
_pdbx_poly_seq_scheme.pdb_seq_num 
_pdbx_poly_seq_scheme.auth_seq_num 
_pdbx_poly_seq_scheme.pdb_mon_id 
_pdbx_poly_seq_scheme.auth_mon_id 
_pdbx_poly_seq_scheme.pdb_strand_id 
_pdbx_poly_seq_scheme.pdb_ins_code 
_pdbx_poly_seq_scheme.hetero 
A 1 1   PHE 1   1   1   PHE PHE A . n 
A 1 2   ALA 2   2   2   ALA ALA A . n 
A 1 3   GLY 3   3   3   GLY GLY A . n 
A 1 4   GLY 4   4   4   GLY GLY A . n 
A 1 5   THR 5   5   5   THR THR A . n 
A 1 6   VAL 6   6   6   VAL VAL A . n 
A 1 7   SER 7   7   7   SER SER A . n 
A 1 8   GLN 8   8   8   GLN GLN A . n 
A 1 9   ARG 9   9   9   ARG ARG A . n 
A 1 10  CYS 10  10  10  CYS CYS A . n 
A 1 11  LEU 11  11  11  LEU LEU A . n 
A 1 12  SER 12  12  12  SER SER A . n 
A 1 13  CYS 13  13  13  CYS CYS A . n 
A 1 14  ILE 14  14  14  ILE ILE A . n 
A 1 15  CYS 15  15  15  CYS CYS A . n 
A 1 16  LYS 16  16  16  LYS LYS A . n 
A 1 17  MET 17  17  17  MET MET A . n 
A 1 18  GLU 18  18  18  GLU GLU A . n 
A 1 19  SER 19  19  19  SER SER A . n 
A 1 20  GLY 20  20  20  GLY GLY A . n 
A 1 21  CYS 21  21  21  CYS CYS A . n 
A 1 22  ARG 22  22  22  ARG ARG A . n 
A 1 23  ASN 23  23  23  ASN ASN A . n 
A 1 24  VAL 24  24  24  VAL VAL A . n 
A 1 25  GLY 25  25  25  GLY GLY A . n 
A 1 26  CYS 26  26  26  CYS CYS A . n 
A 1 27  LYS 27  27  27  LYS LYS A . n 
A 1 28  MET 28  28  28  MET MET A . n 
A 1 29  ASP 29  29  29  ASP ASP A . n 
A 1 30  MET 30  30  30  MET MET A . n 
A 1 31  GLY 31  31  31  GLY GLY A . n 
A 1 32  SER 32  32  32  SER SER A . n 
A 1 33  LEU 33  33  33  LEU LEU A . n 
A 1 34  SER 34  34  34  SER SER A . n 
A 1 35  CYS 35  35  35  CYS CYS A . n 
A 1 36  GLY 36  36  36  GLY GLY A . n 
A 1 37  TYR 37  37  37  TYR TYR A . n 
A 1 38  PHE 38  38  38  PHE PHE A . n 
A 1 39  GLN 39  39  39  GLN GLN A . n 
A 1 40  ILE 40  40  40  ILE ILE A . n 
A 1 41  LYS 41  41  41  LYS LYS A . n 
A 1 42  GLU 42  42  42  GLU GLU A . n 
A 1 43  ALA 43  43  43  ALA ALA A . n 
A 1 44  TYR 44  44  44  TYR TYR A . n 
A 1 45  TRP 45  45  45  TRP TRP A . n 
A 1 46  ILE 46  46  46  ILE ILE A . n 
A 1 47  ASP 47  47  47  ASP ASP A . n 
A 1 48  CYS 48  48  48  CYS CYS A . n 
A 1 49  GLY 49  49  49  GLY GLY A . n 
A 1 50  ARG 50  50  50  ARG ARG A . n 
A 1 51  PRO 51  51  51  PRO PRO A . n 
A 1 52  GLY 52  52  52  GLY GLY A . n 
A 1 53  SER 53  53  53  SER SER A . n 
A 1 54  SER 54  54  54  SER SER A . n 
A 1 55  TRP 55  55  55  TRP TRP A . n 
A 1 56  LYS 56  56  56  LYS LYS A . n 
A 1 57  SER 57  57  57  SER SER A . n 
A 1 58  CYS 58  58  58  CYS CYS A . n 
A 1 59  ALA 59  59  59  ALA ALA A . n 
A 1 60  ALA 60  60  60  ALA ALA A . n 
A 1 61  SER 61  61  61  SER SER A . n 
A 1 62  SER 62  62  62  SER SER A . n 
A 1 63  TYR 63  63  63  TYR TYR A . n 
A 1 64  CYS 64  64  64  CYS CYS A . n 
A 1 65  ALA 65  65  65  ALA ALA A . n 
A 1 66  SER 66  66  66  SER SER A . n 
A 1 67  LEU 67  67  67  LEU LEU A . n 
A 1 68  CYS 68  68  68  CYS CYS A . n 
A 1 69  VAL 69  69  69  VAL VAL A . n 
A 1 70  GLN 70  70  70  GLN GLN A . n 
A 1 71  ASN 71  71  71  ASN ASN A . n 
A 1 72  TYR 72  72  72  TYR TYR A . n 
A 1 73  MET 73  73  73  MET MET A . n 
A 1 74  LYS 74  74  74  LYS LYS A . n 
A 1 75  ARG 75  75  75  ARG ARG A . n 
A 1 76  TYR 76  76  76  TYR TYR A . n 
A 1 77  ALA 77  77  77  ALA ALA A . n 
A 1 78  LYS 78  78  78  LYS LYS A . n 
A 1 79  TRP 79  79  79  TRP TRP A . n 
A 1 80  ALA 80  80  80  ALA ALA A . n 
A 1 81  GLY 81  81  81  GLY GLY A . n 
A 1 82  CYS 82  82  82  CYS CYS A . n 
A 1 83  PRO 83  83  83  PRO PRO A . n 
A 1 84  LEU 84  84  84  LEU LEU A . n 
A 1 85  ARG 85  85  85  ARG ARG A . n 
A 1 86  CYS 86  86  86  CYS CYS A . n 
A 1 87  GLU 87  87  87  GLU GLU A . n 
A 1 88  GLY 88  88  88  GLY GLY A . n 
A 1 89  PHE 89  89  89  PHE PHE A . n 
A 1 90  ALA 90  90  90  ALA ALA A . n 
A 1 91  ARG 91  91  91  ARG ARG A . n 
A 1 92  GLU 92  92  92  GLU GLU A . n 
A 1 93  HIS 93  93  93  HIS HIS A . n 
A 1 94  ASN 94  94  94  ASN ASN A . n 
A 1 95  GLY 95  95  95  GLY GLY A . n 
A 1 96  GLY 96  96  96  GLY GLY A . n 
A 1 97  PRO 97  97  97  PRO PRO A . n 
A 1 98  ARG 98  98  98  ARG ARG A . n 
A 1 99  GLY 99  99  99  GLY GLY A . n 
A 1 100 CYS 100 100 100 CYS CYS A . n 
A 1 101 LYS 101 101 101 LYS LYS A . n 
A 1 102 LYS 102 102 102 LYS LYS A . n 
A 1 103 GLY 103 103 103 GLY GLY A . n 
A 1 104 SER 104 104 104 SER SER A . n 
A 1 105 THR 105 105 105 THR THR A . n 
A 1 106 ILE 106 106 106 ILE ILE A . n 
A 1 107 GLY 107 107 107 GLY GLY A . n 
A 1 108 TYR 108 108 108 TYR TYR A . n 
A 1 109 TRP 109 109 109 TRP TRP A . n 
A 1 110 ASN 110 110 110 ASN ASN A . n 
A 1 111 ARG 111 111 111 ARG ARG A . n 
A 1 112 LEU 112 112 112 LEU LEU A . n 
A 1 113 GLN 113 113 113 GLN GLN A . n 
A 1 114 LYS 114 114 114 LYS LYS A . n 
A 1 115 ILE 115 115 115 ILE ILE A . n 
A 1 116 SER 116 116 116 SER SER A . n 
A 1 117 GLY 117 117 117 GLY GLY A . n 
A 1 118 CYS 118 118 118 CYS CYS A . n 
A 1 119 HIS 119 119 119 HIS HIS A . n 
A 1 120 GLY 120 120 120 GLY GLY A . n 
A 1 121 VAL 121 121 121 VAL VAL A . n 
A 1 122 GLN 122 122 122 GLN GLN A . n 
# 
loop_
_pdbx_branch_scheme.asym_id 
_pdbx_branch_scheme.entity_id 
_pdbx_branch_scheme.mon_id 
_pdbx_branch_scheme.num 
_pdbx_branch_scheme.pdb_asym_id 
_pdbx_branch_scheme.pdb_mon_id 
_pdbx_branch_scheme.pdb_seq_num 
_pdbx_branch_scheme.auth_asym_id 
_pdbx_branch_scheme.auth_mon_id 
_pdbx_branch_scheme.auth_seq_num 
_pdbx_branch_scheme.hetero 
B 2 4NN 1 B 4NN 1 C 4NN 4 n 
B 2 NAG 2 B NAG 2 C NAG 3 n 
B 2 NAG 3 B NAG 3 C NAG 2 n 
B 2 NAG 4 B NAG 4 C NAG 1 n 
# 
loop_
_pdbx_nonpoly_scheme.asym_id 
_pdbx_nonpoly_scheme.entity_id 
_pdbx_nonpoly_scheme.mon_id 
_pdbx_nonpoly_scheme.ndb_seq_num 
_pdbx_nonpoly_scheme.pdb_seq_num 
_pdbx_nonpoly_scheme.auth_seq_num 
_pdbx_nonpoly_scheme.pdb_mon_id 
_pdbx_nonpoly_scheme.auth_mon_id 
_pdbx_nonpoly_scheme.pdb_strand_id 
_pdbx_nonpoly_scheme.pdb_ins_code 
C 3 HOH 1   127 127 HOH TIP A . 
C 3 HOH 2   128 128 HOH TIP A . 
C 3 HOH 3   129 129 HOH TIP A . 
C 3 HOH 4   130 130 HOH TIP A . 
C 3 HOH 5   131 131 HOH TIP A . 
C 3 HOH 6   132 132 HOH TIP A . 
C 3 HOH 7   133 133 HOH TIP A . 
C 3 HOH 8   134 134 HOH TIP A . 
C 3 HOH 9   135 135 HOH TIP A . 
C 3 HOH 10  136 136 HOH TIP A . 
C 3 HOH 11  137 137 HOH TIP A . 
C 3 HOH 12  138 138 HOH TIP A . 
C 3 HOH 13  139 139 HOH TIP A . 
C 3 HOH 14  140 140 HOH TIP A . 
C 3 HOH 15  141 141 HOH TIP A . 
C 3 HOH 16  142 142 HOH TIP A . 
C 3 HOH 17  143 143 HOH TIP A . 
C 3 HOH 18  144 144 HOH TIP A . 
C 3 HOH 19  145 145 HOH TIP A . 
C 3 HOH 20  146 146 HOH TIP A . 
C 3 HOH 21  147 147 HOH TIP A . 
C 3 HOH 22  148 148 HOH TIP A . 
C 3 HOH 23  149 1   HOH TIP A . 
C 3 HOH 24  150 2   HOH TIP A . 
C 3 HOH 25  151 3   HOH TIP A . 
C 3 HOH 26  152 4   HOH TIP A . 
C 3 HOH 27  153 5   HOH TIP A . 
C 3 HOH 28  154 6   HOH TIP A . 
C 3 HOH 29  155 7   HOH TIP A . 
C 3 HOH 30  156 8   HOH TIP A . 
C 3 HOH 31  157 9   HOH TIP A . 
C 3 HOH 32  158 10  HOH TIP A . 
C 3 HOH 33  159 11  HOH TIP A . 
C 3 HOH 34  160 12  HOH TIP A . 
C 3 HOH 35  161 13  HOH TIP A . 
C 3 HOH 36  162 14  HOH TIP A . 
C 3 HOH 37  163 15  HOH TIP A . 
C 3 HOH 38  164 16  HOH TIP A . 
C 3 HOH 39  165 17  HOH TIP A . 
C 3 HOH 40  166 18  HOH TIP A . 
C 3 HOH 41  167 19  HOH TIP A . 
C 3 HOH 42  168 20  HOH TIP A . 
C 3 HOH 43  169 21  HOH TIP A . 
C 3 HOH 44  170 22  HOH TIP A . 
C 3 HOH 45  171 23  HOH TIP A . 
C 3 HOH 46  172 24  HOH TIP A . 
C 3 HOH 47  173 25  HOH TIP A . 
C 3 HOH 48  174 26  HOH TIP A . 
C 3 HOH 49  175 27  HOH TIP A . 
C 3 HOH 50  176 28  HOH TIP A . 
C 3 HOH 51  177 29  HOH TIP A . 
C 3 HOH 52  178 30  HOH TIP A . 
C 3 HOH 53  179 31  HOH TIP A . 
C 3 HOH 54  180 32  HOH TIP A . 
C 3 HOH 55  181 33  HOH TIP A . 
C 3 HOH 56  182 34  HOH TIP A . 
C 3 HOH 57  183 35  HOH TIP A . 
C 3 HOH 58  184 36  HOH TIP A . 
C 3 HOH 59  185 37  HOH TIP A . 
C 3 HOH 60  186 38  HOH TIP A . 
C 3 HOH 61  187 39  HOH TIP A . 
C 3 HOH 62  188 40  HOH TIP A . 
C 3 HOH 63  189 41  HOH TIP A . 
C 3 HOH 64  190 42  HOH TIP A . 
C 3 HOH 65  191 43  HOH TIP A . 
C 3 HOH 66  192 44  HOH TIP A . 
C 3 HOH 67  193 45  HOH TIP A . 
C 3 HOH 68  194 46  HOH TIP A . 
C 3 HOH 69  195 47  HOH TIP A . 
C 3 HOH 70  196 48  HOH TIP A . 
C 3 HOH 71  197 49  HOH TIP A . 
C 3 HOH 72  198 50  HOH TIP A . 
C 3 HOH 73  199 51  HOH TIP A . 
C 3 HOH 74  200 52  HOH TIP A . 
C 3 HOH 75  201 53  HOH TIP A . 
C 3 HOH 76  202 54  HOH TIP A . 
C 3 HOH 77  203 55  HOH TIP A . 
C 3 HOH 78  204 56  HOH TIP A . 
C 3 HOH 79  205 57  HOH TIP A . 
C 3 HOH 80  206 58  HOH TIP A . 
C 3 HOH 81  207 59  HOH TIP A . 
C 3 HOH 82  208 60  HOH TIP A . 
C 3 HOH 83  209 61  HOH TIP A . 
C 3 HOH 84  210 62  HOH TIP A . 
C 3 HOH 85  211 63  HOH TIP A . 
C 3 HOH 86  212 64  HOH TIP A . 
C 3 HOH 87  213 65  HOH TIP A . 
C 3 HOH 88  214 66  HOH TIP A . 
C 3 HOH 89  215 67  HOH TIP A . 
C 3 HOH 90  216 68  HOH TIP A . 
C 3 HOH 91  217 69  HOH TIP A . 
C 3 HOH 92  218 70  HOH TIP A . 
C 3 HOH 93  219 71  HOH TIP A . 
C 3 HOH 94  220 72  HOH TIP A . 
C 3 HOH 95  221 73  HOH TIP A . 
C 3 HOH 96  222 74  HOH TIP A . 
C 3 HOH 97  223 75  HOH TIP A . 
C 3 HOH 98  224 76  HOH TIP A . 
C 3 HOH 99  225 77  HOH TIP A . 
C 3 HOH 100 226 78  HOH TIP A . 
C 3 HOH 101 227 79  HOH TIP A . 
C 3 HOH 102 228 80  HOH TIP A . 
C 3 HOH 103 229 81  HOH TIP A . 
C 3 HOH 104 230 82  HOH TIP A . 
C 3 HOH 105 231 83  HOH TIP A . 
C 3 HOH 106 232 84  HOH TIP A . 
C 3 HOH 107 233 85  HOH TIP A . 
C 3 HOH 108 234 86  HOH TIP A . 
C 3 HOH 109 235 87  HOH TIP A . 
C 3 HOH 110 236 88  HOH TIP A . 
C 3 HOH 111 237 89  HOH TIP A . 
C 3 HOH 112 238 90  HOH TIP A . 
C 3 HOH 113 239 91  HOH TIP A . 
C 3 HOH 114 240 92  HOH TIP A . 
C 3 HOH 115 241 93  HOH TIP A . 
C 3 HOH 116 242 94  HOH TIP A . 
C 3 HOH 117 243 95  HOH TIP A . 
C 3 HOH 118 244 96  HOH TIP A . 
C 3 HOH 119 245 97  HOH TIP A . 
C 3 HOH 120 246 98  HOH TIP A . 
C 3 HOH 121 247 99  HOH TIP A . 
C 3 HOH 122 248 100 HOH TIP A . 
C 3 HOH 123 249 101 HOH TIP A . 
C 3 HOH 124 250 102 HOH TIP A . 
C 3 HOH 125 251 103 HOH TIP A . 
C 3 HOH 126 252 104 HOH TIP A . 
C 3 HOH 127 253 105 HOH TIP A . 
C 3 HOH 128 254 106 HOH TIP A . 
C 3 HOH 129 255 107 HOH TIP A . 
C 3 HOH 130 256 108 HOH TIP A . 
C 3 HOH 131 257 109 HOH TIP A . 
C 3 HOH 132 258 110 HOH TIP A . 
C 3 HOH 133 259 111 HOH TIP A . 
C 3 HOH 134 260 112 HOH TIP A . 
C 3 HOH 135 261 113 HOH TIP A . 
C 3 HOH 136 262 114 HOH TIP A . 
C 3 HOH 137 263 115 HOH TIP A . 
C 3 HOH 138 264 116 HOH TIP A . 
C 3 HOH 139 265 117 HOH TIP A . 
C 3 HOH 140 266 118 HOH TIP A . 
C 3 HOH 141 267 119 HOH TIP A . 
C 3 HOH 142 268 120 HOH TIP A . 
C 3 HOH 143 269 121 HOH TIP A . 
C 3 HOH 144 270 122 HOH TIP A . 
C 3 HOH 145 271 123 HOH TIP A . 
C 3 HOH 146 272 124 HOH TIP A . 
C 3 HOH 147 273 125 HOH TIP A . 
C 3 HOH 148 274 126 HOH TIP A . 
# 
loop_
_software.name 
_software.classification 
_software.version 
_software.citation_id 
_software.pdbx_ordinal 
HKL-2000 'data collection' .   ? 1 
MOLREP   phasing           .   ? 2 
CNS      refinement        1.1 ? 3 
HKL-2000 'data reduction'  .   ? 4 
HKL-2000 'data scaling'    .   ? 5 
# 
_cell.entry_id           3AYQ 
_cell.length_a           42.123 
_cell.length_b           42.123 
_cell.length_c           122.856 
_cell.angle_alpha        90.00 
_cell.angle_beta         90.00 
_cell.angle_gamma        90.00 
_cell.Z_PDB              8 
_cell.pdbx_unique_axis   ? 
_cell.length_a_esd       ? 
_cell.length_b_esd       ? 
_cell.length_c_esd       ? 
_cell.angle_alpha_esd    ? 
_cell.angle_beta_esd     ? 
_cell.angle_gamma_esd    ? 
# 
_symmetry.entry_id                         3AYQ 
_symmetry.space_group_name_H-M             'P 43 21 2' 
_symmetry.pdbx_full_space_group_name_H-M   ? 
_symmetry.cell_setting                     ? 
_symmetry.Int_Tables_number                96 
_symmetry.space_group_name_Hall            ? 
# 
_exptl.entry_id          3AYQ 
_exptl.method            'X-RAY DIFFRACTION' 
_exptl.crystals_number   1 
# 
_exptl_crystal.id                    1 
_exptl_crystal.density_meas          ? 
_exptl_crystal.density_Matthews      2.04 
_exptl_crystal.density_percent_sol   39.58 
_exptl_crystal.description           ? 
_exptl_crystal.F_000                 ? 
_exptl_crystal.preparation           ? 
# 
_exptl_crystal_grow.crystal_id      1 
_exptl_crystal_grow.method          'VAPOR DIFFUSION, SITTING DROP' 
_exptl_crystal_grow.temp            293 
_exptl_crystal_grow.temp_details    ? 
_exptl_crystal_grow.pH              5.5 
_exptl_crystal_grow.pdbx_details    
'35% 2-propanol, 0.1M Citrate buffer (pH5.5), 5% PEG 1000, VAPOR DIFFUSION, SITTING DROP, temperature 293K' 
_exptl_crystal_grow.pdbx_pH_range   . 
# 
_diffrn.id                     1 
_diffrn.ambient_temp           100 
_diffrn.ambient_temp_details   ? 
_diffrn.crystal_id             1 
# 
_diffrn_detector.diffrn_id              1 
_diffrn_detector.detector               CCD 
_diffrn_detector.type                   'ADSC QUANTUM 315' 
_diffrn_detector.pdbx_collection_date   2010-02-04 
_diffrn_detector.details                ? 
# 
_diffrn_radiation.diffrn_id                        1 
_diffrn_radiation.wavelength_id                    1 
_diffrn_radiation.pdbx_monochromatic_or_laue_m_l   M 
_diffrn_radiation.monochromator                    ? 
_diffrn_radiation.pdbx_diffrn_protocol             'SINGLE WAVELENGTH' 
_diffrn_radiation.pdbx_scattering_type             x-ray 
# 
_diffrn_radiation_wavelength.id           1 
_diffrn_radiation_wavelength.wavelength   1.0 
_diffrn_radiation_wavelength.wt           1.0 
# 
_diffrn_source.diffrn_id                   1 
_diffrn_source.source                      SYNCHROTRON 
_diffrn_source.type                        'PHOTON FACTORY BEAMLINE AR-NE3A' 
_diffrn_source.pdbx_synchrotron_site       'Photon Factory' 
_diffrn_source.pdbx_synchrotron_beamline   AR-NE3A 
_diffrn_source.pdbx_wavelength             ? 
_diffrn_source.pdbx_wavelength_list        1.0 
# 
_reflns.entry_id                     3AYQ 
_reflns.observed_criterion_sigma_I   ? 
_reflns.observed_criterion_sigma_F   ? 
_reflns.d_resolution_low             50 
_reflns.d_resolution_high            1.77 
_reflns.number_obs                   11424 
_reflns.number_all                   ? 
_reflns.percent_possible_obs         ? 
_reflns.pdbx_Rmerge_I_obs            ? 
_reflns.pdbx_Rsym_value              ? 
_reflns.pdbx_netI_over_sigmaI        ? 
_reflns.B_iso_Wilson_estimate        12.5 
_reflns.pdbx_redundancy              ? 
_reflns.R_free_details               ? 
_reflns.limit_h_max                  ? 
_reflns.limit_h_min                  ? 
_reflns.limit_k_max                  ? 
_reflns.limit_k_min                  ? 
_reflns.limit_l_max                  ? 
_reflns.limit_l_min                  ? 
_reflns.observed_criterion_F_max     ? 
_reflns.observed_criterion_F_min     ? 
_reflns.pdbx_chi_squared             ? 
_reflns.pdbx_scaling_rejects         ? 
_reflns.pdbx_ordinal                 1 
_reflns.pdbx_diffrn_id               1 
# 
_refine.entry_id                                 3AYQ 
_refine.ls_number_reflns_obs                     10809 
_refine.ls_number_reflns_all                     ? 
_refine.pdbx_ls_sigma_I                          ? 
_refine.pdbx_ls_sigma_F                          ? 
_refine.pdbx_data_cutoff_high_absF               ? 
_refine.pdbx_data_cutoff_low_absF                ? 
_refine.pdbx_data_cutoff_high_rms_absF           ? 
_refine.ls_d_res_low                             24.09 
_refine.ls_d_res_high                            1.77 
_refine.ls_percent_reflns_obs                    ? 
_refine.ls_R_factor_obs                          ? 
_refine.ls_R_factor_all                          ? 
_refine.ls_R_factor_R_work                       0.228 
_refine.ls_R_factor_R_free                       0.231 
_refine.ls_R_factor_R_free_error                 ? 
_refine.ls_R_factor_R_free_error_details         ? 
_refine.ls_percent_reflns_R_free                 ? 
_refine.ls_number_reflns_R_free                  ? 
_refine.ls_number_parameters                     ? 
_refine.ls_number_restraints                     ? 
_refine.occupancy_min                            ? 
_refine.occupancy_max                            ? 
_refine.correlation_coeff_Fo_to_Fc               ? 
_refine.correlation_coeff_Fo_to_Fc_free          ? 
_refine.B_iso_mean                               13.3891 
_refine.solvent_model_param_bsol                 52.2220 
_refine.aniso_B[1][1]                            -0.0890 
_refine.aniso_B[2][2]                            -0.0890 
_refine.aniso_B[3][3]                            0.1780 
_refine.aniso_B[1][2]                            0.0000 
_refine.aniso_B[1][3]                            0.0000 
_refine.aniso_B[2][3]                            0.0000 
_refine.solvent_model_details                    ? 
_refine.solvent_model_param_ksol                 ? 
_refine.pdbx_solvent_vdw_probe_radii             ? 
_refine.pdbx_solvent_ion_probe_radii             ? 
_refine.pdbx_solvent_shrinkage_radii             ? 
_refine.pdbx_ls_cross_valid_method               ? 
_refine.details                                  ? 
_refine.pdbx_starting_model                      'PDB ENTRY 3AB6' 
_refine.pdbx_method_to_determine_struct          'MOLECULAR REPLACEMENT' 
_refine.pdbx_isotropic_thermal_model             ? 
_refine.pdbx_stereochemistry_target_values       ? 
_refine.pdbx_stereochem_target_val_spec_case     ? 
_refine.pdbx_R_Free_selection_details            ? 
_refine.pdbx_overall_ESU_R_Free                  ? 
_refine.overall_SU_ML                            ? 
_refine.pdbx_overall_phase_error                 ? 
_refine.overall_SU_B                             ? 
_refine.overall_SU_R_Cruickshank_DPI             ? 
_refine.ls_redundancy_reflns_obs                 ? 
_refine.B_iso_min                                ? 
_refine.B_iso_max                                ? 
_refine.overall_SU_R_free                        ? 
_refine.ls_wR_factor_R_free                      ? 
_refine.ls_wR_factor_R_work                      ? 
_refine.overall_FOM_free_R_set                   ? 
_refine.overall_FOM_work_R_set                   ? 
_refine.pdbx_diffrn_id                           1 
_refine.pdbx_refine_id                           'X-RAY DIFFRACTION' 
_refine.pdbx_overall_ESU_R                       ? 
_refine.pdbx_TLS_residual_ADP_flag               ? 
_refine.pdbx_overall_SU_R_free_Cruickshank_DPI   ? 
_refine.pdbx_overall_SU_R_Blow_DPI               ? 
_refine.pdbx_overall_SU_R_free_Blow_DPI          ? 
# 
_refine_hist.pdbx_refine_id                   'X-RAY DIFFRACTION' 
_refine_hist.cycle_id                         LAST 
_refine_hist.pdbx_number_atoms_protein        925 
_refine_hist.pdbx_number_atoms_nucleic_acid   0 
_refine_hist.pdbx_number_atoms_ligand         56 
_refine_hist.number_atoms_solvent             148 
_refine_hist.number_atoms_total               1129 
_refine_hist.d_res_high                       1.77 
_refine_hist.d_res_low                        24.09 
# 
loop_
_refine_ls_restr.pdbx_refine_id 
_refine_ls_restr.type 
_refine_ls_restr.number 
_refine_ls_restr.dev_ideal 
_refine_ls_restr.dev_ideal_target 
_refine_ls_restr.weight 
_refine_ls_restr.pdbx_restraint_function 
'X-RAY DIFFRACTION' c_bond_d  ? 0.004 ? ? ? 
'X-RAY DIFFRACTION' c_angle_d ? 1.299 ? ? ? 
# 
loop_
_pdbx_xplor_file.pdbx_refine_id 
_pdbx_xplor_file.serial_no 
_pdbx_xplor_file.param_file 
_pdbx_xplor_file.topol_file 
'X-RAY DIFFRACTION' 1 protein_rep.param ? 
'X-RAY DIFFRACTION' 2 water_rep.param   ? 
'X-RAY DIFFRACTION' 3 ion.param         ? 
# 
_struct.entry_id                  3AYQ 
_struct.title                     'Crystal structure of inhibitor bound lysozyme from Meretrix lusoria' 
_struct.pdbx_model_details        ? 
_struct.pdbx_CASP_flag            ? 
_struct.pdbx_model_type_details   ? 
# 
_struct_keywords.entry_id        3AYQ 
_struct_keywords.pdbx_keywords   'HYDROLASE/HYDROLASE INHIBITOR' 
_struct_keywords.text            'I-type lysozyme, Inhibitor, HYDROLASE-HYDROLASE INHIBITOR complex' 
# 
loop_
_struct_asym.id 
_struct_asym.pdbx_blank_PDB_chainid_flag 
_struct_asym.pdbx_modified 
_struct_asym.entity_id 
_struct_asym.details 
A N N 1 ? 
B N N 2 ? 
C N N 3 ? 
# 
_struct_ref.id                         1 
_struct_ref.db_name                    UNP 
_struct_ref.db_code                    LYS_MERLU 
_struct_ref.pdbx_db_accession          P86383 
_struct_ref.entity_id                  1 
_struct_ref.pdbx_seq_one_letter_code   
;FAGGIVSQRCLSCICKMESGCRNVGCKMDMGSLSCGYFQIKEAYWIDCGRPGSSWKSCAASSYCASLCVQNYMKRYAKWA
GCPLRCEGFAREHNGGPRGCKKGSTIGYWNRLQKISGCHGVQ
;
_struct_ref.pdbx_align_begin           1 
_struct_ref.pdbx_db_isoform            ? 
# 
_struct_ref_seq.align_id                      1 
_struct_ref_seq.ref_id                        1 
_struct_ref_seq.pdbx_PDB_id_code              3AYQ 
_struct_ref_seq.pdbx_strand_id                A 
_struct_ref_seq.seq_align_beg                 1 
_struct_ref_seq.pdbx_seq_align_beg_ins_code   ? 
_struct_ref_seq.seq_align_end                 122 
_struct_ref_seq.pdbx_seq_align_end_ins_code   ? 
_struct_ref_seq.pdbx_db_accession             P86383 
_struct_ref_seq.db_align_beg                  1 
_struct_ref_seq.pdbx_db_align_beg_ins_code    ? 
_struct_ref_seq.db_align_end                  122 
_struct_ref_seq.pdbx_db_align_end_ins_code    ? 
_struct_ref_seq.pdbx_auth_seq_align_beg       1 
_struct_ref_seq.pdbx_auth_seq_align_end       122 
# 
_struct_ref_seq_dif.align_id                     1 
_struct_ref_seq_dif.pdbx_pdb_id_code             3AYQ 
_struct_ref_seq_dif.mon_id                       THR 
_struct_ref_seq_dif.pdbx_pdb_strand_id           A 
_struct_ref_seq_dif.seq_num                      5 
_struct_ref_seq_dif.pdbx_pdb_ins_code            ? 
_struct_ref_seq_dif.pdbx_seq_db_name             UNP 
_struct_ref_seq_dif.pdbx_seq_db_accession_code   P86383 
_struct_ref_seq_dif.db_mon_id                    ILE 
_struct_ref_seq_dif.pdbx_seq_db_seq_num          5 
_struct_ref_seq_dif.details                      'SEE REMARK 999' 
_struct_ref_seq_dif.pdbx_auth_seq_num            5 
_struct_ref_seq_dif.pdbx_ordinal                 1 
# 
_pdbx_struct_assembly.id                   1 
_pdbx_struct_assembly.details              author_and_software_defined_assembly 
_pdbx_struct_assembly.method_details       PISA 
_pdbx_struct_assembly.oligomeric_details   monomeric 
_pdbx_struct_assembly.oligomeric_count     1 
# 
_pdbx_struct_assembly_gen.assembly_id       1 
_pdbx_struct_assembly_gen.oper_expression   1 
_pdbx_struct_assembly_gen.asym_id_list      A,B,C 
# 
_pdbx_struct_oper_list.id                   1 
_pdbx_struct_oper_list.type                 'identity operation' 
_pdbx_struct_oper_list.name                 1_555 
_pdbx_struct_oper_list.symmetry_operation   x,y,z 
_pdbx_struct_oper_list.matrix[1][1]         1.0000000000 
_pdbx_struct_oper_list.matrix[1][2]         0.0000000000 
_pdbx_struct_oper_list.matrix[1][3]         0.0000000000 
_pdbx_struct_oper_list.vector[1]            0.0000000000 
_pdbx_struct_oper_list.matrix[2][1]         0.0000000000 
_pdbx_struct_oper_list.matrix[2][2]         1.0000000000 
_pdbx_struct_oper_list.matrix[2][3]         0.0000000000 
_pdbx_struct_oper_list.vector[2]            0.0000000000 
_pdbx_struct_oper_list.matrix[3][1]         0.0000000000 
_pdbx_struct_oper_list.matrix[3][2]         0.0000000000 
_pdbx_struct_oper_list.matrix[3][3]         1.0000000000 
_pdbx_struct_oper_list.vector[3]            0.0000000000 
# 
_struct_biol.id        1 
_struct_biol.details   ? 
# 
loop_
_struct_conf.conf_type_id 
_struct_conf.id 
_struct_conf.pdbx_PDB_helix_id 
_struct_conf.beg_label_comp_id 
_struct_conf.beg_label_asym_id 
_struct_conf.beg_label_seq_id 
_struct_conf.pdbx_beg_PDB_ins_code 
_struct_conf.end_label_comp_id 
_struct_conf.end_label_asym_id 
_struct_conf.end_label_seq_id 
_struct_conf.pdbx_end_PDB_ins_code 
_struct_conf.beg_auth_comp_id 
_struct_conf.beg_auth_asym_id 
_struct_conf.beg_auth_seq_id 
_struct_conf.end_auth_comp_id 
_struct_conf.end_auth_asym_id 
_struct_conf.end_auth_seq_id 
_struct_conf.pdbx_PDB_helix_class 
_struct_conf.details 
_struct_conf.pdbx_PDB_helix_length 
HELX_P HELX_P1 1 SER A 7   ? GLY A 20  ? SER A 7   GLY A 20  1 ? 14 
HELX_P HELX_P2 2 GLU A 42  ? CYS A 48  ? GLU A 42  CYS A 48  1 ? 7  
HELX_P HELX_P3 3 SER A 54  ? ALA A 60  ? SER A 54  ALA A 60  1 ? 7  
HELX_P HELX_P4 4 SER A 61  ? GLY A 81  ? SER A 61  GLY A 81  1 ? 21 
HELX_P HELX_P5 5 ARG A 85  ? GLY A 96  ? ARG A 85  GLY A 96  1 ? 12 
HELX_P HELX_P6 6 ARG A 98  ? LYS A 102 ? ARG A 98  LYS A 102 5 ? 5  
HELX_P HELX_P7 7 GLY A 103 ? GLN A 113 ? GLY A 103 GLN A 113 1 ? 11 
# 
_struct_conf_type.id          HELX_P 
_struct_conf_type.criteria    ? 
_struct_conf_type.reference   ? 
# 
loop_
_struct_conn.id 
_struct_conn.conn_type_id 
_struct_conn.pdbx_leaving_atom_flag 
_struct_conn.pdbx_PDB_id 
_struct_conn.ptnr1_label_asym_id 
_struct_conn.ptnr1_label_comp_id 
_struct_conn.ptnr1_label_seq_id 
_struct_conn.ptnr1_label_atom_id 
_struct_conn.pdbx_ptnr1_label_alt_id 
_struct_conn.pdbx_ptnr1_PDB_ins_code 
_struct_conn.pdbx_ptnr1_standard_comp_id 
_struct_conn.ptnr1_symmetry 
_struct_conn.ptnr2_label_asym_id 
_struct_conn.ptnr2_label_comp_id 
_struct_conn.ptnr2_label_seq_id 
_struct_conn.ptnr2_label_atom_id 
_struct_conn.pdbx_ptnr2_label_alt_id 
_struct_conn.pdbx_ptnr2_PDB_ins_code 
_struct_conn.ptnr1_auth_asym_id 
_struct_conn.ptnr1_auth_comp_id 
_struct_conn.ptnr1_auth_seq_id 
_struct_conn.ptnr2_auth_asym_id 
_struct_conn.ptnr2_auth_comp_id 
_struct_conn.ptnr2_auth_seq_id 
_struct_conn.ptnr2_symmetry 
_struct_conn.pdbx_ptnr3_label_atom_id 
_struct_conn.pdbx_ptnr3_label_seq_id 
_struct_conn.pdbx_ptnr3_label_comp_id 
_struct_conn.pdbx_ptnr3_label_asym_id 
_struct_conn.pdbx_ptnr3_label_alt_id 
_struct_conn.pdbx_ptnr3_PDB_ins_code 
_struct_conn.details 
_struct_conn.pdbx_dist_value 
_struct_conn.pdbx_value_order 
_struct_conn.pdbx_role 
disulf1 disulf ?    ? A CYS 10 SG ? ? ? 1_555 A CYS 86  SG ? ? A CYS 10 A CYS 86  1_555 ? ? ? ? ? ? ? 2.028 ? ? 
disulf2 disulf ?    ? A CYS 13 SG ? ? ? 1_555 A CYS 118 SG ? ? A CYS 13 A CYS 118 1_555 ? ? ? ? ? ? ? 2.028 ? ? 
disulf3 disulf ?    ? A CYS 15 SG ? ? ? 1_555 A CYS 21  SG ? ? A CYS 15 A CYS 21  1_555 ? ? ? ? ? ? ? 2.033 ? ? 
disulf4 disulf ?    ? A CYS 26 SG ? ? ? 1_555 A CYS 35  SG ? ? A CYS 26 A CYS 35  1_555 ? ? ? ? ? ? ? 2.028 ? ? 
disulf5 disulf ?    ? A CYS 48 SG ? ? ? 1_555 A CYS 68  SG ? ? A CYS 48 A CYS 68  1_555 ? ? ? ? ? ? ? 2.031 ? ? 
disulf6 disulf ?    ? A CYS 58 SG ? ? ? 1_555 A CYS 64  SG ? ? A CYS 58 A CYS 64  1_555 ? ? ? ? ? ? ? 2.036 ? ? 
disulf7 disulf ?    ? A CYS 82 SG ? ? ? 1_555 A CYS 100 SG ? ? A CYS 82 A CYS 100 1_555 ? ? ? ? ? ? ? 2.025 ? ? 
covale1 covale one  ? B 4NN .  O4 ? ? ? 1_555 B NAG .   C1 ? ? B 4NN 1  B NAG 2   1_555 ? ? ? ? ? ? ? 1.397 ? ? 
covale2 covale both ? B NAG .  O4 ? ? ? 1_555 B NAG .   C1 ? ? B NAG 2  B NAG 3   1_555 ? ? ? ? ? ? ? 1.411 ? ? 
covale3 covale both ? B NAG .  O4 ? ? ? 1_555 B NAG .   C1 ? ? B NAG 3  B NAG 4   1_555 ? ? ? ? ? ? ? 1.383 ? ? 
# 
loop_
_struct_conn_type.id 
_struct_conn_type.criteria 
_struct_conn_type.reference 
disulf ? ? 
covale ? ? 
# 
loop_
_pdbx_modification_feature.ordinal 
_pdbx_modification_feature.label_comp_id 
_pdbx_modification_feature.label_asym_id 
_pdbx_modification_feature.label_seq_id 
_pdbx_modification_feature.label_alt_id 
_pdbx_modification_feature.modified_residue_label_comp_id 
_pdbx_modification_feature.modified_residue_label_asym_id 
_pdbx_modification_feature.modified_residue_label_seq_id 
_pdbx_modification_feature.modified_residue_label_alt_id 
_pdbx_modification_feature.auth_comp_id 
_pdbx_modification_feature.auth_asym_id 
_pdbx_modification_feature.auth_seq_id 
_pdbx_modification_feature.PDB_ins_code 
_pdbx_modification_feature.symmetry 
_pdbx_modification_feature.modified_residue_auth_comp_id 
_pdbx_modification_feature.modified_residue_auth_asym_id 
_pdbx_modification_feature.modified_residue_auth_seq_id 
_pdbx_modification_feature.modified_residue_PDB_ins_code 
_pdbx_modification_feature.modified_residue_symmetry 
_pdbx_modification_feature.comp_id_linking_atom 
_pdbx_modification_feature.modified_residue_id_linking_atom 
_pdbx_modification_feature.modified_residue_id 
_pdbx_modification_feature.ref_pcm_id 
_pdbx_modification_feature.ref_comp_id 
_pdbx_modification_feature.type 
_pdbx_modification_feature.category 
1 CYS A 10 ? CYS A 86  ? CYS A 10 ? 1_555 CYS A 86  ? 1_555 SG SG . . . None 'Disulfide bridge' 
2 CYS A 13 ? CYS A 118 ? CYS A 13 ? 1_555 CYS A 118 ? 1_555 SG SG . . . None 'Disulfide bridge' 
3 CYS A 15 ? CYS A 21  ? CYS A 15 ? 1_555 CYS A 21  ? 1_555 SG SG . . . None 'Disulfide bridge' 
4 CYS A 26 ? CYS A 35  ? CYS A 26 ? 1_555 CYS A 35  ? 1_555 SG SG . . . None 'Disulfide bridge' 
5 CYS A 48 ? CYS A 68  ? CYS A 48 ? 1_555 CYS A 68  ? 1_555 SG SG . . . None 'Disulfide bridge' 
6 CYS A 58 ? CYS A 64  ? CYS A 58 ? 1_555 CYS A 64  ? 1_555 SG SG . . . None 'Disulfide bridge' 
7 CYS A 82 ? CYS A 100 ? CYS A 82 ? 1_555 CYS A 100 ? 1_555 SG SG . . . None 'Disulfide bridge' 
# 
_struct_sheet.id               A 
_struct_sheet.type             ? 
_struct_sheet.number_strands   3 
_struct_sheet.details          ? 
# 
loop_
_struct_sheet_order.sheet_id 
_struct_sheet_order.range_id_1 
_struct_sheet_order.range_id_2 
_struct_sheet_order.offset 
_struct_sheet_order.sense 
A 1 2 ? anti-parallel 
A 2 3 ? anti-parallel 
# 
loop_
_struct_sheet_range.sheet_id 
_struct_sheet_range.id 
_struct_sheet_range.beg_label_comp_id 
_struct_sheet_range.beg_label_asym_id 
_struct_sheet_range.beg_label_seq_id 
_struct_sheet_range.pdbx_beg_PDB_ins_code 
_struct_sheet_range.end_label_comp_id 
_struct_sheet_range.end_label_asym_id 
_struct_sheet_range.end_label_seq_id 
_struct_sheet_range.pdbx_end_PDB_ins_code 
_struct_sheet_range.beg_auth_comp_id 
_struct_sheet_range.beg_auth_asym_id 
_struct_sheet_range.beg_auth_seq_id 
_struct_sheet_range.end_auth_comp_id 
_struct_sheet_range.end_auth_asym_id 
_struct_sheet_range.end_auth_seq_id 
A 1 CYS A 26 ? ASP A 29 ? CYS A 26 ASP A 29 
A 2 SER A 32 ? CYS A 35 ? SER A 32 CYS A 35 
A 3 ILE A 40 ? LYS A 41 ? ILE A 40 LYS A 41 
# 
loop_
_pdbx_struct_sheet_hbond.sheet_id 
_pdbx_struct_sheet_hbond.range_id_1 
_pdbx_struct_sheet_hbond.range_id_2 
_pdbx_struct_sheet_hbond.range_1_label_atom_id 
_pdbx_struct_sheet_hbond.range_1_label_comp_id 
_pdbx_struct_sheet_hbond.range_1_label_asym_id 
_pdbx_struct_sheet_hbond.range_1_label_seq_id 
_pdbx_struct_sheet_hbond.range_1_PDB_ins_code 
_pdbx_struct_sheet_hbond.range_1_auth_atom_id 
_pdbx_struct_sheet_hbond.range_1_auth_comp_id 
_pdbx_struct_sheet_hbond.range_1_auth_asym_id 
_pdbx_struct_sheet_hbond.range_1_auth_seq_id 
_pdbx_struct_sheet_hbond.range_2_label_atom_id 
_pdbx_struct_sheet_hbond.range_2_label_comp_id 
_pdbx_struct_sheet_hbond.range_2_label_asym_id 
_pdbx_struct_sheet_hbond.range_2_label_seq_id 
_pdbx_struct_sheet_hbond.range_2_PDB_ins_code 
_pdbx_struct_sheet_hbond.range_2_auth_atom_id 
_pdbx_struct_sheet_hbond.range_2_auth_comp_id 
_pdbx_struct_sheet_hbond.range_2_auth_asym_id 
_pdbx_struct_sheet_hbond.range_2_auth_seq_id 
A 1 2 N LYS A 27 ? N LYS A 27 O SER A 34 ? O SER A 34 
A 2 3 N CYS A 35 ? N CYS A 35 O ILE A 40 ? O ILE A 40 
# 
_pdbx_entry_details.entry_id                   3AYQ 
_pdbx_entry_details.nonpolymer_details         
;THE INHIBITOR (2,3-DIDEOXY-N,N',N'',N'''-TETRAACETYLCHITOTETRAOSE-1,5-LACTONE) IS COMPOSED OF SUGAR RESIDUES NAG 123, NAG 124, NAG 125, AND 4NN 126.
;
_pdbx_entry_details.sequence_details           
'RESIDUE I5T IS NATURAL VARIANT ACCORDING TO REFERENCE 1 OF DATABASE UNIPROTKB/SWISS-PROT P86383 (LYS_MERLU).' 
_pdbx_entry_details.compound_details           ? 
_pdbx_entry_details.source_details             ? 
_pdbx_entry_details.has_ligand_of_interest     ? 
_pdbx_entry_details.has_protein_modification   Y 
# 
_pdbx_validate_torsion.id              1 
_pdbx_validate_torsion.PDB_model_num   1 
_pdbx_validate_torsion.auth_comp_id    SER 
_pdbx_validate_torsion.auth_asym_id    A 
_pdbx_validate_torsion.auth_seq_id     19 
_pdbx_validate_torsion.PDB_ins_code    ? 
_pdbx_validate_torsion.label_alt_id    ? 
_pdbx_validate_torsion.phi             -151.03 
_pdbx_validate_torsion.psi             14.69 
# 
_pdbx_struct_special_symmetry.id              1 
_pdbx_struct_special_symmetry.PDB_model_num   1 
_pdbx_struct_special_symmetry.auth_asym_id    A 
_pdbx_struct_special_symmetry.auth_comp_id    HOH 
_pdbx_struct_special_symmetry.auth_seq_id     180 
_pdbx_struct_special_symmetry.PDB_ins_code    ? 
_pdbx_struct_special_symmetry.label_asym_id   C 
_pdbx_struct_special_symmetry.label_comp_id   HOH 
_pdbx_struct_special_symmetry.label_seq_id    . 
# 
loop_
_chem_comp_atom.comp_id 
_chem_comp_atom.atom_id 
_chem_comp_atom.type_symbol 
_chem_comp_atom.pdbx_aromatic_flag 
_chem_comp_atom.pdbx_stereo_config 
_chem_comp_atom.pdbx_ordinal 
4NN C1   C N N 1   
4NN O1   O N N 2   
4NN C2   C N N 3   
4NN N2   N N N 4   
4NN C3   C N N 5   
4NN C4   C N S 6   
4NN O4   O N N 7   
4NN C5   C N R 8   
4NN O5   O N N 9   
4NN C6   C N N 10  
4NN O6   O N N 11  
4NN C7   C N N 12  
4NN O7   O N N 13  
4NN C8   C N N 14  
4NN HN2  H N N 15  
4NN H3   H N N 16  
4NN H4   H N N 17  
4NN HO4  H N N 18  
4NN H5   H N N 19  
4NN H6   H N N 20  
4NN H6A  H N N 21  
4NN HO6  H N N 22  
4NN H8   H N N 23  
4NN H8A  H N N 24  
4NN H8B  H N N 25  
ALA N    N N N 26  
ALA CA   C N S 27  
ALA C    C N N 28  
ALA O    O N N 29  
ALA CB   C N N 30  
ALA OXT  O N N 31  
ALA H    H N N 32  
ALA H2   H N N 33  
ALA HA   H N N 34  
ALA HB1  H N N 35  
ALA HB2  H N N 36  
ALA HB3  H N N 37  
ALA HXT  H N N 38  
ARG N    N N N 39  
ARG CA   C N S 40  
ARG C    C N N 41  
ARG O    O N N 42  
ARG CB   C N N 43  
ARG CG   C N N 44  
ARG CD   C N N 45  
ARG NE   N N N 46  
ARG CZ   C N N 47  
ARG NH1  N N N 48  
ARG NH2  N N N 49  
ARG OXT  O N N 50  
ARG H    H N N 51  
ARG H2   H N N 52  
ARG HA   H N N 53  
ARG HB2  H N N 54  
ARG HB3  H N N 55  
ARG HG2  H N N 56  
ARG HG3  H N N 57  
ARG HD2  H N N 58  
ARG HD3  H N N 59  
ARG HE   H N N 60  
ARG HH11 H N N 61  
ARG HH12 H N N 62  
ARG HH21 H N N 63  
ARG HH22 H N N 64  
ARG HXT  H N N 65  
ASN N    N N N 66  
ASN CA   C N S 67  
ASN C    C N N 68  
ASN O    O N N 69  
ASN CB   C N N 70  
ASN CG   C N N 71  
ASN OD1  O N N 72  
ASN ND2  N N N 73  
ASN OXT  O N N 74  
ASN H    H N N 75  
ASN H2   H N N 76  
ASN HA   H N N 77  
ASN HB2  H N N 78  
ASN HB3  H N N 79  
ASN HD21 H N N 80  
ASN HD22 H N N 81  
ASN HXT  H N N 82  
ASP N    N N N 83  
ASP CA   C N S 84  
ASP C    C N N 85  
ASP O    O N N 86  
ASP CB   C N N 87  
ASP CG   C N N 88  
ASP OD1  O N N 89  
ASP OD2  O N N 90  
ASP OXT  O N N 91  
ASP H    H N N 92  
ASP H2   H N N 93  
ASP HA   H N N 94  
ASP HB2  H N N 95  
ASP HB3  H N N 96  
ASP HD2  H N N 97  
ASP HXT  H N N 98  
CYS N    N N N 99  
CYS CA   C N R 100 
CYS C    C N N 101 
CYS O    O N N 102 
CYS CB   C N N 103 
CYS SG   S N N 104 
CYS OXT  O N N 105 
CYS H    H N N 106 
CYS H2   H N N 107 
CYS HA   H N N 108 
CYS HB2  H N N 109 
CYS HB3  H N N 110 
CYS HG   H N N 111 
CYS HXT  H N N 112 
GLN N    N N N 113 
GLN CA   C N S 114 
GLN C    C N N 115 
GLN O    O N N 116 
GLN CB   C N N 117 
GLN CG   C N N 118 
GLN CD   C N N 119 
GLN OE1  O N N 120 
GLN NE2  N N N 121 
GLN OXT  O N N 122 
GLN H    H N N 123 
GLN H2   H N N 124 
GLN HA   H N N 125 
GLN HB2  H N N 126 
GLN HB3  H N N 127 
GLN HG2  H N N 128 
GLN HG3  H N N 129 
GLN HE21 H N N 130 
GLN HE22 H N N 131 
GLN HXT  H N N 132 
GLU N    N N N 133 
GLU CA   C N S 134 
GLU C    C N N 135 
GLU O    O N N 136 
GLU CB   C N N 137 
GLU CG   C N N 138 
GLU CD   C N N 139 
GLU OE1  O N N 140 
GLU OE2  O N N 141 
GLU OXT  O N N 142 
GLU H    H N N 143 
GLU H2   H N N 144 
GLU HA   H N N 145 
GLU HB2  H N N 146 
GLU HB3  H N N 147 
GLU HG2  H N N 148 
GLU HG3  H N N 149 
GLU HE2  H N N 150 
GLU HXT  H N N 151 
GLY N    N N N 152 
GLY CA   C N N 153 
GLY C    C N N 154 
GLY O    O N N 155 
GLY OXT  O N N 156 
GLY H    H N N 157 
GLY H2   H N N 158 
GLY HA2  H N N 159 
GLY HA3  H N N 160 
GLY HXT  H N N 161 
HIS N    N N N 162 
HIS CA   C N S 163 
HIS C    C N N 164 
HIS O    O N N 165 
HIS CB   C N N 166 
HIS CG   C Y N 167 
HIS ND1  N Y N 168 
HIS CD2  C Y N 169 
HIS CE1  C Y N 170 
HIS NE2  N Y N 171 
HIS OXT  O N N 172 
HIS H    H N N 173 
HIS H2   H N N 174 
HIS HA   H N N 175 
HIS HB2  H N N 176 
HIS HB3  H N N 177 
HIS HD1  H N N 178 
HIS HD2  H N N 179 
HIS HE1  H N N 180 
HIS HE2  H N N 181 
HIS HXT  H N N 182 
HOH O    O N N 183 
HOH H1   H N N 184 
HOH H2   H N N 185 
ILE N    N N N 186 
ILE CA   C N S 187 
ILE C    C N N 188 
ILE O    O N N 189 
ILE CB   C N S 190 
ILE CG1  C N N 191 
ILE CG2  C N N 192 
ILE CD1  C N N 193 
ILE OXT  O N N 194 
ILE H    H N N 195 
ILE H2   H N N 196 
ILE HA   H N N 197 
ILE HB   H N N 198 
ILE HG12 H N N 199 
ILE HG13 H N N 200 
ILE HG21 H N N 201 
ILE HG22 H N N 202 
ILE HG23 H N N 203 
ILE HD11 H N N 204 
ILE HD12 H N N 205 
ILE HD13 H N N 206 
ILE HXT  H N N 207 
LEU N    N N N 208 
LEU CA   C N S 209 
LEU C    C N N 210 
LEU O    O N N 211 
LEU CB   C N N 212 
LEU CG   C N N 213 
LEU CD1  C N N 214 
LEU CD2  C N N 215 
LEU OXT  O N N 216 
LEU H    H N N 217 
LEU H2   H N N 218 
LEU HA   H N N 219 
LEU HB2  H N N 220 
LEU HB3  H N N 221 
LEU HG   H N N 222 
LEU HD11 H N N 223 
LEU HD12 H N N 224 
LEU HD13 H N N 225 
LEU HD21 H N N 226 
LEU HD22 H N N 227 
LEU HD23 H N N 228 
LEU HXT  H N N 229 
LYS N    N N N 230 
LYS CA   C N S 231 
LYS C    C N N 232 
LYS O    O N N 233 
LYS CB   C N N 234 
LYS CG   C N N 235 
LYS CD   C N N 236 
LYS CE   C N N 237 
LYS NZ   N N N 238 
LYS OXT  O N N 239 
LYS H    H N N 240 
LYS H2   H N N 241 
LYS HA   H N N 242 
LYS HB2  H N N 243 
LYS HB3  H N N 244 
LYS HG2  H N N 245 
LYS HG3  H N N 246 
LYS HD2  H N N 247 
LYS HD3  H N N 248 
LYS HE2  H N N 249 
LYS HE3  H N N 250 
LYS HZ1  H N N 251 
LYS HZ2  H N N 252 
LYS HZ3  H N N 253 
LYS HXT  H N N 254 
MET N    N N N 255 
MET CA   C N S 256 
MET C    C N N 257 
MET O    O N N 258 
MET CB   C N N 259 
MET CG   C N N 260 
MET SD   S N N 261 
MET CE   C N N 262 
MET OXT  O N N 263 
MET H    H N N 264 
MET H2   H N N 265 
MET HA   H N N 266 
MET HB2  H N N 267 
MET HB3  H N N 268 
MET HG2  H N N 269 
MET HG3  H N N 270 
MET HE1  H N N 271 
MET HE2  H N N 272 
MET HE3  H N N 273 
MET HXT  H N N 274 
NAG C1   C N R 275 
NAG C2   C N R 276 
NAG C3   C N R 277 
NAG C4   C N S 278 
NAG C5   C N R 279 
NAG C6   C N N 280 
NAG C7   C N N 281 
NAG C8   C N N 282 
NAG N2   N N N 283 
NAG O1   O N N 284 
NAG O3   O N N 285 
NAG O4   O N N 286 
NAG O5   O N N 287 
NAG O6   O N N 288 
NAG O7   O N N 289 
NAG H1   H N N 290 
NAG H2   H N N 291 
NAG H3   H N N 292 
NAG H4   H N N 293 
NAG H5   H N N 294 
NAG H61  H N N 295 
NAG H62  H N N 296 
NAG H81  H N N 297 
NAG H82  H N N 298 
NAG H83  H N N 299 
NAG HN2  H N N 300 
NAG HO1  H N N 301 
NAG HO3  H N N 302 
NAG HO4  H N N 303 
NAG HO6  H N N 304 
PHE N    N N N 305 
PHE CA   C N S 306 
PHE C    C N N 307 
PHE O    O N N 308 
PHE CB   C N N 309 
PHE CG   C Y N 310 
PHE CD1  C Y N 311 
PHE CD2  C Y N 312 
PHE CE1  C Y N 313 
PHE CE2  C Y N 314 
PHE CZ   C Y N 315 
PHE OXT  O N N 316 
PHE H    H N N 317 
PHE H2   H N N 318 
PHE HA   H N N 319 
PHE HB2  H N N 320 
PHE HB3  H N N 321 
PHE HD1  H N N 322 
PHE HD2  H N N 323 
PHE HE1  H N N 324 
PHE HE2  H N N 325 
PHE HZ   H N N 326 
PHE HXT  H N N 327 
PRO N    N N N 328 
PRO CA   C N S 329 
PRO C    C N N 330 
PRO O    O N N 331 
PRO CB   C N N 332 
PRO CG   C N N 333 
PRO CD   C N N 334 
PRO OXT  O N N 335 
PRO H    H N N 336 
PRO HA   H N N 337 
PRO HB2  H N N 338 
PRO HB3  H N N 339 
PRO HG2  H N N 340 
PRO HG3  H N N 341 
PRO HD2  H N N 342 
PRO HD3  H N N 343 
PRO HXT  H N N 344 
SER N    N N N 345 
SER CA   C N S 346 
SER C    C N N 347 
SER O    O N N 348 
SER CB   C N N 349 
SER OG   O N N 350 
SER OXT  O N N 351 
SER H    H N N 352 
SER H2   H N N 353 
SER HA   H N N 354 
SER HB2  H N N 355 
SER HB3  H N N 356 
SER HG   H N N 357 
SER HXT  H N N 358 
THR N    N N N 359 
THR CA   C N S 360 
THR C    C N N 361 
THR O    O N N 362 
THR CB   C N R 363 
THR OG1  O N N 364 
THR CG2  C N N 365 
THR OXT  O N N 366 
THR H    H N N 367 
THR H2   H N N 368 
THR HA   H N N 369 
THR HB   H N N 370 
THR HG1  H N N 371 
THR HG21 H N N 372 
THR HG22 H N N 373 
THR HG23 H N N 374 
THR HXT  H N N 375 
TRP N    N N N 376 
TRP CA   C N S 377 
TRP C    C N N 378 
TRP O    O N N 379 
TRP CB   C N N 380 
TRP CG   C Y N 381 
TRP CD1  C Y N 382 
TRP CD2  C Y N 383 
TRP NE1  N Y N 384 
TRP CE2  C Y N 385 
TRP CE3  C Y N 386 
TRP CZ2  C Y N 387 
TRP CZ3  C Y N 388 
TRP CH2  C Y N 389 
TRP OXT  O N N 390 
TRP H    H N N 391 
TRP H2   H N N 392 
TRP HA   H N N 393 
TRP HB2  H N N 394 
TRP HB3  H N N 395 
TRP HD1  H N N 396 
TRP HE1  H N N 397 
TRP HE3  H N N 398 
TRP HZ2  H N N 399 
TRP HZ3  H N N 400 
TRP HH2  H N N 401 
TRP HXT  H N N 402 
TYR N    N N N 403 
TYR CA   C N S 404 
TYR C    C N N 405 
TYR O    O N N 406 
TYR CB   C N N 407 
TYR CG   C Y N 408 
TYR CD1  C Y N 409 
TYR CD2  C Y N 410 
TYR CE1  C Y N 411 
TYR CE2  C Y N 412 
TYR CZ   C Y N 413 
TYR OH   O N N 414 
TYR OXT  O N N 415 
TYR H    H N N 416 
TYR H2   H N N 417 
TYR HA   H N N 418 
TYR HB2  H N N 419 
TYR HB3  H N N 420 
TYR HD1  H N N 421 
TYR HD2  H N N 422 
TYR HE1  H N N 423 
TYR HE2  H N N 424 
TYR HH   H N N 425 
TYR HXT  H N N 426 
VAL N    N N N 427 
VAL CA   C N S 428 
VAL C    C N N 429 
VAL O    O N N 430 
VAL CB   C N N 431 
VAL CG1  C N N 432 
VAL CG2  C N N 433 
VAL OXT  O N N 434 
VAL H    H N N 435 
VAL H2   H N N 436 
VAL HA   H N N 437 
VAL HB   H N N 438 
VAL HG11 H N N 439 
VAL HG12 H N N 440 
VAL HG13 H N N 441 
VAL HG21 H N N 442 
VAL HG22 H N N 443 
VAL HG23 H N N 444 
VAL HXT  H N N 445 
# 
loop_
_chem_comp_bond.comp_id 
_chem_comp_bond.atom_id_1 
_chem_comp_bond.atom_id_2 
_chem_comp_bond.value_order 
_chem_comp_bond.pdbx_aromatic_flag 
_chem_comp_bond.pdbx_stereo_config 
_chem_comp_bond.pdbx_ordinal 
4NN C1  O1   doub N N 1   
4NN C1  C2   sing N N 2   
4NN C1  O5   sing N N 3   
4NN C2  N2   sing N N 4   
4NN C2  C3   doub N N 5   
4NN N2  C7   sing N N 6   
4NN C3  C4   sing N N 7   
4NN C4  O4   sing N N 8   
4NN C4  C5   sing N N 9   
4NN C5  O5   sing N N 10  
4NN C5  C6   sing N N 11  
4NN C6  O6   sing N N 12  
4NN C7  O7   doub N N 13  
4NN C7  C8   sing N N 14  
4NN N2  HN2  sing N N 15  
4NN C3  H3   sing N N 16  
4NN C4  H4   sing N N 17  
4NN O4  HO4  sing N N 18  
4NN C5  H5   sing N N 19  
4NN C6  H6   sing N N 20  
4NN C6  H6A  sing N N 21  
4NN O6  HO6  sing N N 22  
4NN C8  H8   sing N N 23  
4NN C8  H8A  sing N N 24  
4NN C8  H8B  sing N N 25  
ALA N   CA   sing N N 26  
ALA N   H    sing N N 27  
ALA N   H2   sing N N 28  
ALA CA  C    sing N N 29  
ALA CA  CB   sing N N 30  
ALA CA  HA   sing N N 31  
ALA C   O    doub N N 32  
ALA C   OXT  sing N N 33  
ALA CB  HB1  sing N N 34  
ALA CB  HB2  sing N N 35  
ALA CB  HB3  sing N N 36  
ALA OXT HXT  sing N N 37  
ARG N   CA   sing N N 38  
ARG N   H    sing N N 39  
ARG N   H2   sing N N 40  
ARG CA  C    sing N N 41  
ARG CA  CB   sing N N 42  
ARG CA  HA   sing N N 43  
ARG C   O    doub N N 44  
ARG C   OXT  sing N N 45  
ARG CB  CG   sing N N 46  
ARG CB  HB2  sing N N 47  
ARG CB  HB3  sing N N 48  
ARG CG  CD   sing N N 49  
ARG CG  HG2  sing N N 50  
ARG CG  HG3  sing N N 51  
ARG CD  NE   sing N N 52  
ARG CD  HD2  sing N N 53  
ARG CD  HD3  sing N N 54  
ARG NE  CZ   sing N N 55  
ARG NE  HE   sing N N 56  
ARG CZ  NH1  sing N N 57  
ARG CZ  NH2  doub N N 58  
ARG NH1 HH11 sing N N 59  
ARG NH1 HH12 sing N N 60  
ARG NH2 HH21 sing N N 61  
ARG NH2 HH22 sing N N 62  
ARG OXT HXT  sing N N 63  
ASN N   CA   sing N N 64  
ASN N   H    sing N N 65  
ASN N   H2   sing N N 66  
ASN CA  C    sing N N 67  
ASN CA  CB   sing N N 68  
ASN CA  HA   sing N N 69  
ASN C   O    doub N N 70  
ASN C   OXT  sing N N 71  
ASN CB  CG   sing N N 72  
ASN CB  HB2  sing N N 73  
ASN CB  HB3  sing N N 74  
ASN CG  OD1  doub N N 75  
ASN CG  ND2  sing N N 76  
ASN ND2 HD21 sing N N 77  
ASN ND2 HD22 sing N N 78  
ASN OXT HXT  sing N N 79  
ASP N   CA   sing N N 80  
ASP N   H    sing N N 81  
ASP N   H2   sing N N 82  
ASP CA  C    sing N N 83  
ASP CA  CB   sing N N 84  
ASP CA  HA   sing N N 85  
ASP C   O    doub N N 86  
ASP C   OXT  sing N N 87  
ASP CB  CG   sing N N 88  
ASP CB  HB2  sing N N 89  
ASP CB  HB3  sing N N 90  
ASP CG  OD1  doub N N 91  
ASP CG  OD2  sing N N 92  
ASP OD2 HD2  sing N N 93  
ASP OXT HXT  sing N N 94  
CYS N   CA   sing N N 95  
CYS N   H    sing N N 96  
CYS N   H2   sing N N 97  
CYS CA  C    sing N N 98  
CYS CA  CB   sing N N 99  
CYS CA  HA   sing N N 100 
CYS C   O    doub N N 101 
CYS C   OXT  sing N N 102 
CYS CB  SG   sing N N 103 
CYS CB  HB2  sing N N 104 
CYS CB  HB3  sing N N 105 
CYS SG  HG   sing N N 106 
CYS OXT HXT  sing N N 107 
GLN N   CA   sing N N 108 
GLN N   H    sing N N 109 
GLN N   H2   sing N N 110 
GLN CA  C    sing N N 111 
GLN CA  CB   sing N N 112 
GLN CA  HA   sing N N 113 
GLN C   O    doub N N 114 
GLN C   OXT  sing N N 115 
GLN CB  CG   sing N N 116 
GLN CB  HB2  sing N N 117 
GLN CB  HB3  sing N N 118 
GLN CG  CD   sing N N 119 
GLN CG  HG2  sing N N 120 
GLN CG  HG3  sing N N 121 
GLN CD  OE1  doub N N 122 
GLN CD  NE2  sing N N 123 
GLN NE2 HE21 sing N N 124 
GLN NE2 HE22 sing N N 125 
GLN OXT HXT  sing N N 126 
GLU N   CA   sing N N 127 
GLU N   H    sing N N 128 
GLU N   H2   sing N N 129 
GLU CA  C    sing N N 130 
GLU CA  CB   sing N N 131 
GLU CA  HA   sing N N 132 
GLU C   O    doub N N 133 
GLU C   OXT  sing N N 134 
GLU CB  CG   sing N N 135 
GLU CB  HB2  sing N N 136 
GLU CB  HB3  sing N N 137 
GLU CG  CD   sing N N 138 
GLU CG  HG2  sing N N 139 
GLU CG  HG3  sing N N 140 
GLU CD  OE1  doub N N 141 
GLU CD  OE2  sing N N 142 
GLU OE2 HE2  sing N N 143 
GLU OXT HXT  sing N N 144 
GLY N   CA   sing N N 145 
GLY N   H    sing N N 146 
GLY N   H2   sing N N 147 
GLY CA  C    sing N N 148 
GLY CA  HA2  sing N N 149 
GLY CA  HA3  sing N N 150 
GLY C   O    doub N N 151 
GLY C   OXT  sing N N 152 
GLY OXT HXT  sing N N 153 
HIS N   CA   sing N N 154 
HIS N   H    sing N N 155 
HIS N   H2   sing N N 156 
HIS CA  C    sing N N 157 
HIS CA  CB   sing N N 158 
HIS CA  HA   sing N N 159 
HIS C   O    doub N N 160 
HIS C   OXT  sing N N 161 
HIS CB  CG   sing N N 162 
HIS CB  HB2  sing N N 163 
HIS CB  HB3  sing N N 164 
HIS CG  ND1  sing Y N 165 
HIS CG  CD2  doub Y N 166 
HIS ND1 CE1  doub Y N 167 
HIS ND1 HD1  sing N N 168 
HIS CD2 NE2  sing Y N 169 
HIS CD2 HD2  sing N N 170 
HIS CE1 NE2  sing Y N 171 
HIS CE1 HE1  sing N N 172 
HIS NE2 HE2  sing N N 173 
HIS OXT HXT  sing N N 174 
HOH O   H1   sing N N 175 
HOH O   H2   sing N N 176 
ILE N   CA   sing N N 177 
ILE N   H    sing N N 178 
ILE N   H2   sing N N 179 
ILE CA  C    sing N N 180 
ILE CA  CB   sing N N 181 
ILE CA  HA   sing N N 182 
ILE C   O    doub N N 183 
ILE C   OXT  sing N N 184 
ILE CB  CG1  sing N N 185 
ILE CB  CG2  sing N N 186 
ILE CB  HB   sing N N 187 
ILE CG1 CD1  sing N N 188 
ILE CG1 HG12 sing N N 189 
ILE CG1 HG13 sing N N 190 
ILE CG2 HG21 sing N N 191 
ILE CG2 HG22 sing N N 192 
ILE CG2 HG23 sing N N 193 
ILE CD1 HD11 sing N N 194 
ILE CD1 HD12 sing N N 195 
ILE CD1 HD13 sing N N 196 
ILE OXT HXT  sing N N 197 
LEU N   CA   sing N N 198 
LEU N   H    sing N N 199 
LEU N   H2   sing N N 200 
LEU CA  C    sing N N 201 
LEU CA  CB   sing N N 202 
LEU CA  HA   sing N N 203 
LEU C   O    doub N N 204 
LEU C   OXT  sing N N 205 
LEU CB  CG   sing N N 206 
LEU CB  HB2  sing N N 207 
LEU CB  HB3  sing N N 208 
LEU CG  CD1  sing N N 209 
LEU CG  CD2  sing N N 210 
LEU CG  HG   sing N N 211 
LEU CD1 HD11 sing N N 212 
LEU CD1 HD12 sing N N 213 
LEU CD1 HD13 sing N N 214 
LEU CD2 HD21 sing N N 215 
LEU CD2 HD22 sing N N 216 
LEU CD2 HD23 sing N N 217 
LEU OXT HXT  sing N N 218 
LYS N   CA   sing N N 219 
LYS N   H    sing N N 220 
LYS N   H2   sing N N 221 
LYS CA  C    sing N N 222 
LYS CA  CB   sing N N 223 
LYS CA  HA   sing N N 224 
LYS C   O    doub N N 225 
LYS C   OXT  sing N N 226 
LYS CB  CG   sing N N 227 
LYS CB  HB2  sing N N 228 
LYS CB  HB3  sing N N 229 
LYS CG  CD   sing N N 230 
LYS CG  HG2  sing N N 231 
LYS CG  HG3  sing N N 232 
LYS CD  CE   sing N N 233 
LYS CD  HD2  sing N N 234 
LYS CD  HD3  sing N N 235 
LYS CE  NZ   sing N N 236 
LYS CE  HE2  sing N N 237 
LYS CE  HE3  sing N N 238 
LYS NZ  HZ1  sing N N 239 
LYS NZ  HZ2  sing N N 240 
LYS NZ  HZ3  sing N N 241 
LYS OXT HXT  sing N N 242 
MET N   CA   sing N N 243 
MET N   H    sing N N 244 
MET N   H2   sing N N 245 
MET CA  C    sing N N 246 
MET CA  CB   sing N N 247 
MET CA  HA   sing N N 248 
MET C   O    doub N N 249 
MET C   OXT  sing N N 250 
MET CB  CG   sing N N 251 
MET CB  HB2  sing N N 252 
MET CB  HB3  sing N N 253 
MET CG  SD   sing N N 254 
MET CG  HG2  sing N N 255 
MET CG  HG3  sing N N 256 
MET SD  CE   sing N N 257 
MET CE  HE1  sing N N 258 
MET CE  HE2  sing N N 259 
MET CE  HE3  sing N N 260 
MET OXT HXT  sing N N 261 
NAG C1  C2   sing N N 262 
NAG C1  O1   sing N N 263 
NAG C1  O5   sing N N 264 
NAG C1  H1   sing N N 265 
NAG C2  C3   sing N N 266 
NAG C2  N2   sing N N 267 
NAG C2  H2   sing N N 268 
NAG C3  C4   sing N N 269 
NAG C3  O3   sing N N 270 
NAG C3  H3   sing N N 271 
NAG C4  C5   sing N N 272 
NAG C4  O4   sing N N 273 
NAG C4  H4   sing N N 274 
NAG C5  C6   sing N N 275 
NAG C5  O5   sing N N 276 
NAG C5  H5   sing N N 277 
NAG C6  O6   sing N N 278 
NAG C6  H61  sing N N 279 
NAG C6  H62  sing N N 280 
NAG C7  C8   sing N N 281 
NAG C7  N2   sing N N 282 
NAG C7  O7   doub N N 283 
NAG C8  H81  sing N N 284 
NAG C8  H82  sing N N 285 
NAG C8  H83  sing N N 286 
NAG N2  HN2  sing N N 287 
NAG O1  HO1  sing N N 288 
NAG O3  HO3  sing N N 289 
NAG O4  HO4  sing N N 290 
NAG O6  HO6  sing N N 291 
PHE N   CA   sing N N 292 
PHE N   H    sing N N 293 
PHE N   H2   sing N N 294 
PHE CA  C    sing N N 295 
PHE CA  CB   sing N N 296 
PHE CA  HA   sing N N 297 
PHE C   O    doub N N 298 
PHE C   OXT  sing N N 299 
PHE CB  CG   sing N N 300 
PHE CB  HB2  sing N N 301 
PHE CB  HB3  sing N N 302 
PHE CG  CD1  doub Y N 303 
PHE CG  CD2  sing Y N 304 
PHE CD1 CE1  sing Y N 305 
PHE CD1 HD1  sing N N 306 
PHE CD2 CE2  doub Y N 307 
PHE CD2 HD2  sing N N 308 
PHE CE1 CZ   doub Y N 309 
PHE CE1 HE1  sing N N 310 
PHE CE2 CZ   sing Y N 311 
PHE CE2 HE2  sing N N 312 
PHE CZ  HZ   sing N N 313 
PHE OXT HXT  sing N N 314 
PRO N   CA   sing N N 315 
PRO N   CD   sing N N 316 
PRO N   H    sing N N 317 
PRO CA  C    sing N N 318 
PRO CA  CB   sing N N 319 
PRO CA  HA   sing N N 320 
PRO C   O    doub N N 321 
PRO C   OXT  sing N N 322 
PRO CB  CG   sing N N 323 
PRO CB  HB2  sing N N 324 
PRO CB  HB3  sing N N 325 
PRO CG  CD   sing N N 326 
PRO CG  HG2  sing N N 327 
PRO CG  HG3  sing N N 328 
PRO CD  HD2  sing N N 329 
PRO CD  HD3  sing N N 330 
PRO OXT HXT  sing N N 331 
SER N   CA   sing N N 332 
SER N   H    sing N N 333 
SER N   H2   sing N N 334 
SER CA  C    sing N N 335 
SER CA  CB   sing N N 336 
SER CA  HA   sing N N 337 
SER C   O    doub N N 338 
SER C   OXT  sing N N 339 
SER CB  OG   sing N N 340 
SER CB  HB2  sing N N 341 
SER CB  HB3  sing N N 342 
SER OG  HG   sing N N 343 
SER OXT HXT  sing N N 344 
THR N   CA   sing N N 345 
THR N   H    sing N N 346 
THR N   H2   sing N N 347 
THR CA  C    sing N N 348 
THR CA  CB   sing N N 349 
THR CA  HA   sing N N 350 
THR C   O    doub N N 351 
THR C   OXT  sing N N 352 
THR CB  OG1  sing N N 353 
THR CB  CG2  sing N N 354 
THR CB  HB   sing N N 355 
THR OG1 HG1  sing N N 356 
THR CG2 HG21 sing N N 357 
THR CG2 HG22 sing N N 358 
THR CG2 HG23 sing N N 359 
THR OXT HXT  sing N N 360 
TRP N   CA   sing N N 361 
TRP N   H    sing N N 362 
TRP N   H2   sing N N 363 
TRP CA  C    sing N N 364 
TRP CA  CB   sing N N 365 
TRP CA  HA   sing N N 366 
TRP C   O    doub N N 367 
TRP C   OXT  sing N N 368 
TRP CB  CG   sing N N 369 
TRP CB  HB2  sing N N 370 
TRP CB  HB3  sing N N 371 
TRP CG  CD1  doub Y N 372 
TRP CG  CD2  sing Y N 373 
TRP CD1 NE1  sing Y N 374 
TRP CD1 HD1  sing N N 375 
TRP CD2 CE2  doub Y N 376 
TRP CD2 CE3  sing Y N 377 
TRP NE1 CE2  sing Y N 378 
TRP NE1 HE1  sing N N 379 
TRP CE2 CZ2  sing Y N 380 
TRP CE3 CZ3  doub Y N 381 
TRP CE3 HE3  sing N N 382 
TRP CZ2 CH2  doub Y N 383 
TRP CZ2 HZ2  sing N N 384 
TRP CZ3 CH2  sing Y N 385 
TRP CZ3 HZ3  sing N N 386 
TRP CH2 HH2  sing N N 387 
TRP OXT HXT  sing N N 388 
TYR N   CA   sing N N 389 
TYR N   H    sing N N 390 
TYR N   H2   sing N N 391 
TYR CA  C    sing N N 392 
TYR CA  CB   sing N N 393 
TYR CA  HA   sing N N 394 
TYR C   O    doub N N 395 
TYR C   OXT  sing N N 396 
TYR CB  CG   sing N N 397 
TYR CB  HB2  sing N N 398 
TYR CB  HB3  sing N N 399 
TYR CG  CD1  doub Y N 400 
TYR CG  CD2  sing Y N 401 
TYR CD1 CE1  sing Y N 402 
TYR CD1 HD1  sing N N 403 
TYR CD2 CE2  doub Y N 404 
TYR CD2 HD2  sing N N 405 
TYR CE1 CZ   doub Y N 406 
TYR CE1 HE1  sing N N 407 
TYR CE2 CZ   sing Y N 408 
TYR CE2 HE2  sing N N 409 
TYR CZ  OH   sing N N 410 
TYR OH  HH   sing N N 411 
TYR OXT HXT  sing N N 412 
VAL N   CA   sing N N 413 
VAL N   H    sing N N 414 
VAL N   H2   sing N N 415 
VAL CA  C    sing N N 416 
VAL CA  CB   sing N N 417 
VAL CA  HA   sing N N 418 
VAL C   O    doub N N 419 
VAL C   OXT  sing N N 420 
VAL CB  CG1  sing N N 421 
VAL CB  CG2  sing N N 422 
VAL CB  HB   sing N N 423 
VAL CG1 HG11 sing N N 424 
VAL CG1 HG12 sing N N 425 
VAL CG1 HG13 sing N N 426 
VAL CG2 HG21 sing N N 427 
VAL CG2 HG22 sing N N 428 
VAL CG2 HG23 sing N N 429 
VAL OXT HXT  sing N N 430 
# 
loop_
_pdbx_entity_branch_list.entity_id 
_pdbx_entity_branch_list.comp_id 
_pdbx_entity_branch_list.num 
_pdbx_entity_branch_list.hetero 
2 4NN 1 n 
2 NAG 2 n 
2 NAG 3 n 
2 NAG 4 n 
# 
_pdbx_initial_refinement_model.id               1 
_pdbx_initial_refinement_model.entity_id_list   ? 
_pdbx_initial_refinement_model.type             'experimental model' 
_pdbx_initial_refinement_model.source_name      PDB 
_pdbx_initial_refinement_model.accession_code   3AB6 
_pdbx_initial_refinement_model.details          'PDB ENTRY 3AB6' 
# 
_atom_sites.entry_id                    3AYQ 
_atom_sites.fract_transf_matrix[1][1]   -0.01632510 
_atom_sites.fract_transf_matrix[1][2]   -0.00182195 
_atom_sites.fract_transf_matrix[1][3]   -0.01713941 
_atom_sites.fract_transf_matrix[2][1]   -0.00241333 
_atom_sites.fract_transf_matrix[2][2]   0.02361607 
_atom_sites.fract_transf_matrix[2][3]   -0.00021176 
_atom_sites.fract_transf_matrix[3][1]   0.00585167 
_atom_sites.fract_transf_matrix[3][2]   0.00054748 
_atom_sites.fract_transf_matrix[3][3]   -0.00563185 
_atom_sites.fract_transf_vector[1]      0.418830 
_atom_sites.fract_transf_vector[2]      -0.136933 
_atom_sites.fract_transf_vector[3]      -0.060689 
# 
loop_
_atom_type.symbol 
C 
N 
O 
S 
# 
loop_
_atom_site.group_PDB 
_atom_site.id 
_atom_site.type_symbol 
_atom_site.label_atom_id 
_atom_site.label_alt_id 
_atom_site.label_comp_id 
_atom_site.label_asym_id 
_atom_site.label_entity_id 
_atom_site.label_seq_id 
_atom_site.pdbx_PDB_ins_code 
_atom_site.Cartn_x 
_atom_site.Cartn_y 
_atom_site.Cartn_z 
_atom_site.occupancy 
_atom_site.B_iso_or_equiv 
_atom_site.pdbx_formal_charge 
_atom_site.auth_seq_id 
_atom_site.auth_comp_id 
_atom_site.auth_asym_id 
_atom_site.auth_atom_id 
_atom_site.pdbx_PDB_model_num 
ATOM   1    N N   . PHE A 1 1   ? 8.724   -6.881  -7.257  1.00 8.69  ? 1   PHE A N   1 
ATOM   2    C CA  . PHE A 1 1   ? 7.338   -6.344  -7.383  1.00 6.93  ? 1   PHE A CA  1 
ATOM   3    C C   . PHE A 1 1   ? 7.174   -5.606  -8.699  1.00 8.68  ? 1   PHE A C   1 
ATOM   4    O O   . PHE A 1 1   ? 8.132   -5.421  -9.453  1.00 7.81  ? 1   PHE A O   1 
ATOM   5    C CB  . PHE A 1 1   ? 7.022   -5.363  -6.251  1.00 8.40  ? 1   PHE A CB  1 
ATOM   6    C CG  . PHE A 1 1   ? 7.171   -5.939  -4.875  1.00 6.72  ? 1   PHE A CG  1 
ATOM   7    C CD1 . PHE A 1 1   ? 8.346   -5.762  -4.155  1.00 5.16  ? 1   PHE A CD1 1 
ATOM   8    C CD2 . PHE A 1 1   ? 6.125   -6.641  -4.292  1.00 7.31  ? 1   PHE A CD2 1 
ATOM   9    C CE1 . PHE A 1 1   ? 8.476   -6.272  -2.863  1.00 8.29  ? 1   PHE A CE1 1 
ATOM   10   C CE2 . PHE A 1 1   ? 6.241   -7.155  -3.008  1.00 6.66  ? 1   PHE A CE2 1 
ATOM   11   C CZ  . PHE A 1 1   ? 7.419   -6.970  -2.289  1.00 8.88  ? 1   PHE A CZ  1 
ATOM   12   N N   . ALA A 1 2   ? 5.948   -5.179  -8.972  1.00 7.99  ? 2   ALA A N   1 
ATOM   13   C CA  . ALA A 1 2   ? 5.667   -4.431  -10.185 1.00 7.70  ? 2   ALA A CA  1 
ATOM   14   C C   . ALA A 1 2   ? 6.469   -3.132  -10.136 1.00 7.61  ? 2   ALA A C   1 
ATOM   15   O O   . ALA A 1 2   ? 6.750   -2.607  -9.058  1.00 6.62  ? 2   ALA A O   1 
ATOM   16   C CB  . ALA A 1 2   ? 4.187   -4.127  -10.271 1.00 7.80  ? 2   ALA A CB  1 
ATOM   17   N N   . GLY A 1 3   ? 6.833   -2.621  -11.307 1.00 8.13  ? 3   GLY A N   1 
ATOM   18   C CA  . GLY A 1 3   ? 7.595   -1.388  -11.375 1.00 8.96  ? 3   GLY A CA  1 
ATOM   19   C C   . GLY A 1 3   ? 6.695   -0.169  -11.332 1.00 9.67  ? 3   GLY A C   1 
ATOM   20   O O   . GLY A 1 3   ? 5.479   -0.276  -11.500 1.00 7.30  ? 3   GLY A O   1 
ATOM   21   N N   . GLY A 1 4   ? 7.294   0.997   -11.118 1.00 8.41  ? 4   GLY A N   1 
ATOM   22   C CA  . GLY A 1 4   ? 6.515   2.217   -11.047 1.00 10.72 ? 4   GLY A CA  1 
ATOM   23   C C   . GLY A 1 4   ? 7.239   3.301   -10.269 1.00 9.58  ? 4   GLY A C   1 
ATOM   24   O O   . GLY A 1 4   ? 8.460   3.246   -10.112 1.00 10.68 ? 4   GLY A O   1 
ATOM   25   N N   . THR A 1 5   ? 6.485   4.275   -9.768  1.00 9.46  ? 5   THR A N   1 
ATOM   26   C CA  . THR A 1 5   ? 7.065   5.390   -9.025  1.00 9.19  ? 5   THR A CA  1 
ATOM   27   C C   . THR A 1 5   ? 7.450   5.036   -7.592  1.00 8.16  ? 5   THR A C   1 
ATOM   28   O O   . THR A 1 5   ? 8.169   5.790   -6.937  1.00 7.53  ? 5   THR A O   1 
ATOM   29   C CB  . THR A 1 5   ? 6.107   6.600   -8.996  1.00 10.38 ? 5   THR A CB  1 
ATOM   30   O OG1 . THR A 1 5   ? 4.922   6.263   -8.269  1.00 11.17 ? 5   THR A OG1 1 
ATOM   31   C CG2 . THR A 1 5   ? 5.728   7.000   -10.409 1.00 11.68 ? 5   THR A CG2 1 
ATOM   32   N N   . VAL A 1 6   ? 6.978   3.891   -7.112  1.00 7.22  ? 6   VAL A N   1 
ATOM   33   C CA  . VAL A 1 6   ? 7.302   3.436   -5.763  1.00 7.26  ? 6   VAL A CA  1 
ATOM   34   C C   . VAL A 1 6   ? 8.504   2.495   -5.862  1.00 7.97  ? 6   VAL A C   1 
ATOM   35   O O   . VAL A 1 6   ? 8.519   1.598   -6.696  1.00 6.86  ? 6   VAL A O   1 
ATOM   36   C CB  . VAL A 1 6   ? 6.110   2.678   -5.130  1.00 7.79  ? 6   VAL A CB  1 
ATOM   37   C CG1 . VAL A 1 6   ? 6.410   2.348   -3.678  1.00 6.54  ? 6   VAL A CG1 1 
ATOM   38   C CG2 . VAL A 1 6   ? 4.849   3.525   -5.232  1.00 8.52  ? 6   VAL A CG2 1 
ATOM   39   N N   . SER A 1 7   ? 9.510   2.703   -5.016  1.00 7.57  ? 7   SER A N   1 
ATOM   40   C CA  . SER A 1 7   ? 10.710  1.870   -5.047  1.00 7.46  ? 7   SER A CA  1 
ATOM   41   C C   . SER A 1 7   ? 10.434  0.450   -4.563  1.00 7.37  ? 7   SER A C   1 
ATOM   42   O O   . SER A 1 7   ? 9.482   0.214   -3.819  1.00 7.52  ? 7   SER A O   1 
ATOM   43   C CB  . SER A 1 7   ? 11.809  2.496   -4.185  1.00 9.93  ? 7   SER A CB  1 
ATOM   44   O OG  . SER A 1 7   ? 11.532  2.339   -2.803  1.00 8.02  ? 7   SER A OG  1 
ATOM   45   N N   . GLN A 1 8   ? 11.272  -0.494  -4.981  1.00 8.00  ? 8   GLN A N   1 
ATOM   46   C CA  . GLN A 1 8   ? 11.107  -1.885  -4.575  1.00 9.11  ? 8   GLN A CA  1 
ATOM   47   C C   . GLN A 1 8   ? 11.314  -2.024  -3.072  1.00 8.70  ? 8   GLN A C   1 
ATOM   48   O O   . GLN A 1 8   ? 10.660  -2.844  -2.428  1.00 9.11  ? 8   GLN A O   1 
ATOM   49   C CB  . GLN A 1 8   ? 12.101  -2.787  -5.314  1.00 9.10  ? 8   GLN A CB  1 
ATOM   50   C CG  . GLN A 1 8   ? 11.939  -2.814  -6.831  1.00 11.07 ? 8   GLN A CG  1 
ATOM   51   C CD  . GLN A 1 8   ? 10.687  -3.552  -7.279  1.00 10.64 ? 8   GLN A CD  1 
ATOM   52   O OE1 . GLN A 1 8   ? 10.489  -4.719  -6.941  1.00 11.40 ? 8   GLN A OE1 1 
ATOM   53   N NE2 . GLN A 1 8   ? 9.838   -2.876  -8.045  1.00 10.26 ? 8   GLN A NE2 1 
ATOM   54   N N   . ARG A 1 9   ? 12.227  -1.230  -2.516  1.00 8.67  ? 9   ARG A N   1 
ATOM   55   C CA  . ARG A 1 9   ? 12.497  -1.280  -1.081  1.00 9.50  ? 9   ARG A CA  1 
ATOM   56   C C   . ARG A 1 9   ? 11.290  -0.776  -0.306  1.00 7.88  ? 9   ARG A C   1 
ATOM   57   O O   . ARG A 1 9   ? 10.975  -1.277  0.772   1.00 7.29  ? 9   ARG A O   1 
ATOM   58   C CB  . ARG A 1 9   ? 13.723  -0.435  -0.721  1.00 8.49  ? 9   ARG A CB  1 
ATOM   59   C CG  . ARG A 1 9   ? 15.010  -0.903  -1.373  1.00 13.89 ? 9   ARG A CG  1 
ATOM   60   C CD  . ARG A 1 9   ? 16.221  -0.196  -0.776  1.00 14.35 ? 9   ARG A CD  1 
ATOM   61   N NE  . ARG A 1 9   ? 17.446  -0.536  -1.493  1.00 20.16 ? 9   ARG A NE  1 
ATOM   62   C CZ  . ARG A 1 9   ? 18.669  -0.216  -1.082  1.00 24.05 ? 9   ARG A CZ  1 
ATOM   63   N NH1 . ARG A 1 9   ? 18.835  0.451   0.055   1.00 26.93 ? 9   ARG A NH1 1 
ATOM   64   N NH2 . ARG A 1 9   ? 19.723  -0.554  -1.817  1.00 23.30 ? 9   ARG A NH2 1 
ATOM   65   N N   . CYS A 1 10  ? 10.617  0.223   -0.859  1.00 7.57  ? 10  CYS A N   1 
ATOM   66   C CA  . CYS A 1 10  ? 9.436   0.774   -0.216  1.00 6.79  ? 10  CYS A CA  1 
ATOM   67   C C   . CYS A 1 10  ? 8.309   -0.249  -0.250  1.00 7.13  ? 10  CYS A C   1 
ATOM   68   O O   . CYS A 1 10  ? 7.640   -0.483  0.755   1.00 7.20  ? 10  CYS A O   1 
ATOM   69   C CB  . CYS A 1 10  ? 8.992   2.038   -0.939  1.00 7.91  ? 10  CYS A CB  1 
ATOM   70   S SG  . CYS A 1 10  ? 7.510   2.821   -0.235  1.00 8.31  ? 10  CYS A SG  1 
ATOM   71   N N   . LEU A 1 11  ? 8.105   -0.859  -1.412  1.00 6.30  ? 11  LEU A N   1 
ATOM   72   C CA  . LEU A 1 11  ? 7.057   -1.864  -1.565  1.00 5.86  ? 11  LEU A CA  1 
ATOM   73   C C   . LEU A 1 11  ? 7.316   -3.040  -0.634  1.00 6.92  ? 11  LEU A C   1 
ATOM   74   O O   . LEU A 1 11  ? 6.394   -3.575  -0.025  1.00 6.03  ? 11  LEU A O   1 
ATOM   75   C CB  . LEU A 1 11  ? 6.990   -2.351  -3.016  1.00 5.69  ? 11  LEU A CB  1 
ATOM   76   C CG  . LEU A 1 11  ? 6.423   -1.339  -4.012  1.00 6.34  ? 11  LEU A CG  1 
ATOM   77   C CD1 . LEU A 1 11  ? 6.465   -1.909  -5.421  1.00 5.65  ? 11  LEU A CD1 1 
ATOM   78   C CD2 . LEU A 1 11  ? 4.989   -1.001  -3.623  1.00 6.14  ? 11  LEU A CD2 1 
ATOM   79   N N   . SER A 1 12  ? 8.578   -3.442  -0.525  1.00 7.10  ? 12  SER A N   1 
ATOM   80   C CA  . SER A 1 12  ? 8.939   -4.544  0.352   1.00 7.78  ? 12  SER A CA  1 
ATOM   81   C C   . SER A 1 12  ? 8.576   -4.180  1.789   1.00 7.83  ? 12  SER A C   1 
ATOM   82   O O   . SER A 1 12  ? 7.998   -4.986  2.514   1.00 8.32  ? 12  SER A O   1 
ATOM   83   C CB  . SER A 1 12  ? 10.437  -4.834  0.258   1.00 9.58  ? 12  SER A CB  1 
ATOM   84   O OG  . SER A 1 12  ? 10.785  -5.945  1.064   1.00 11.04 ? 12  SER A OG  1 
ATOM   85   N N   . CYS A 1 13  ? 8.916   -2.960  2.195   1.00 7.67  ? 13  CYS A N   1 
ATOM   86   C CA  . CYS A 1 13  ? 8.615   -2.521  3.550   1.00 8.39  ? 13  CYS A CA  1 
ATOM   87   C C   . CYS A 1 13  ? 7.120   -2.481  3.817   1.00 8.10  ? 13  CYS A C   1 
ATOM   88   O O   . CYS A 1 13  ? 6.667   -2.925  4.867   1.00 7.37  ? 13  CYS A O   1 
ATOM   89   C CB  . CYS A 1 13  ? 9.252   -1.157  3.820   1.00 8.92  ? 13  CYS A CB  1 
ATOM   90   S SG  . CYS A 1 13  ? 11.051  -1.337  3.997   1.00 8.53  ? 13  CYS A SG  1 
ATOM   91   N N   . ILE A 1 14  ? 6.351   -1.968  2.863   1.00 7.39  ? 14  ILE A N   1 
ATOM   92   C CA  . ILE A 1 14  ? 4.910   -1.908  3.038   1.00 6.09  ? 14  ILE A CA  1 
ATOM   93   C C   . ILE A 1 14  ? 4.346   -3.325  3.080   1.00 6.75  ? 14  ILE A C   1 
ATOM   94   O O   . ILE A 1 14  ? 3.486   -3.636  3.905   1.00 7.24  ? 14  ILE A O   1 
ATOM   95   C CB  . ILE A 1 14  ? 4.234   -1.118  1.892   1.00 6.01  ? 14  ILE A CB  1 
ATOM   96   C CG1 . ILE A 1 14  ? 4.706   0.340   1.918   1.00 5.58  ? 14  ILE A CG1 1 
ATOM   97   C CG2 . ILE A 1 14  ? 2.724   -1.193  2.029   1.00 6.61  ? 14  ILE A CG2 1 
ATOM   98   C CD1 . ILE A 1 14  ? 4.233   1.174   0.739   1.00 6.20  ? 14  ILE A CD1 1 
ATOM   99   N N   . CYS A 1 15  ? 4.850   -4.185  2.199   1.00 7.15  ? 15  CYS A N   1 
ATOM   100  C CA  . CYS A 1 15  ? 4.390   -5.565  2.136   1.00 7.39  ? 15  CYS A CA  1 
ATOM   101  C C   . CYS A 1 15  ? 4.634   -6.257  3.475   1.00 6.76  ? 15  CYS A C   1 
ATOM   102  O O   . CYS A 1 15  ? 3.768   -6.970  3.980   1.00 5.72  ? 15  CYS A O   1 
ATOM   103  C CB  . CYS A 1 15  ? 5.106   -6.308  0.997   1.00 8.12  ? 15  CYS A CB  1 
ATOM   104  S SG  . CYS A 1 15  ? 4.390   -7.929  0.557   1.00 7.44  ? 15  CYS A SG  1 
ATOM   105  N N   . LYS A 1 16  ? 5.809   -6.039  4.057   1.00 6.32  ? 16  LYS A N   1 
ATOM   106  C CA  . LYS A 1 16  ? 6.134   -6.648  5.343   1.00 6.18  ? 16  LYS A CA  1 
ATOM   107  C C   . LYS A 1 16  ? 5.257   -6.082  6.458   1.00 6.58  ? 16  LYS A C   1 
ATOM   108  O O   . LYS A 1 16  ? 4.809   -6.808  7.343   1.00 6.11  ? 16  LYS A O   1 
ATOM   109  C CB  . LYS A 1 16  ? 7.607   -6.416  5.677   1.00 6.19  ? 16  LYS A CB  1 
ATOM   110  C CG  . LYS A 1 16  ? 8.572   -7.159  4.772   1.00 6.94  ? 16  LYS A CG  1 
ATOM   111  C CD  . LYS A 1 16  ? 10.008  -6.774  5.105   1.00 10.16 ? 16  LYS A CD  1 
ATOM   112  C CE  . LYS A 1 16  ? 11.001  -7.495  4.210   1.00 15.85 ? 16  LYS A CE  1 
ATOM   113  N NZ  . LYS A 1 16  ? 12.398  -7.050  4.492   1.00 17.48 ? 16  LYS A NZ  1 
ATOM   114  N N   . MET A 1 17  ? 5.015   -4.777  6.404   1.00 6.72  ? 17  MET A N   1 
ATOM   115  C CA  . MET A 1 17  ? 4.191   -4.096  7.397   1.00 7.89  ? 17  MET A CA  1 
ATOM   116  C C   . MET A 1 17  ? 2.752   -4.618  7.411   1.00 7.99  ? 17  MET A C   1 
ATOM   117  O O   . MET A 1 17  ? 2.159   -4.812  8.470   1.00 6.05  ? 17  MET A O   1 
ATOM   118  C CB  . MET A 1 17  ? 4.193   -2.590  7.110   1.00 8.06  ? 17  MET A CB  1 
ATOM   119  C CG  . MET A 1 17  ? 3.265   -1.772  7.990   1.00 7.77  ? 17  MET A CG  1 
ATOM   120  S SD  . MET A 1 17  ? 3.718   -1.863  9.734   1.00 9.51  ? 17  MET A SD  1 
ATOM   121  C CE  . MET A 1 17  ? 2.584   -0.636  10.441  1.00 6.06  ? 17  MET A CE  1 
ATOM   122  N N   . GLU A 1 18  ? 2.203   -4.863  6.227   1.00 7.08  ? 18  GLU A N   1 
ATOM   123  C CA  . GLU A 1 18  ? 0.825   -5.323  6.103   1.00 7.13  ? 18  GLU A CA  1 
ATOM   124  C C   . GLU A 1 18  ? 0.579   -6.799  6.381   1.00 8.11  ? 18  GLU A C   1 
ATOM   125  O O   . GLU A 1 18  ? -0.449  -7.157  6.958   1.00 8.94  ? 18  GLU A O   1 
ATOM   126  C CB  . GLU A 1 18  ? 0.296   -5.010  4.700   1.00 6.72  ? 18  GLU A CB  1 
ATOM   127  C CG  . GLU A 1 18  ? 0.249   -3.533  4.347   1.00 7.90  ? 18  GLU A CG  1 
ATOM   128  C CD  . GLU A 1 18  ? -0.741  -2.755  5.185   1.00 10.17 ? 18  GLU A CD  1 
ATOM   129  O OE1 . GLU A 1 18  ? -1.617  -3.382  5.816   1.00 6.18  ? 18  GLU A OE1 1 
ATOM   130  O OE2 . GLU A 1 18  ? -0.653  -1.510  5.204   1.00 8.97  ? 18  GLU A OE2 1 
ATOM   131  N N   . SER A 1 19  ? 1.513   -7.653  5.977   1.00 7.68  ? 19  SER A N   1 
ATOM   132  C CA  . SER A 1 19  ? 1.325   -9.091  6.139   1.00 6.96  ? 19  SER A CA  1 
ATOM   133  C C   . SER A 1 19  ? 2.615   -9.881  6.306   1.00 6.54  ? 19  SER A C   1 
ATOM   134  O O   . SER A 1 19  ? 2.598   -11.108 6.179   1.00 7.31  ? 19  SER A O   1 
ATOM   135  C CB  . SER A 1 19  ? 0.616   -9.625  4.902   1.00 6.52  ? 19  SER A CB  1 
ATOM   136  O OG  . SER A 1 19  ? 1.452   -9.414  3.764   1.00 7.00  ? 19  SER A OG  1 
ATOM   137  N N   . GLY A 1 20  ? 3.719   -9.199  6.587   1.00 6.64  ? 20  GLY A N   1 
ATOM   138  C CA  . GLY A 1 20  ? 4.990   -9.893  6.700   1.00 6.72  ? 20  GLY A CA  1 
ATOM   139  C C   . GLY A 1 20  ? 5.298   -10.416 5.309   1.00 7.53  ? 20  GLY A C   1 
ATOM   140  O O   . GLY A 1 20  ? 6.082   -11.356 5.127   1.00 4.86  ? 20  GLY A O   1 
ATOM   141  N N   . CYS A 1 21  ? 4.668   -9.762  4.331   1.00 5.99  ? 21  CYS A N   1 
ATOM   142  C CA  . CYS A 1 21  ? 4.747   -10.076 2.904   1.00 7.30  ? 21  CYS A CA  1 
ATOM   143  C C   . CYS A 1 21  ? 4.445   -11.539 2.630   1.00 8.64  ? 21  CYS A C   1 
ATOM   144  O O   . CYS A 1 21  ? 5.296   -12.300 2.156   1.00 7.48  ? 21  CYS A O   1 
ATOM   145  C CB  . CYS A 1 21  ? 6.104   -9.696  2.313   1.00 7.22  ? 21  CYS A CB  1 
ATOM   146  S SG  . CYS A 1 21  ? 5.992   -9.181  0.563   1.00 10.27 ? 21  CYS A SG  1 
ATOM   147  N N   . ARG A 1 22  ? 3.205   -11.911 2.922   1.00 7.96  ? 22  ARG A N   1 
ATOM   148  C CA  . ARG A 1 22  ? 2.717   -13.271 2.739   1.00 9.19  ? 22  ARG A CA  1 
ATOM   149  C C   . ARG A 1 22  ? 1.265   -13.163 2.299   1.00 9.48  ? 22  ARG A C   1 
ATOM   150  O O   . ARG A 1 22  ? 0.626   -12.135 2.516   1.00 7.82  ? 22  ARG A O   1 
ATOM   151  C CB  . ARG A 1 22  ? 2.780   -14.030 4.066   1.00 10.42 ? 22  ARG A CB  1 
ATOM   152  C CG  . ARG A 1 22  ? 4.147   -14.030 4.721   1.00 13.25 ? 22  ARG A CG  1 
ATOM   153  C CD  . ARG A 1 22  ? 4.090   -14.620 6.120   1.00 18.02 ? 22  ARG A CD  1 
ATOM   154  N NE  . ARG A 1 22  ? 5.423   -14.754 6.697   1.00 22.11 ? 22  ARG A NE  1 
ATOM   155  C CZ  . ARG A 1 22  ? 5.671   -15.241 7.908   1.00 22.90 ? 22  ARG A CZ  1 
ATOM   156  N NH1 . ARG A 1 22  ? 4.674   -15.644 8.684   1.00 21.82 ? 22  ARG A NH1 1 
ATOM   157  N NH2 . ARG A 1 22  ? 6.922   -15.335 8.340   1.00 22.43 ? 22  ARG A NH2 1 
ATOM   158  N N   . ASN A 1 23  ? 0.738   -14.214 1.682   1.00 7.95  ? 23  ASN A N   1 
ATOM   159  C CA  . ASN A 1 23  ? -0.657  -14.193 1.261   1.00 8.66  ? 23  ASN A CA  1 
ATOM   160  C C   . ASN A 1 23  ? -1.478  -14.632 2.470   1.00 8.08  ? 23  ASN A C   1 
ATOM   161  O O   . ASN A 1 23  ? -1.870  -15.793 2.590   1.00 8.46  ? 23  ASN A O   1 
ATOM   162  C CB  . ASN A 1 23  ? -0.867  -15.140 0.076   1.00 9.24  ? 23  ASN A CB  1 
ATOM   163  C CG  . ASN A 1 23  ? -2.308  -15.198 -0.373  1.00 11.15 ? 23  ASN A CG  1 
ATOM   164  O OD1 . ASN A 1 23  ? -3.038  -14.209 -0.284  1.00 15.29 ? 23  ASN A OD1 1 
ATOM   165  N ND2 . ASN A 1 23  ? -2.723  -16.354 -0.876  1.00 11.34 ? 23  ASN A ND2 1 
ATOM   166  N N   . VAL A 1 24  ? -1.732  -13.678 3.365   1.00 7.53  ? 24  VAL A N   1 
ATOM   167  C CA  . VAL A 1 24  ? -2.453  -13.927 4.611   1.00 7.01  ? 24  VAL A CA  1 
ATOM   168  C C   . VAL A 1 24  ? -3.977  -13.971 4.567   1.00 8.49  ? 24  VAL A C   1 
ATOM   169  O O   . VAL A 1 24  ? -4.613  -14.301 5.567   1.00 9.21  ? 24  VAL A O   1 
ATOM   170  C CB  . VAL A 1 24  ? -2.056  -12.885 5.678   1.00 7.95  ? 24  VAL A CB  1 
ATOM   171  C CG1 . VAL A 1 24  ? -0.565  -12.966 5.952   1.00 7.86  ? 24  VAL A CG1 1 
ATOM   172  C CG2 . VAL A 1 24  ? -2.432  -11.487 5.203   1.00 8.59  ? 24  VAL A CG2 1 
ATOM   173  N N   . GLY A 1 25  ? -4.572  -13.645 3.429   1.00 7.11  ? 25  GLY A N   1 
ATOM   174  C CA  . GLY A 1 25  ? -6.020  -13.659 3.361   1.00 7.96  ? 25  GLY A CA  1 
ATOM   175  C C   . GLY A 1 25  ? -6.562  -12.310 3.790   1.00 9.11  ? 25  GLY A C   1 
ATOM   176  O O   . GLY A 1 25  ? -5.858  -11.308 3.694   1.00 8.66  ? 25  GLY A O   1 
ATOM   177  N N   . CYS A 1 26  ? -7.794  -12.276 4.289   1.00 9.32  ? 26  CYS A N   1 
ATOM   178  C CA  . CYS A 1 26  ? -8.387  -11.005 4.682   1.00 9.95  ? 26  CYS A CA  1 
ATOM   179  C C   . CYS A 1 26  ? -8.741  -10.854 6.156   1.00 11.11 ? 26  CYS A C   1 
ATOM   180  O O   . CYS A 1 26  ? -8.741  -11.812 6.934   1.00 9.41  ? 26  CYS A O   1 
ATOM   181  C CB  . CYS A 1 26  ? -9.658  -10.742 3.877   1.00 11.15 ? 26  CYS A CB  1 
ATOM   182  S SG  . CYS A 1 26  ? -9.650  -11.177 2.103   1.00 11.95 ? 26  CYS A SG  1 
ATOM   183  N N   . LYS A 1 27  ? -9.061  -9.616  6.512   1.00 12.00 ? 27  LYS A N   1 
ATOM   184  C CA  . LYS A 1 27  ? -9.468  -9.249  7.860   1.00 13.11 ? 27  LYS A CA  1 
ATOM   185  C C   . LYS A 1 27  ? -10.356 -8.016  7.741   1.00 13.28 ? 27  LYS A C   1 
ATOM   186  O O   . LYS A 1 27  ? -10.244 -7.254  6.782   1.00 12.36 ? 27  LYS A O   1 
ATOM   187  C CB  . LYS A 1 27  ? -8.250  -8.932  8.729   1.00 13.42 ? 27  LYS A CB  1 
ATOM   188  C CG  . LYS A 1 27  ? -7.255  -8.000  8.072   1.00 17.47 ? 27  LYS A CG  1 
ATOM   189  C CD  . LYS A 1 27  ? -6.294  -7.407  9.085   1.00 21.65 ? 27  LYS A CD  1 
ATOM   190  C CE  . LYS A 1 27  ? -6.994  -6.369  9.939   1.00 19.13 ? 27  LYS A CE  1 
ATOM   191  N NZ  . LYS A 1 27  ? -6.070  -5.681  10.879  1.00 22.37 ? 27  LYS A NZ  1 
ATOM   192  N N   . MET A 1 28  ? -11.241 -7.832  8.714   1.00 12.73 ? 28  MET A N   1 
ATOM   193  C CA  . MET A 1 28  ? -12.153 -6.698  8.713   1.00 13.34 ? 28  MET A CA  1 
ATOM   194  C C   . MET A 1 28  ? -11.479 -5.475  9.327   1.00 14.24 ? 28  MET A C   1 
ATOM   195  O O   . MET A 1 28  ? -10.875 -5.560  10.396  1.00 13.73 ? 28  MET A O   1 
ATOM   196  C CB  . MET A 1 28  ? -13.414 -7.051  9.507   1.00 13.45 ? 28  MET A CB  1 
ATOM   197  C CG  . MET A 1 28  ? -14.436 -5.930  9.627   1.00 16.32 ? 28  MET A CG  1 
ATOM   198  S SD  . MET A 1 28  ? -15.026 -5.350  8.028   1.00 18.98 ? 28  MET A SD  1 
ATOM   199  C CE  . MET A 1 28  ? -15.843 -6.816  7.402   1.00 15.84 ? 28  MET A CE  1 
ATOM   200  N N   . ASP A 1 29  ? -11.570 -4.343  8.640   1.00 14.36 ? 29  ASP A N   1 
ATOM   201  C CA  . ASP A 1 29  ? -10.982 -3.114  9.151   1.00 15.56 ? 29  ASP A CA  1 
ATOM   202  C C   . ASP A 1 29  ? -11.863 -1.908  8.869   1.00 15.90 ? 29  ASP A C   1 
ATOM   203  O O   . ASP A 1 29  ? -11.966 -1.447  7.731   1.00 13.71 ? 29  ASP A O   1 
ATOM   204  C CB  . ASP A 1 29  ? -9.597  -2.876  8.549   1.00 16.91 ? 29  ASP A CB  1 
ATOM   205  C CG  . ASP A 1 29  ? -8.952  -1.601  9.069   1.00 21.05 ? 29  ASP A CG  1 
ATOM   206  O OD1 . ASP A 1 29  ? -8.640  -1.540  10.277  1.00 21.28 ? 29  ASP A OD1 1 
ATOM   207  O OD2 . ASP A 1 29  ? -8.767  -0.655  8.274   1.00 24.43 ? 29  ASP A OD2 1 
ATOM   208  N N   . MET A 1 30  ? -12.497 -1.404  9.921   1.00 16.47 ? 30  MET A N   1 
ATOM   209  C CA  . MET A 1 30  ? -13.351 -0.231  9.820   1.00 18.69 ? 30  MET A CA  1 
ATOM   210  C C   . MET A 1 30  ? -14.404 -0.299  8.724   1.00 16.40 ? 30  MET A C   1 
ATOM   211  O O   . MET A 1 30  ? -14.522 0.615   7.903   1.00 16.36 ? 30  MET A O   1 
ATOM   212  C CB  . MET A 1 30  ? -12.481 1.012   9.630   1.00 18.89 ? 30  MET A CB  1 
ATOM   213  C CG  . MET A 1 30  ? -11.551 1.282   10.804  1.00 19.72 ? 30  MET A CG  1 
ATOM   214  S SD  . MET A 1 30  ? -12.441 1.759   12.302  1.00 25.06 ? 30  MET A SD  1 
ATOM   215  C CE  . MET A 1 30  ? -12.787 0.188   13.022  1.00 24.01 ? 30  MET A CE  1 
ATOM   216  N N   . GLY A 1 31  ? -15.162 -1.390  8.703   1.00 14.46 ? 31  GLY A N   1 
ATOM   217  C CA  . GLY A 1 31  ? -16.221 -1.520  7.721   1.00 13.10 ? 31  GLY A CA  1 
ATOM   218  C C   . GLY A 1 31  ? -15.966 -2.328  6.466   1.00 13.09 ? 31  GLY A C   1 
ATOM   219  O O   . GLY A 1 31  ? -16.919 -2.750  5.814   1.00 12.52 ? 31  GLY A O   1 
ATOM   220  N N   . SER A 1 32  ? -14.706 -2.547  6.107   1.00 12.41 ? 32  SER A N   1 
ATOM   221  C CA  . SER A 1 32  ? -14.422 -3.319  4.905   1.00 12.30 ? 32  SER A CA  1 
ATOM   222  C C   . SER A 1 32  ? -13.225 -4.246  5.044   1.00 11.31 ? 32  SER A C   1 
ATOM   223  O O   . SER A 1 32  ? -12.300 -3.976  5.805   1.00 12.01 ? 32  SER A O   1 
ATOM   224  C CB  . SER A 1 32  ? -14.199 -2.381  3.717   1.00 13.67 ? 32  SER A CB  1 
ATOM   225  O OG  . SER A 1 32  ? -12.992 -1.665  3.855   1.00 14.82 ? 32  SER A OG  1 
ATOM   226  N N   . LEU A 1 33  ? -13.255 -5.342  4.297   1.00 9.70  ? 33  LEU A N   1 
ATOM   227  C CA  . LEU A 1 33  ? -12.171 -6.319  4.319   1.00 9.45  ? 33  LEU A CA  1 
ATOM   228  C C   . LEU A 1 33  ? -10.921 -5.818  3.594   1.00 8.46  ? 33  LEU A C   1 
ATOM   229  O O   . LEU A 1 33  ? -11.009 -5.217  2.524   1.00 8.13  ? 33  LEU A O   1 
ATOM   230  C CB  . LEU A 1 33  ? -12.622 -7.630  3.659   1.00 8.51  ? 33  LEU A CB  1 
ATOM   231  C CG  . LEU A 1 33  ? -13.635 -8.507  4.396   1.00 12.60 ? 33  LEU A CG  1 
ATOM   232  C CD1 . LEU A 1 33  ? -14.048 -9.666  3.509   1.00 13.84 ? 33  LEU A CD1 1 
ATOM   233  C CD2 . LEU A 1 33  ? -13.023 -9.009  5.686   1.00 13.36 ? 33  LEU A CD2 1 
ATOM   234  N N   . SER A 1 34  ? -9.764  -6.060  4.202   1.00 8.12  ? 34  SER A N   1 
ATOM   235  C CA  . SER A 1 34  ? -8.478  -5.712  3.608   0.50 7.85  ? 34  SER A CA  1 
ATOM   236  C C   . SER A 1 34  ? -7.887  -7.089  3.314   1.00 7.81  ? 34  SER A C   1 
ATOM   237  O O   . SER A 1 34  ? -7.922  -7.968  4.176   1.00 8.70  ? 34  SER A O   1 
ATOM   238  C CB  . SER A 1 34  ? -7.607  -4.940  4.605   0.50 7.48  ? 34  SER A CB  1 
ATOM   239  O OG  . SER A 1 34  ? -7.419  -5.666  5.807   0.50 11.54 ? 34  SER A OG  1 
ATOM   240  N N   . CYS A 1 35  ? -7.349  -7.289  2.113   1.00 7.43  ? 35  CYS A N   1 
ATOM   241  C CA  . CYS A 1 35  ? -6.827  -8.606  1.746   1.00 7.35  ? 35  CYS A CA  1 
ATOM   242  C C   . CYS A 1 35  ? -5.425  -8.737  1.160   1.00 5.85  ? 35  CYS A C   1 
ATOM   243  O O   . CYS A 1 35  ? -4.899  -7.820  0.542   1.00 5.03  ? 35  CYS A O   1 
ATOM   244  C CB  . CYS A 1 35  ? -7.755  -9.263  0.732   1.00 7.72  ? 35  CYS A CB  1 
ATOM   245  S SG  . CYS A 1 35  ? -9.518  -9.393  1.146   1.00 9.37  ? 35  CYS A SG  1 
ATOM   246  N N   . GLY A 1 36  ? -4.854  -9.924  1.345   1.00 6.20  ? 36  GLY A N   1 
ATOM   247  C CA  . GLY A 1 36  ? -3.555  -10.259 0.784   1.00 7.20  ? 36  GLY A CA  1 
ATOM   248  C C   . GLY A 1 36  ? -2.270  -9.598  1.245   1.00 6.49  ? 36  GLY A C   1 
ATOM   249  O O   . GLY A 1 36  ? -2.188  -9.007  2.322   1.00 7.73  ? 36  GLY A O   1 
ATOM   250  N N   . TYR A 1 37  ? -1.255  -9.722  0.392   1.00 6.63  ? 37  TYR A N   1 
ATOM   251  C CA  . TYR A 1 37  ? 0.080   -9.178  0.644   1.00 7.09  ? 37  TYR A CA  1 
ATOM   252  C C   . TYR A 1 37  ? 0.127   -7.733  1.113   1.00 6.22  ? 37  TYR A C   1 
ATOM   253  O O   . TYR A 1 37  ? 0.889   -7.396  2.019   1.00 5.61  ? 37  TYR A O   1 
ATOM   254  C CB  . TYR A 1 37  ? 0.949   -9.289  -0.613  1.00 6.74  ? 37  TYR A CB  1 
ATOM   255  C CG  . TYR A 1 37  ? 1.412   -10.686 -0.934  1.00 6.74  ? 37  TYR A CG  1 
ATOM   256  C CD1 . TYR A 1 37  ? 0.612   -11.558 -1.675  1.00 7.51  ? 37  TYR A CD1 1 
ATOM   257  C CD2 . TYR A 1 37  ? 2.654   -11.141 -0.496  1.00 7.73  ? 37  TYR A CD2 1 
ATOM   258  C CE1 . TYR A 1 37  ? 1.040   -12.849 -1.972  1.00 8.20  ? 37  TYR A CE1 1 
ATOM   259  C CE2 . TYR A 1 37  ? 3.091   -12.433 -0.786  1.00 8.34  ? 37  TYR A CE2 1 
ATOM   260  C CZ  . TYR A 1 37  ? 2.281   -13.279 -1.522  1.00 9.21  ? 37  TYR A CZ  1 
ATOM   261  O OH  . TYR A 1 37  ? 2.711   -14.556 -1.805  1.00 7.93  ? 37  TYR A OH  1 
ATOM   262  N N   . PHE A 1 38  ? -0.662  -6.871  0.476   1.00 4.86  ? 38  PHE A N   1 
ATOM   263  C CA  . PHE A 1 38  ? -0.675  -5.459  0.837   1.00 6.05  ? 38  PHE A CA  1 
ATOM   264  C C   . PHE A 1 38  ? -1.938  -5.018  1.569   1.00 6.11  ? 38  PHE A C   1 
ATOM   265  O O   . PHE A 1 38  ? -2.150  -3.827  1.778   1.00 6.40  ? 38  PHE A O   1 
ATOM   266  C CB  . PHE A 1 38  ? -0.470  -4.590  -0.413  1.00 5.90  ? 38  PHE A CB  1 
ATOM   267  C CG  . PHE A 1 38  ? 0.923   -4.659  -0.975  1.00 3.63  ? 38  PHE A CG  1 
ATOM   268  C CD1 . PHE A 1 38  ? 1.326   -5.743  -1.751  1.00 5.08  ? 38  PHE A CD1 1 
ATOM   269  C CD2 . PHE A 1 38  ? 1.847   -3.657  -0.692  1.00 5.45  ? 38  PHE A CD2 1 
ATOM   270  C CE1 . PHE A 1 38  ? 2.633   -5.830  -2.235  1.00 3.19  ? 38  PHE A CE1 1 
ATOM   271  C CE2 . PHE A 1 38  ? 3.155   -3.733  -1.170  1.00 3.39  ? 38  PHE A CE2 1 
ATOM   272  C CZ  . PHE A 1 38  ? 3.548   -4.821  -1.940  1.00 5.57  ? 38  PHE A CZ  1 
ATOM   273  N N   . GLN A 1 39  ? -2.764  -5.984  1.964   1.00 6.02  ? 39  GLN A N   1 
ATOM   274  C CA  . GLN A 1 39  ? -4.001  -5.697  2.683   1.00 4.89  ? 39  GLN A CA  1 
ATOM   275  C C   . GLN A 1 39  ? -4.815  -4.601  2.009   1.00 5.90  ? 39  GLN A C   1 
ATOM   276  O O   . GLN A 1 39  ? -5.163  -3.590  2.620   1.00 6.74  ? 39  GLN A O   1 
ATOM   277  C CB  . GLN A 1 39  ? -3.678  -5.331  4.132   1.00 3.81  ? 39  GLN A CB  1 
ATOM   278  C CG  . GLN A 1 39  ? -3.186  -6.526  4.934   1.00 3.74  ? 39  GLN A CG  1 
ATOM   279  C CD  . GLN A 1 39  ? -4.292  -7.532  5.190   1.00 6.86  ? 39  GLN A CD  1 
ATOM   280  O OE1 . GLN A 1 39  ? -5.185  -7.293  6.004   1.00 6.65  ? 39  GLN A OE1 1 
ATOM   281  N NE2 . GLN A 1 39  ? -4.247  -8.659  4.483   1.00 6.46  ? 39  GLN A NE2 1 
ATOM   282  N N   . ILE A 1 40  ? -5.118  -4.833  0.738   1.00 6.23  ? 40  ILE A N   1 
ATOM   283  C CA  . ILE A 1 40  ? -5.876  -3.902  -0.081  1.00 6.14  ? 40  ILE A CA  1 
ATOM   284  C C   . ILE A 1 40  ? -7.379  -4.120  0.023   1.00 5.82  ? 40  ILE A C   1 
ATOM   285  O O   . ILE A 1 40  ? -7.864  -5.250  -0.052  1.00 7.26  ? 40  ILE A O   1 
ATOM   286  C CB  . ILE A 1 40  ? -5.433  -4.032  -1.558  1.00 5.33  ? 40  ILE A CB  1 
ATOM   287  C CG1 . ILE A 1 40  ? -3.980  -3.576  -1.693  1.00 5.77  ? 40  ILE A CG1 1 
ATOM   288  C CG2 . ILE A 1 40  ? -6.324  -3.207  -2.462  1.00 6.95  ? 40  ILE A CG2 1 
ATOM   289  C CD1 . ILE A 1 40  ? -3.396  -3.803  -3.066  1.00 9.90  ? 40  ILE A CD1 1 
ATOM   290  N N   . LYS A 1 41  ? -8.108  -3.029  0.221   1.00 5.99  ? 41  LYS A N   1 
ATOM   291  C CA  . LYS A 1 41  ? -9.560  -3.083  0.307   1.00 5.95  ? 41  LYS A CA  1 
ATOM   292  C C   . LYS A 1 41  ? -10.128 -2.979  -1.108  1.00 6.41  ? 41  LYS A C   1 
ATOM   293  O O   . LYS A 1 41  ? -9.442  -2.527  -2.032  1.00 7.18  ? 41  LYS A O   1 
ATOM   294  C CB  . LYS A 1 41  ? -10.069 -1.935  1.175   1.00 7.49  ? 41  LYS A CB  1 
ATOM   295  C CG  . LYS A 1 41  ? -9.567  -1.995  2.606   1.00 6.99  ? 41  LYS A CG  1 
ATOM   296  C CD  . LYS A 1 41  ? -10.043 -0.793  3.408   1.00 9.04  ? 41  LYS A CD  1 
ATOM   297  C CE  . LYS A 1 41  ? -9.732  -0.966  4.887   1.00 12.32 ? 41  LYS A CE  1 
ATOM   298  N NZ  . LYS A 1 41  ? -10.430 -2.159  5.446   1.00 15.49 ? 41  LYS A NZ  1 
ATOM   299  N N   . GLU A 1 42  ? -11.380 -3.392  -1.283  1.00 6.76  ? 42  GLU A N   1 
ATOM   300  C CA  . GLU A 1 42  ? -12.004 -3.360  -2.602  1.00 7.83  ? 42  GLU A CA  1 
ATOM   301  C C   . GLU A 1 42  ? -12.007 -1.985  -3.267  1.00 7.72  ? 42  GLU A C   1 
ATOM   302  O O   . GLU A 1 42  ? -11.741 -1.876  -4.463  1.00 7.39  ? 42  GLU A O   1 
ATOM   303  C CB  . GLU A 1 42  ? -13.441 -3.893  -2.521  1.00 6.98  ? 42  GLU A CB  1 
ATOM   304  C CG  . GLU A 1 42  ? -14.163 -3.941  -3.860  1.00 8.67  ? 42  GLU A CG  1 
ATOM   305  C CD  . GLU A 1 42  ? -15.550 -4.545  -3.753  1.00 12.05 ? 42  GLU A CD  1 
ATOM   306  O OE1 . GLU A 1 42  ? -16.302 -4.156  -2.835  1.00 14.67 ? 42  GLU A OE1 1 
ATOM   307  O OE2 . GLU A 1 42  ? -15.894 -5.405  -4.590  1.00 16.41 ? 42  GLU A OE2 1 
ATOM   308  N N   . ALA A 1 43  ? -12.306 -0.938  -2.501  1.00 7.87  ? 43  ALA A N   1 
ATOM   309  C CA  . ALA A 1 43  ? -12.346 0.415   -3.055  1.00 8.52  ? 43  ALA A CA  1 
ATOM   310  C C   . ALA A 1 43  ? -10.989 0.834   -3.608  1.00 7.12  ? 43  ALA A C   1 
ATOM   311  O O   . ALA A 1 43  ? -10.904 1.510   -4.632  1.00 7.03  ? 43  ALA A O   1 
ATOM   312  C CB  . ALA A 1 43  ? -12.799 1.402   -1.988  1.00 9.28  ? 43  ALA A CB  1 
ATOM   313  N N   . TYR A 1 44  ? -9.930  0.437   -2.912  1.00 6.46  ? 44  TYR A N   1 
ATOM   314  C CA  . TYR A 1 44  ? -8.562  0.751   -3.313  1.00 6.71  ? 44  TYR A CA  1 
ATOM   315  C C   . TYR A 1 44  ? -8.277  0.025   -4.627  1.00 7.68  ? 44  TYR A C   1 
ATOM   316  O O   . TYR A 1 44  ? -7.703  0.592   -5.561  1.00 6.71  ? 44  TYR A O   1 
ATOM   317  C CB  . TYR A 1 44  ? -7.603  0.280   -2.211  1.00 7.24  ? 44  TYR A CB  1 
ATOM   318  C CG  . TYR A 1 44  ? -6.134  0.619   -2.386  1.00 6.62  ? 44  TYR A CG  1 
ATOM   319  C CD1 . TYR A 1 44  ? -5.329  -0.103  -3.260  1.00 4.27  ? 44  TYR A CD1 1 
ATOM   320  C CD2 . TYR A 1 44  ? -5.536  1.620   -1.617  1.00 6.77  ? 44  TYR A CD2 1 
ATOM   321  C CE1 . TYR A 1 44  ? -3.957  0.150   -3.361  1.00 4.83  ? 44  TYR A CE1 1 
ATOM   322  C CE2 . TYR A 1 44  ? -4.168  1.886   -1.710  1.00 4.65  ? 44  TYR A CE2 1 
ATOM   323  C CZ  . TYR A 1 44  ? -3.383  1.143   -2.580  1.00 3.66  ? 44  TYR A CZ  1 
ATOM   324  O OH  . TYR A 1 44  ? -2.026  1.376   -2.655  1.00 8.34  ? 44  TYR A OH  1 
ATOM   325  N N   . TRP A 1 45  ? -8.700  -1.232  -4.687  1.00 6.62  ? 45  TRP A N   1 
ATOM   326  C CA  . TRP A 1 45  ? -8.508  -2.058  -5.866  1.00 7.34  ? 45  TRP A CA  1 
ATOM   327  C C   . TRP A 1 45  ? -9.243  -1.464  -7.063  1.00 8.21  ? 45  TRP A C   1 
ATOM   328  O O   . TRP A 1 45  ? -8.756  -1.523  -8.187  1.00 7.32  ? 45  TRP A O   1 
ATOM   329  C CB  . TRP A 1 45  ? -9.013  -3.473  -5.588  1.00 8.58  ? 45  TRP A CB  1 
ATOM   330  C CG  . TRP A 1 45  ? -8.947  -4.375  -6.770  1.00 8.65  ? 45  TRP A CG  1 
ATOM   331  C CD1 . TRP A 1 45  ? -7.834  -4.966  -7.295  1.00 9.33  ? 45  TRP A CD1 1 
ATOM   332  C CD2 . TRP A 1 45  ? -10.046 -4.786  -7.583  1.00 9.20  ? 45  TRP A CD2 1 
ATOM   333  N NE1 . TRP A 1 45  ? -8.176  -5.726  -8.389  1.00 10.81 ? 45  TRP A NE1 1 
ATOM   334  C CE2 . TRP A 1 45  ? -9.528  -5.632  -8.590  1.00 10.71 ? 45  TRP A CE2 1 
ATOM   335  C CE3 . TRP A 1 45  ? -11.421 -4.520  -7.562  1.00 11.68 ? 45  TRP A CE3 1 
ATOM   336  C CZ2 . TRP A 1 45  ? -10.341 -6.219  -9.570  1.00 11.25 ? 45  TRP A CZ2 1 
ATOM   337  C CZ3 . TRP A 1 45  ? -12.230 -5.103  -8.538  1.00 11.06 ? 45  TRP A CZ3 1 
ATOM   338  C CH2 . TRP A 1 45  ? -11.683 -5.942  -9.528  1.00 9.14  ? 45  TRP A CH2 1 
ATOM   339  N N   . ILE A 1 46  ? -10.425 -0.907  -6.815  1.00 7.09  ? 46  ILE A N   1 
ATOM   340  C CA  . ILE A 1 46  ? -11.206 -0.283  -7.875  1.00 8.22  ? 46  ILE A CA  1 
ATOM   341  C C   . ILE A 1 46  ? -10.453 0.955   -8.353  1.00 7.00  ? 46  ILE A C   1 
ATOM   342  O O   . ILE A 1 46  ? -10.258 1.153   -9.551  1.00 7.39  ? 46  ILE A O   1 
ATOM   343  C CB  . ILE A 1 46  ? -12.603 0.139   -7.365  1.00 7.57  ? 46  ILE A CB  1 
ATOM   344  C CG1 . ILE A 1 46  ? -13.435 -1.106  -7.053  1.00 9.50  ? 46  ILE A CG1 1 
ATOM   345  C CG2 . ILE A 1 46  ? -13.298 1.030   -8.389  1.00 10.20 ? 46  ILE A CG2 1 
ATOM   346  C CD1 . ILE A 1 46  ? -14.831 -0.803  -6.548  1.00 10.29 ? 46  ILE A CD1 1 
ATOM   347  N N   . ASP A 1 47  ? -10.009 1.775   -7.405  1.00 6.18  ? 47  ASP A N   1 
ATOM   348  C CA  . ASP A 1 47  ? -9.290  2.997   -7.746  1.00 8.33  ? 47  ASP A CA  1 
ATOM   349  C C   . ASP A 1 47  ? -7.958  2.768   -8.466  1.00 8.34  ? 47  ASP A C   1 
ATOM   350  O O   . ASP A 1 47  ? -7.522  3.626   -9.232  1.00 8.66  ? 47  ASP A O   1 
ATOM   351  C CB  . ASP A 1 47  ? -9.075  3.852   -6.487  1.00 7.85  ? 47  ASP A CB  1 
ATOM   352  C CG  . ASP A 1 47  ? -10.308 4.674   -6.114  1.00 8.96  ? 47  ASP A CG  1 
ATOM   353  O OD1 . ASP A 1 47  ? -11.414 4.366   -6.610  1.00 8.27  ? 47  ASP A OD1 1 
ATOM   354  O OD2 . ASP A 1 47  ? -10.174 5.629   -5.313  1.00 8.43  ? 47  ASP A OD2 1 
ATOM   355  N N   . CYS A 1 48  ? -7.308  1.627   -8.236  1.00 7.68  ? 48  CYS A N   1 
ATOM   356  C CA  . CYS A 1 48  ? -6.035  1.365   -8.910  1.00 7.89  ? 48  CYS A CA  1 
ATOM   357  C C   . CYS A 1 48  ? -6.225  0.711   -10.279 1.00 7.87  ? 48  CYS A C   1 
ATOM   358  O O   . CYS A 1 48  ? -5.261  0.254   -10.892 1.00 8.94  ? 48  CYS A O   1 
ATOM   359  C CB  . CYS A 1 48  ? -5.109  0.494   -8.047  1.00 7.54  ? 48  CYS A CB  1 
ATOM   360  S SG  . CYS A 1 48  ? -5.638  -1.235  -7.890  1.00 8.31  ? 48  CYS A SG  1 
ATOM   361  N N   . GLY A 1 49  ? -7.468  0.651   -10.751 1.00 8.37  ? 49  GLY A N   1 
ATOM   362  C CA  . GLY A 1 49  ? -7.727  0.095   -12.072 1.00 8.15  ? 49  GLY A CA  1 
ATOM   363  C C   . GLY A 1 49  ? -8.241  -1.327  -12.202 1.00 8.45  ? 49  GLY A C   1 
ATOM   364  O O   . GLY A 1 49  ? -8.194  -1.901  -13.293 1.00 7.76  ? 49  GLY A O   1 
ATOM   365  N N   . ARG A 1 50  ? -8.727  -1.905  -11.111 1.00 7.78  ? 50  ARG A N   1 
ATOM   366  C CA  . ARG A 1 50  ? -9.249  -3.268  -11.153 1.00 8.37  ? 50  ARG A CA  1 
ATOM   367  C C   . ARG A 1 50  ? -8.301  -4.273  -11.817 1.00 8.34  ? 50  ARG A C   1 
ATOM   368  O O   . ARG A 1 50  ? -8.719  -5.060  -12.670 1.00 7.15  ? 50  ARG A O   1 
ATOM   369  C CB  . ARG A 1 50  ? -10.591 -3.294  -11.894 1.00 9.31  ? 50  ARG A CB  1 
ATOM   370  C CG  . ARG A 1 50  ? -11.713 -2.495  -11.245 1.00 9.71  ? 50  ARG A CG  1 
ATOM   371  C CD  . ARG A 1 50  ? -13.039 -2.779  -11.946 1.00 10.85 ? 50  ARG A CD  1 
ATOM   372  N NE  . ARG A 1 50  ? -14.189 -2.268  -11.205 1.00 15.87 ? 50  ARG A NE  1 
ATOM   373  C CZ  . ARG A 1 50  ? -14.552 -0.991  -11.153 1.00 19.90 ? 50  ARG A CZ  1 
ATOM   374  N NH1 . ARG A 1 50  ? -13.857 -0.068  -11.807 1.00 20.17 ? 50  ARG A NH1 1 
ATOM   375  N NH2 . ARG A 1 50  ? -15.616 -0.636  -10.442 1.00 17.17 ? 50  ARG A NH2 1 
ATOM   376  N N   . PRO A 1 51  ? -7.013  -4.266  -11.436 1.00 8.23  ? 51  PRO A N   1 
ATOM   377  C CA  . PRO A 1 51  ? -6.069  -5.213  -12.044 1.00 8.44  ? 51  PRO A CA  1 
ATOM   378  C C   . PRO A 1 51  ? -6.316  -6.662  -11.625 1.00 8.10  ? 51  PRO A C   1 
ATOM   379  O O   . PRO A 1 51  ? -6.985  -6.925  -10.620 1.00 7.90  ? 51  PRO A O   1 
ATOM   380  C CB  . PRO A 1 51  ? -4.713  -4.692  -11.575 1.00 7.79  ? 51  PRO A CB  1 
ATOM   381  C CG  . PRO A 1 51  ? -5.021  -4.121  -10.237 1.00 8.81  ? 51  PRO A CG  1 
ATOM   382  C CD  . PRO A 1 51  ? -6.322  -3.376  -10.485 1.00 8.18  ? 51  PRO A CD  1 
ATOM   383  N N   . GLY A 1 52  ? -5.777  -7.600  -12.399 1.00 7.43  ? 52  GLY A N   1 
ATOM   384  C CA  . GLY A 1 52  ? -5.961  -9.008  -12.083 1.00 6.50  ? 52  GLY A CA  1 
ATOM   385  C C   . GLY A 1 52  ? -7.318  -9.517  -12.527 1.00 7.31  ? 52  GLY A C   1 
ATOM   386  O O   . GLY A 1 52  ? -8.082  -8.787  -13.165 1.00 8.00  ? 52  GLY A O   1 
ATOM   387  N N   . SER A 1 53  ? -7.627  -10.764 -12.180 1.00 7.64  ? 53  SER A N   1 
ATOM   388  C CA  . SER A 1 53  ? -8.901  -11.366 -12.560 1.00 8.40  ? 53  SER A CA  1 
ATOM   389  C C   . SER A 1 53  ? -10.036 -11.002 -11.603 1.00 8.54  ? 53  SER A C   1 
ATOM   390  O O   . SER A 1 53  ? -11.216 -11.151 -11.935 1.00 8.07  ? 53  SER A O   1 
ATOM   391  C CB  . SER A 1 53  ? -8.744  -12.887 -12.656 1.00 8.50  ? 53  SER A CB  1 
ATOM   392  O OG  . SER A 1 53  ? -8.144  -13.420 -11.489 1.00 8.12  ? 53  SER A OG  1 
ATOM   393  N N   . SER A 1 54  ? -9.676  -10.523 -10.417 1.00 7.96  ? 54  SER A N   1 
ATOM   394  C CA  . SER A 1 54  ? -10.653 -10.111 -9.416  1.00 7.49  ? 54  SER A CA  1 
ATOM   395  C C   . SER A 1 54  ? -9.918  -9.432  -8.267  1.00 8.42  ? 54  SER A C   1 
ATOM   396  O O   . SER A 1 54  ? -8.690  -9.470  -8.197  1.00 6.67  ? 54  SER A O   1 
ATOM   397  C CB  . SER A 1 54  ? -11.440 -11.314 -8.885  1.00 7.57  ? 54  SER A CB  1 
ATOM   398  O OG  . SER A 1 54  ? -10.615 -12.170 -8.116  1.00 7.97  ? 54  SER A OG  1 
ATOM   399  N N   . TRP A 1 55  ? -10.672 -8.812  -7.368  1.00 7.68  ? 55  TRP A N   1 
ATOM   400  C CA  . TRP A 1 55  ? -10.081 -8.121  -6.226  1.00 8.78  ? 55  TRP A CA  1 
ATOM   401  C C   . TRP A 1 55  ? -9.277  -9.043  -5.316  1.00 8.89  ? 55  TRP A C   1 
ATOM   402  O O   . TRP A 1 55  ? -8.102  -8.793  -5.055  1.00 8.75  ? 55  TRP A O   1 
ATOM   403  C CB  . TRP A 1 55  ? -11.181 -7.414  -5.427  1.00 9.25  ? 55  TRP A CB  1 
ATOM   404  C CG  . TRP A 1 55  ? -10.811 -7.055  -4.012  1.00 8.42  ? 55  TRP A CG  1 
ATOM   405  C CD1 . TRP A 1 55  ? -9.631  -6.521  -3.575  1.00 7.29  ? 55  TRP A CD1 1 
ATOM   406  C CD2 . TRP A 1 55  ? -11.647 -7.178  -2.855  1.00 9.05  ? 55  TRP A CD2 1 
ATOM   407  N NE1 . TRP A 1 55  ? -9.682  -6.306  -2.214  1.00 7.37  ? 55  TRP A NE1 1 
ATOM   408  C CE2 . TRP A 1 55  ? -10.909 -6.701  -1.750  1.00 9.29  ? 55  TRP A CE2 1 
ATOM   409  C CE3 . TRP A 1 55  ? -12.953 -7.645  -2.645  1.00 11.28 ? 55  TRP A CE3 1 
ATOM   410  C CZ2 . TRP A 1 55  ? -11.432 -6.679  -0.453  1.00 10.34 ? 55  TRP A CZ2 1 
ATOM   411  C CZ3 . TRP A 1 55  ? -13.471 -7.623  -1.355  1.00 8.98  ? 55  TRP A CZ3 1 
ATOM   412  C CH2 . TRP A 1 55  ? -12.709 -7.143  -0.275  1.00 9.68  ? 55  TRP A CH2 1 
ATOM   413  N N   . LYS A 1 56  ? -9.907  -10.107 -4.833  1.00 9.04  ? 56  LYS A N   1 
ATOM   414  C CA  . LYS A 1 56  ? -9.224  -11.032 -3.941  1.00 9.43  ? 56  LYS A CA  1 
ATOM   415  C C   . LYS A 1 56  ? -8.139  -11.846 -4.638  1.00 8.03  ? 56  LYS A C   1 
ATOM   416  O O   . LYS A 1 56  ? -7.137  -12.199 -4.024  1.00 7.70  ? 56  LYS A O   1 
ATOM   417  C CB  . LYS A 1 56  ? -10.247 -11.945 -3.263  1.00 10.07 ? 56  LYS A CB  1 
ATOM   418  C CG  . LYS A 1 56  ? -11.159 -11.178 -2.306  1.00 12.62 ? 56  LYS A CG  1 
ATOM   419  C CD  . LYS A 1 56  ? -12.322 -12.013 -1.801  1.00 15.90 ? 56  LYS A CD  1 
ATOM   420  C CE  . LYS A 1 56  ? -13.240 -11.165 -0.927  1.00 14.78 ? 56  LYS A CE  1 
ATOM   421  N NZ  . LYS A 1 56  ? -14.486 -11.896 -0.543  1.00 18.88 ? 56  LYS A NZ  1 
ATOM   422  N N   . SER A 1 57  ? -8.326  -12.142 -5.919  1.00 8.01  ? 57  SER A N   1 
ATOM   423  C CA  . SER A 1 57  ? -7.313  -12.894 -6.652  1.00 7.76  ? 57  SER A CA  1 
ATOM   424  C C   . SER A 1 57  ? -6.065  -12.028 -6.774  1.00 8.06  ? 57  SER A C   1 
ATOM   425  O O   . SER A 1 57  ? -4.941  -12.488 -6.559  1.00 8.20  ? 57  SER A O   1 
ATOM   426  C CB  . SER A 1 57  ? -7.811  -13.256 -8.049  1.00 5.98  ? 57  SER A CB  1 
ATOM   427  O OG  . SER A 1 57  ? -6.782  -13.880 -8.793  1.00 8.69  ? 57  SER A OG  1 
ATOM   428  N N   . CYS A 1 58  ? -6.278  -10.768 -7.131  1.00 7.75  ? 58  CYS A N   1 
ATOM   429  C CA  . CYS A 1 58  ? -5.186  -9.814  -7.277  1.00 7.96  ? 58  CYS A CA  1 
ATOM   430  C C   . CYS A 1 58  ? -4.481  -9.577  -5.948  1.00 8.01  ? 58  CYS A C   1 
ATOM   431  O O   . CYS A 1 58  ? -3.257  -9.552  -5.881  1.00 7.36  ? 58  CYS A O   1 
ATOM   432  C CB  . CYS A 1 58  ? -5.723  -8.486  -7.797  1.00 6.17  ? 58  CYS A CB  1 
ATOM   433  S SG  . CYS A 1 58  ? -4.465  -7.182  -7.979  1.00 7.24  ? 58  CYS A SG  1 
ATOM   434  N N   . ALA A 1 59  ? -5.266  -9.399  -4.891  1.00 8.74  ? 59  ALA A N   1 
ATOM   435  C CA  . ALA A 1 59  ? -4.707  -9.148  -3.569  1.00 7.81  ? 59  ALA A CA  1 
ATOM   436  C C   . ALA A 1 59  ? -3.814  -10.288 -3.101  1.00 8.84  ? 59  ALA A C   1 
ATOM   437  O O   . ALA A 1 59  ? -2.850  -10.065 -2.367  1.00 7.62  ? 59  ALA A O   1 
ATOM   438  C CB  . ALA A 1 59  ? -5.829  -8.934  -2.569  1.00 9.37  ? 59  ALA A CB  1 
ATOM   439  N N   . ALA A 1 60  ? -4.137  -11.505 -3.529  1.00 8.25  ? 60  ALA A N   1 
ATOM   440  C CA  . ALA A 1 60  ? -3.378  -12.689 -3.131  1.00 8.22  ? 60  ALA A CA  1 
ATOM   441  C C   . ALA A 1 60  ? -2.114  -12.886 -3.959  1.00 8.24  ? 60  ALA A C   1 
ATOM   442  O O   . ALA A 1 60  ? -1.374  -13.851 -3.756  1.00 9.64  ? 60  ALA A O   1 
ATOM   443  C CB  . ALA A 1 60  ? -4.263  -13.928 -3.230  1.00 7.75  ? 60  ALA A CB  1 
ATOM   444  N N   . SER A 1 61  ? -1.884  -11.976 -4.900  1.00 8.06  ? 61  SER A N   1 
ATOM   445  C CA  . SER A 1 61  ? -0.705  -12.020 -5.758  1.00 7.43  ? 61  SER A CA  1 
ATOM   446  C C   . SER A 1 61  ? 0.205   -10.865 -5.363  1.00 7.45  ? 61  SER A C   1 
ATOM   447  O O   . SER A 1 61  ? -0.238  -9.718  -5.316  1.00 6.62  ? 61  SER A O   1 
ATOM   448  C CB  . SER A 1 61  ? -1.108  -11.864 -7.224  1.00 7.46  ? 61  SER A CB  1 
ATOM   449  O OG  . SER A 1 61  ? 0.026   -11.573 -8.028  1.00 7.70  ? 61  SER A OG  1 
ATOM   450  N N   . SER A 1 62  ? 1.465   -11.158 -5.061  1.00 7.09  ? 62  SER A N   1 
ATOM   451  C CA  . SER A 1 62  ? 2.396   -10.106 -4.671  1.00 7.28  ? 62  SER A CA  1 
ATOM   452  C C   . SER A 1 62  ? 2.590   -9.131  -5.824  1.00 7.03  ? 62  SER A C   1 
ATOM   453  O O   . SER A 1 62  ? 2.690   -7.917  -5.617  1.00 6.59  ? 62  SER A O   1 
ATOM   454  C CB  . SER A 1 62  ? 3.746   -10.706 -4.259  1.00 8.46  ? 62  SER A CB  1 
ATOM   455  O OG  . SER A 1 62  ? 4.332   -11.439 -5.323  1.00 10.01 ? 62  SER A OG  1 
ATOM   456  N N   . TYR A 1 63  ? 2.625   -9.663  -7.044  1.00 5.68  ? 63  TYR A N   1 
ATOM   457  C CA  . TYR A 1 63  ? 2.815   -8.823  -8.222  1.00 6.11  ? 63  TYR A CA  1 
ATOM   458  C C   . TYR A 1 63  ? 1.603   -7.944  -8.516  1.00 6.53  ? 63  TYR A C   1 
ATOM   459  O O   . TYR A 1 63  ? 1.739   -6.733  -8.697  1.00 6.23  ? 63  TYR A O   1 
ATOM   460  C CB  . TYR A 1 63  ? 3.115   -9.671  -9.462  1.00 6.07  ? 63  TYR A CB  1 
ATOM   461  C CG  . TYR A 1 63  ? 3.523   -8.833  -10.654 1.00 4.38  ? 63  TYR A CG  1 
ATOM   462  C CD1 . TYR A 1 63  ? 4.859   -8.478  -10.857 1.00 6.70  ? 63  TYR A CD1 1 
ATOM   463  C CD2 . TYR A 1 63  ? 2.568   -8.322  -11.533 1.00 5.53  ? 63  TYR A CD2 1 
ATOM   464  C CE1 . TYR A 1 63  ? 5.232   -7.632  -11.902 1.00 4.83  ? 63  TYR A CE1 1 
ATOM   465  C CE2 . TYR A 1 63  ? 2.931   -7.471  -12.576 1.00 3.91  ? 63  TYR A CE2 1 
ATOM   466  C CZ  . TYR A 1 63  ? 4.262   -7.129  -12.754 1.00 6.70  ? 63  TYR A CZ  1 
ATOM   467  O OH  . TYR A 1 63  ? 4.619   -6.263  -13.767 1.00 7.71  ? 63  TYR A OH  1 
ATOM   468  N N   . CYS A 1 64  ? 0.422   -8.554  -8.583  1.00 6.59  ? 64  CYS A N   1 
ATOM   469  C CA  . CYS A 1 64  ? -0.786  -7.796  -8.869  1.00 6.20  ? 64  CYS A CA  1 
ATOM   470  C C   . CYS A 1 64  ? -1.045  -6.766  -7.784  1.00 5.36  ? 64  CYS A C   1 
ATOM   471  O O   . CYS A 1 64  ? -1.395  -5.622  -8.075  1.00 6.29  ? 64  CYS A O   1 
ATOM   472  C CB  . CYS A 1 64  ? -2.011  -8.707  -8.991  1.00 7.31  ? 64  CYS A CB  1 
ATOM   473  S SG  . CYS A 1 64  ? -3.448  -7.783  -9.638  1.00 8.81  ? 64  CYS A SG  1 
ATOM   474  N N   . ALA A 1 65  ? -0.885  -7.175  -6.531  1.00 6.13  ? 65  ALA A N   1 
ATOM   475  C CA  . ALA A 1 65  ? -1.105  -6.267  -5.417  1.00 5.77  ? 65  ALA A CA  1 
ATOM   476  C C   . ALA A 1 65  ? -0.132  -5.094  -5.498  1.00 5.95  ? 65  ALA A C   1 
ATOM   477  O O   . ALA A 1 65  ? -0.520  -3.944  -5.294  1.00 5.76  ? 65  ALA A O   1 
ATOM   478  C CB  . ALA A 1 65  ? -0.935  -7.010  -4.097  1.00 5.33  ? 65  ALA A CB  1 
ATOM   479  N N   . SER A 1 66  ? 1.134   -5.377  -5.800  1.00 5.68  ? 66  SER A N   1 
ATOM   480  C CA  . SER A 1 66  ? 2.120   -4.307  -5.893  1.00 5.31  ? 66  SER A CA  1 
ATOM   481  C C   . SER A 1 66  ? 1.843   -3.407  -7.090  1.00 5.51  ? 66  SER A C   1 
ATOM   482  O O   . SER A 1 66  ? 2.124   -2.214  -7.049  1.00 5.14  ? 66  SER A O   1 
ATOM   483  C CB  . SER A 1 66  ? 3.546   -4.869  -5.965  1.00 6.04  ? 66  SER A CB  1 
ATOM   484  O OG  . SER A 1 66  ? 3.742   -5.676  -7.112  1.00 8.10  ? 66  SER A OG  1 
ATOM   485  N N   . LEU A 1 67  ? 1.280   -3.962  -8.158  1.00 5.97  ? 67  LEU A N   1 
ATOM   486  C CA  . LEU A 1 67  ? 0.972   -3.140  -9.322  1.00 6.17  ? 67  LEU A CA  1 
ATOM   487  C C   . LEU A 1 67  ? -0.156  -2.187  -8.945  1.00 5.83  ? 67  LEU A C   1 
ATOM   488  O O   . LEU A 1 67  ? -0.178  -1.033  -9.357  1.00 6.02  ? 67  LEU A O   1 
ATOM   489  C CB  . LEU A 1 67  ? 0.540   -4.007  -10.505 1.00 6.10  ? 67  LEU A CB  1 
ATOM   490  C CG  . LEU A 1 67  ? 0.131   -3.244  -11.769 1.00 5.00  ? 67  LEU A CG  1 
ATOM   491  C CD1 . LEU A 1 67  ? 1.297   -2.417  -12.294 1.00 7.03  ? 67  LEU A CD1 1 
ATOM   492  C CD2 . LEU A 1 67  ? -0.336  -4.231  -12.813 1.00 7.86  ? 67  LEU A CD2 1 
ATOM   493  N N   . CYS A 1 68  ? -1.095  -2.688  -8.153  1.00 7.01  ? 68  CYS A N   1 
ATOM   494  C CA  . CYS A 1 68  ? -2.229  -1.889  -7.714  1.00 6.38  ? 68  CYS A CA  1 
ATOM   495  C C   . CYS A 1 68  ? -1.726  -0.708  -6.889  1.00 6.69  ? 68  CYS A C   1 
ATOM   496  O O   . CYS A 1 68  ? -2.226  0.410   -7.022  1.00 7.30  ? 68  CYS A O   1 
ATOM   497  C CB  . CYS A 1 68  ? -3.176  -2.763  -6.894  1.00 6.14  ? 68  CYS A CB  1 
ATOM   498  S SG  . CYS A 1 68  ? -4.670  -1.947  -6.252  1.00 7.14  ? 68  CYS A SG  1 
ATOM   499  N N   . VAL A 1 69  ? -0.734  -0.961  -6.039  1.00 7.11  ? 69  VAL A N   1 
ATOM   500  C CA  . VAL A 1 69  ? -0.155  0.093   -5.214  1.00 6.57  ? 69  VAL A CA  1 
ATOM   501  C C   . VAL A 1 69  ? 0.517   1.105   -6.138  1.00 6.48  ? 69  VAL A C   1 
ATOM   502  O O   . VAL A 1 69  ? 0.356   2.310   -5.968  1.00 5.75  ? 69  VAL A O   1 
ATOM   503  C CB  . VAL A 1 69  ? 0.894   -0.473  -4.223  1.00 6.12  ? 69  VAL A CB  1 
ATOM   504  C CG1 . VAL A 1 69  ? 1.590   0.663   -3.483  1.00 5.94  ? 69  VAL A CG1 1 
ATOM   505  C CG2 . VAL A 1 69  ? 0.213   -1.402  -3.233  1.00 5.61  ? 69  VAL A CG2 1 
ATOM   506  N N   . GLN A 1 70  ? 1.265   0.609   -7.121  1.00 7.77  ? 70  GLN A N   1 
ATOM   507  C CA  . GLN A 1 70  ? 1.945   1.482   -8.071  1.00 7.42  ? 70  GLN A CA  1 
ATOM   508  C C   . GLN A 1 70  ? 0.934   2.385   -8.769  1.00 6.87  ? 70  GLN A C   1 
ATOM   509  O O   . GLN A 1 70  ? 1.140   3.586   -8.867  1.00 7.91  ? 70  GLN A O   1 
ATOM   510  C CB  . GLN A 1 70  ? 2.700   0.653   -9.116  1.00 8.22  ? 70  GLN A CB  1 
ATOM   511  C CG  . GLN A 1 70  ? 3.899   -0.099  -8.562  1.00 5.72  ? 70  GLN A CG  1 
ATOM   512  C CD  . GLN A 1 70  ? 5.087   0.805   -8.287  1.00 6.69  ? 70  GLN A CD  1 
ATOM   513  O OE1 . GLN A 1 70  ? 4.948   2.027   -8.184  1.00 8.30  ? 70  GLN A OE1 1 
ATOM   514  N NE2 . GLN A 1 70  ? 6.264   0.205   -8.160  1.00 7.63  ? 70  GLN A NE2 1 
ATOM   515  N N   . ASN A 1 71  ? -0.161  1.802   -9.252  1.00 8.63  ? 71  ASN A N   1 
ATOM   516  C CA  . ASN A 1 71  ? -1.191  2.576   -9.940  1.00 7.46  ? 71  ASN A CA  1 
ATOM   517  C C   . ASN A 1 71  ? -1.919  3.546   -9.007  1.00 7.71  ? 71  ASN A C   1 
ATOM   518  O O   . ASN A 1 71  ? -2.305  4.645   -9.418  1.00 6.95  ? 71  ASN A O   1 
ATOM   519  C CB  . ASN A 1 71  ? -2.216  1.642   -10.602 1.00 8.96  ? 71  ASN A CB  1 
ATOM   520  C CG  . ASN A 1 71  ? -1.621  0.826   -11.737 1.00 11.64 ? 71  ASN A CG  1 
ATOM   521  O OD1 . ASN A 1 71  ? -0.571  1.165   -12.278 1.00 13.92 ? 71  ASN A OD1 1 
ATOM   522  N ND2 . ASN A 1 71  ? -2.308  -0.251  -12.116 1.00 13.30 ? 71  ASN A ND2 1 
ATOM   523  N N   . TYR A 1 72  ? -2.114  3.144   -7.757  1.00 6.24  ? 72  TYR A N   1 
ATOM   524  C CA  . TYR A 1 72  ? -2.801  4.004   -6.794  1.00 6.71  ? 72  TYR A CA  1 
ATOM   525  C C   . TYR A 1 72  ? -1.975  5.248   -6.496  1.00 6.39  ? 72  TYR A C   1 
ATOM   526  O O   . TYR A 1 72  ? -2.514  6.347   -6.363  1.00 6.42  ? 72  TYR A O   1 
ATOM   527  C CB  . TYR A 1 72  ? -3.058  3.240   -5.495  1.00 5.40  ? 72  TYR A CB  1 
ATOM   528  C CG  . TYR A 1 72  ? -4.061  3.890   -4.571  1.00 5.24  ? 72  TYR A CG  1 
ATOM   529  C CD1 . TYR A 1 72  ? -3.663  4.816   -3.610  1.00 6.35  ? 72  TYR A CD1 1 
ATOM   530  C CD2 . TYR A 1 72  ? -5.416  3.556   -4.645  1.00 7.30  ? 72  TYR A CD2 1 
ATOM   531  C CE1 . TYR A 1 72  ? -4.589  5.389   -2.738  1.00 6.86  ? 72  TYR A CE1 1 
ATOM   532  C CE2 . TYR A 1 72  ? -6.346  4.125   -3.783  1.00 7.32  ? 72  TYR A CE2 1 
ATOM   533  C CZ  . TYR A 1 72  ? -5.927  5.037   -2.833  1.00 6.89  ? 72  TYR A CZ  1 
ATOM   534  O OH  . TYR A 1 72  ? -6.850  5.581   -1.973  1.00 5.96  ? 72  TYR A OH  1 
ATOM   535  N N   . MET A 1 73  ? -0.664  5.076   -6.385  1.00 6.45  ? 73  MET A N   1 
ATOM   536  C CA  . MET A 1 73  ? 0.210   6.205   -6.097  1.00 6.36  ? 73  MET A CA  1 
ATOM   537  C C   . MET A 1 73  ? 0.354   7.116   -7.316  1.00 7.14  ? 73  MET A C   1 
ATOM   538  O O   . MET A 1 73  ? 0.494   8.331   -7.182  1.00 7.94  ? 73  MET A O   1 
ATOM   539  C CB  . MET A 1 73  ? 1.581   5.702   -5.627  1.00 7.01  ? 73  MET A CB  1 
ATOM   540  C CG  . MET A 1 73  ? 1.519   4.846   -4.363  1.00 6.15  ? 73  MET A CG  1 
ATOM   541  S SD  . MET A 1 73  ? 0.515   5.613   -3.059  1.00 8.47  ? 73  MET A SD  1 
ATOM   542  C CE  . MET A 1 73  ? 0.068   4.176   -2.074  1.00 7.12  ? 73  MET A CE  1 
ATOM   543  N N   . LYS A 1 74  ? 0.310   6.535   -8.509  1.00 7.31  ? 74  LYS A N   1 
ATOM   544  C CA  . LYS A 1 74  ? 0.418   7.339   -9.722  1.00 8.96  ? 74  LYS A CA  1 
ATOM   545  C C   . LYS A 1 74  ? -0.841  8.189   -9.844  1.00 9.61  ? 74  LYS A C   1 
ATOM   546  O O   . LYS A 1 74  ? -0.809  9.310   -10.349 1.00 8.72  ? 74  LYS A O   1 
ATOM   547  C CB  . LYS A 1 74  ? 0.542   6.442   -10.954 1.00 10.10 ? 74  LYS A CB  1 
ATOM   548  C CG  . LYS A 1 74  ? 0.803   7.206   -12.251 1.00 9.99  ? 74  LYS A CG  1 
ATOM   549  C CD  . LYS A 1 74  ? 2.166   7.878   -12.233 1.00 14.32 ? 74  LYS A CD  1 
ATOM   550  C CE  . LYS A 1 74  ? 2.455   8.575   -13.549 1.00 17.79 ? 74  LYS A CE  1 
ATOM   551  N NZ  . LYS A 1 74  ? 2.477   7.610   -14.684 1.00 22.42 ? 74  LYS A NZ  1 
ATOM   552  N N   . ARG A 1 75  ? -1.955  7.647   -9.367  1.00 8.52  ? 75  ARG A N   1 
ATOM   553  C CA  . ARG A 1 75  ? -3.224  8.351   -9.435  1.00 8.92  ? 75  ARG A CA  1 
ATOM   554  C C   . ARG A 1 75  ? -3.413  9.439   -8.380  1.00 10.23 ? 75  ARG A C   1 
ATOM   555  O O   . ARG A 1 75  ? -3.862  10.539  -8.698  1.00 10.37 ? 75  ARG A O   1 
ATOM   556  C CB  . ARG A 1 75  ? -4.384  7.352   -9.340  1.00 8.71  ? 75  ARG A CB  1 
ATOM   557  C CG  . ARG A 1 75  ? -5.751  8.013   -9.309  1.00 9.46  ? 75  ARG A CG  1 
ATOM   558  C CD  . ARG A 1 75  ? -6.876  6.999   -9.368  1.00 9.78  ? 75  ARG A CD  1 
ATOM   559  N NE  . ARG A 1 75  ? -8.165  7.660   -9.551  1.00 12.48 ? 75  ARG A NE  1 
ATOM   560  C CZ  . ARG A 1 75  ? -9.298  7.029   -9.840  1.00 13.60 ? 75  ARG A CZ  1 
ATOM   561  N NH1 . ARG A 1 75  ? -9.313  5.711   -9.981  1.00 13.63 ? 75  ARG A NH1 1 
ATOM   562  N NH2 . ARG A 1 75  ? -10.415 7.723   -10.000 1.00 18.39 ? 75  ARG A NH2 1 
ATOM   563  N N   . TYR A 1 76  ? -3.045  9.144   -7.138  1.00 9.25  ? 76  TYR A N   1 
ATOM   564  C CA  . TYR A 1 76  ? -3.251  10.083  -6.039  1.00 9.33  ? 76  TYR A CA  1 
ATOM   565  C C   . TYR A 1 76  ? -2.086  10.834  -5.393  1.00 9.65  ? 76  TYR A C   1 
ATOM   566  O O   . TYR A 1 76  ? -2.256  11.972  -4.963  1.00 9.85  ? 76  TYR A O   1 
ATOM   567  C CB  . TYR A 1 76  ? -4.020  9.373   -4.923  1.00 9.36  ? 76  TYR A CB  1 
ATOM   568  C CG  . TYR A 1 76  ? -5.432  8.991   -5.293  1.00 8.85  ? 76  TYR A CG  1 
ATOM   569  C CD1 . TYR A 1 76  ? -6.342  9.953   -5.726  1.00 11.19 ? 76  TYR A CD1 1 
ATOM   570  C CD2 . TYR A 1 76  ? -5.872  7.669   -5.183  1.00 10.70 ? 76  TYR A CD2 1 
ATOM   571  C CE1 . TYR A 1 76  ? -7.657  9.612   -6.038  1.00 11.24 ? 76  TYR A CE1 1 
ATOM   572  C CE2 . TYR A 1 76  ? -7.184  7.319   -5.492  1.00 10.01 ? 76  TYR A CE2 1 
ATOM   573  C CZ  . TYR A 1 76  ? -8.071  8.296   -5.916  1.00 10.48 ? 76  TYR A CZ  1 
ATOM   574  O OH  . TYR A 1 76  ? -9.375  7.962   -6.200  1.00 10.32 ? 76  TYR A OH  1 
ATOM   575  N N   . ALA A 1 77  ? -0.917  10.211  -5.314  1.00 9.21  ? 77  ALA A N   1 
ATOM   576  C CA  . ALA A 1 77  ? 0.243   10.819  -4.656  1.00 10.26 ? 77  ALA A CA  1 
ATOM   577  C C   . ALA A 1 77  ? 0.542   12.285  -4.977  1.00 11.19 ? 77  ALA A C   1 
ATOM   578  O O   . ALA A 1 77  ? 0.512   13.142  -4.091  1.00 9.87  ? 77  ALA A O   1 
ATOM   579  C CB  . ALA A 1 77  ? 1.489   9.967   -4.915  1.00 10.87 ? 77  ALA A CB  1 
ATOM   580  N N   . LYS A 1 78  ? 0.848   12.571  -6.235  1.00 12.13 ? 78  LYS A N   1 
ATOM   581  C CA  . LYS A 1 78  ? 1.163   13.934  -6.645  1.00 14.27 ? 78  LYS A CA  1 
ATOM   582  C C   . LYS A 1 78  ? -0.060  14.827  -6.440  1.00 13.75 ? 78  LYS A C   1 
ATOM   583  O O   . LYS A 1 78  ? 0.047   15.967  -5.978  1.00 13.93 ? 78  LYS A O   1 
ATOM   584  C CB  . LYS A 1 78  ? 1.587   13.941  -8.118  1.00 15.07 ? 78  LYS A CB  1 
ATOM   585  C CG  . LYS A 1 78  ? 2.366   15.171  -8.547  1.00 19.34 ? 78  LYS A CG  1 
ATOM   586  C CD  . LYS A 1 78  ? 2.678   15.129  -10.038 1.00 25.57 ? 78  LYS A CD  1 
ATOM   587  C CE  . LYS A 1 78  ? 3.468   13.881  -10.417 1.00 29.03 ? 78  LYS A CE  1 
ATOM   588  N NZ  . LYS A 1 78  ? 4.797   13.837  -9.746  1.00 32.31 ? 78  LYS A NZ  1 
ATOM   589  N N   . TRP A 1 79  ? -1.225  14.288  -6.779  1.00 13.28 ? 79  TRP A N   1 
ATOM   590  C CA  . TRP A 1 79  ? -2.483  15.004  -6.648  1.00 14.21 ? 79  TRP A CA  1 
ATOM   591  C C   . TRP A 1 79  ? -2.737  15.489  -5.222  1.00 13.60 ? 79  TRP A C   1 
ATOM   592  O O   . TRP A 1 79  ? -3.187  16.619  -5.019  1.00 14.34 ? 79  TRP A O   1 
ATOM   593  C CB  . TRP A 1 79  ? -3.631  14.098  -7.098  1.00 14.47 ? 79  TRP A CB  1 
ATOM   594  C CG  . TRP A 1 79  ? -4.997  14.649  -6.826  1.00 15.17 ? 79  TRP A CG  1 
ATOM   595  C CD1 . TRP A 1 79  ? -5.668  15.594  -7.551  1.00 16.29 ? 79  TRP A CD1 1 
ATOM   596  C CD2 . TRP A 1 79  ? -5.858  14.289  -5.741  1.00 15.99 ? 79  TRP A CD2 1 
ATOM   597  N NE1 . TRP A 1 79  ? -6.896  15.840  -6.986  1.00 16.98 ? 79  TRP A NE1 1 
ATOM   598  C CE2 . TRP A 1 79  ? -7.039  15.053  -5.873  1.00 18.29 ? 79  TRP A CE2 1 
ATOM   599  C CE3 . TRP A 1 79  ? -5.748  13.391  -4.669  1.00 15.27 ? 79  TRP A CE3 1 
ATOM   600  C CZ2 . TRP A 1 79  ? -8.104  14.948  -4.972  1.00 16.87 ? 79  TRP A CZ2 1 
ATOM   601  C CZ3 . TRP A 1 79  ? -6.805  13.286  -3.775  1.00 15.48 ? 79  TRP A CZ3 1 
ATOM   602  C CH2 . TRP A 1 79  ? -7.970  14.061  -3.935  1.00 14.84 ? 79  TRP A CH2 1 
ATOM   603  N N   . ALA A 1 80  ? -2.449  14.638  -4.241  1.00 12.40 ? 80  ALA A N   1 
ATOM   604  C CA  . ALA A 1 80  ? -2.658  14.983  -2.837  1.00 12.03 ? 80  ALA A CA  1 
ATOM   605  C C   . ALA A 1 80  ? -1.515  15.813  -2.258  1.00 11.63 ? 80  ALA A C   1 
ATOM   606  O O   . ALA A 1 80  ? -1.600  16.285  -1.125  1.00 12.75 ? 80  ALA A O   1 
ATOM   607  C CB  . ALA A 1 80  ? -2.846  13.714  -2.007  1.00 11.64 ? 80  ALA A CB  1 
ATOM   608  N N   . GLY A 1 81  ? -0.448  15.978  -3.034  1.00 12.85 ? 81  GLY A N   1 
ATOM   609  C CA  . GLY A 1 81  ? 0.688   16.760  -2.578  1.00 12.36 ? 81  GLY A CA  1 
ATOM   610  C C   . GLY A 1 81  ? 1.619   16.000  -1.651  1.00 13.06 ? 81  GLY A C   1 
ATOM   611  O O   . GLY A 1 81  ? 2.285   16.597  -0.807  1.00 14.04 ? 81  GLY A O   1 
ATOM   612  N N   . CYS A 1 82  ? 1.673   14.684  -1.819  1.00 12.85 ? 82  CYS A N   1 
ATOM   613  C CA  . CYS A 1 82  ? 2.520   13.824  -0.999  1.00 13.15 ? 82  CYS A CA  1 
ATOM   614  C C   . CYS A 1 82  ? 3.966   13.809  -1.465  1.00 13.97 ? 82  CYS A C   1 
ATOM   615  O O   . CYS A 1 82  ? 4.250   14.017  -2.646  1.00 12.12 ? 82  CYS A O   1 
ATOM   616  C CB  . CYS A 1 82  ? 2.032   12.378  -1.060  1.00 13.43 ? 82  CYS A CB  1 
ATOM   617  S SG  . CYS A 1 82  ? 0.280   12.086  -0.688  1.00 11.74 ? 82  CYS A SG  1 
ATOM   618  N N   . PRO A 1 83  ? 4.907   13.576  -0.540  1.00 14.52 ? 83  PRO A N   1 
ATOM   619  C CA  . PRO A 1 83  ? 6.301   13.531  -0.982  1.00 14.77 ? 83  PRO A CA  1 
ATOM   620  C C   . PRO A 1 83  ? 6.378   12.262  -1.831  1.00 15.11 ? 83  PRO A C   1 
ATOM   621  O O   . PRO A 1 83  ? 5.816   11.231  -1.461  1.00 14.62 ? 83  PRO A O   1 
ATOM   622  C CB  . PRO A 1 83  ? 7.078   13.417  0.328   1.00 15.17 ? 83  PRO A CB  1 
ATOM   623  C CG  . PRO A 1 83  ? 6.100   12.771  1.267   1.00 16.24 ? 83  PRO A CG  1 
ATOM   624  C CD  . PRO A 1 83  ? 4.814   13.477  0.927   1.00 15.40 ? 83  PRO A CD  1 
ATOM   625  N N   . LEU A 1 84  ? 7.041   12.336  -2.978  1.00 14.12 ? 84  LEU A N   1 
ATOM   626  C CA  . LEU A 1 84  ? 7.124   11.175  -3.851  1.00 13.54 ? 84  LEU A CA  1 
ATOM   627  C C   . LEU A 1 84  ? 8.214   10.199  -3.437  1.00 13.07 ? 84  LEU A C   1 
ATOM   628  O O   . LEU A 1 84  ? 9.095   9.842   -4.223  1.00 13.39 ? 84  LEU A O   1 
ATOM   629  C CB  . LEU A 1 84  ? 7.305   11.632  -5.301  1.00 15.56 ? 84  LEU A CB  1 
ATOM   630  C CG  . LEU A 1 84  ? 6.159   12.549  -5.754  1.00 14.55 ? 84  LEU A CG  1 
ATOM   631  C CD1 . LEU A 1 84  ? 6.379   13.002  -7.184  1.00 14.92 ? 84  LEU A CD1 1 
ATOM   632  C CD2 . LEU A 1 84  ? 4.831   11.816  -5.627  1.00 14.95 ? 84  LEU A CD2 1 
ATOM   633  N N   . ARG A 1 85  ? 8.123   9.772   -2.182  1.00 10.83 ? 85  ARG A N   1 
ATOM   634  C CA  . ARG A 1 85  ? 9.049   8.815   -1.584  1.00 12.20 ? 85  ARG A CA  1 
ATOM   635  C C   . ARG A 1 85  ? 8.201   7.915   -0.691  1.00 9.70  ? 85  ARG A C   1 
ATOM   636  O O   . ARG A 1 85  ? 7.005   8.152   -0.540  1.00 8.48  ? 85  ARG A O   1 
ATOM   637  C CB  . ARG A 1 85  ? 10.118  9.535   -0.755  1.00 12.52 ? 85  ARG A CB  1 
ATOM   638  C CG  . ARG A 1 85  ? 9.575   10.427  0.352   1.00 15.40 ? 85  ARG A CG  1 
ATOM   639  C CD  . ARG A 1 85  ? 10.711  11.013  1.170   1.00 15.36 ? 85  ARG A CD  1 
ATOM   640  N NE  . ARG A 1 85  ? 11.687  11.682  0.313   1.00 20.83 ? 85  ARG A NE  1 
ATOM   641  C CZ  . ARG A 1 85  ? 12.807  12.252  0.751   1.00 19.23 ? 85  ARG A CZ  1 
ATOM   642  N NH1 . ARG A 1 85  ? 13.102  12.239  2.043   1.00 18.01 ? 85  ARG A NH1 1 
ATOM   643  N NH2 . ARG A 1 85  ? 13.640  12.824  -0.107  1.00 23.55 ? 85  ARG A NH2 1 
ATOM   644  N N   . CYS A 1 86  ? 8.807   6.900   -0.087  1.00 9.66  ? 86  CYS A N   1 
ATOM   645  C CA  . CYS A 1 86  ? 8.041   5.978   0.750   1.00 8.58  ? 86  CYS A CA  1 
ATOM   646  C C   . CYS A 1 86  ? 7.222   6.629   1.859   1.00 7.52  ? 86  CYS A C   1 
ATOM   647  O O   . CYS A 1 86  ? 6.106   6.195   2.131   1.00 7.50  ? 86  CYS A O   1 
ATOM   648  C CB  . CYS A 1 86  ? 8.949   4.914   1.358   1.00 7.46  ? 86  CYS A CB  1 
ATOM   649  S SG  . CYS A 1 86  ? 8.082   3.338   1.641   1.00 10.22 ? 86  CYS A SG  1 
ATOM   650  N N   . GLU A 1 87  ? 7.762   7.664   2.497   1.00 7.44  ? 87  GLU A N   1 
ATOM   651  C CA  . GLU A 1 87  ? 7.025   8.331   3.565   1.00 8.79  ? 87  GLU A CA  1 
ATOM   652  C C   . GLU A 1 87  ? 5.635   8.726   3.079   1.00 8.91  ? 87  GLU A C   1 
ATOM   653  O O   . GLU A 1 87  ? 4.639   8.521   3.773   1.00 9.16  ? 87  GLU A O   1 
ATOM   654  C CB  . GLU A 1 87  ? 7.770   9.578   4.050   1.00 8.84  ? 87  GLU A CB  1 
ATOM   655  C CG  . GLU A 1 87  ? 7.044   10.307  5.174   1.00 11.10 ? 87  GLU A CG  1 
ATOM   656  C CD  . GLU A 1 87  ? 7.877   11.416  5.789   1.00 12.93 ? 87  GLU A CD  1 
ATOM   657  O OE1 . GLU A 1 87  ? 7.370   12.116  6.694   1.00 15.52 ? 87  GLU A OE1 1 
ATOM   658  O OE2 . GLU A 1 87  ? 9.039   11.585  5.370   1.00 16.13 ? 87  GLU A OE2 1 
ATOM   659  N N   . GLY A 1 88  ? 5.575   9.294   1.880   1.00 6.51  ? 88  GLY A N   1 
ATOM   660  C CA  . GLY A 1 88  ? 4.297   9.690   1.320   1.00 7.94  ? 88  GLY A CA  1 
ATOM   661  C C   . GLY A 1 88  ? 3.483   8.508   0.811   1.00 7.13  ? 88  GLY A C   1 
ATOM   662  O O   . GLY A 1 88  ? 2.276   8.437   1.035   1.00 7.18  ? 88  GLY A O   1 
ATOM   663  N N   . PHE A 1 89  ? 4.137   7.574   0.129   1.00 7.54  ? 89  PHE A N   1 
ATOM   664  C CA  . PHE A 1 89  ? 3.449   6.404   -0.417  1.00 6.65  ? 89  PHE A CA  1 
ATOM   665  C C   . PHE A 1 89  ? 2.862   5.496   0.667   1.00 7.17  ? 89  PHE A C   1 
ATOM   666  O O   . PHE A 1 89  ? 1.747   4.997   0.530   1.00 6.46  ? 89  PHE A O   1 
ATOM   667  C CB  . PHE A 1 89  ? 4.407   5.598   -1.302  1.00 6.88  ? 89  PHE A CB  1 
ATOM   668  C CG  . PHE A 1 89  ? 4.893   6.348   -2.515  1.00 7.95  ? 89  PHE A CG  1 
ATOM   669  C CD1 . PHE A 1 89  ? 6.186   6.157   -2.991  1.00 7.05  ? 89  PHE A CD1 1 
ATOM   670  C CD2 . PHE A 1 89  ? 4.066   7.254   -3.174  1.00 9.06  ? 89  PHE A CD2 1 
ATOM   671  C CE1 . PHE A 1 89  ? 6.650   6.859   -4.101  1.00 8.40  ? 89  PHE A CE1 1 
ATOM   672  C CE2 . PHE A 1 89  ? 4.524   7.960   -4.289  1.00 10.46 ? 89  PHE A CE2 1 
ATOM   673  C CZ  . PHE A 1 89  ? 5.819   7.762   -4.750  1.00 10.39 ? 89  PHE A CZ  1 
ATOM   674  N N   . ALA A 1 90  ? 3.610   5.275   1.742   1.00 6.40  ? 90  ALA A N   1 
ATOM   675  C CA  . ALA A 1 90  ? 3.124   4.424   2.824   1.00 6.19  ? 90  ALA A CA  1 
ATOM   676  C C   . ALA A 1 90  ? 1.877   5.028   3.467   1.00 6.49  ? 90  ALA A C   1 
ATOM   677  O O   . ALA A 1 90  ? 0.890   4.332   3.721   1.00 5.98  ? 90  ALA A O   1 
ATOM   678  C CB  . ALA A 1 90  ? 4.221   4.235   3.875   1.00 5.94  ? 90  ALA A CB  1 
ATOM   679  N N   . ARG A 1 91  ? 1.921   6.330   3.729   1.00 6.33  ? 91  ARG A N   1 
ATOM   680  C CA  . ARG A 1 91  ? 0.792   7.007   4.346   1.00 6.93  ? 91  ARG A CA  1 
ATOM   681  C C   . ARG A 1 91  ? -0.424  7.003   3.422   1.00 7.16  ? 91  ARG A C   1 
ATOM   682  O O   . ARG A 1 91  ? -1.556  6.877   3.882   1.00 7.38  ? 91  ARG A O   1 
ATOM   683  C CB  . ARG A 1 91  ? 1.193   8.431   4.742   1.00 7.16  ? 91  ARG A CB  1 
ATOM   684  C CG  . ARG A 1 91  ? 2.352   8.453   5.745   1.00 7.21  ? 91  ARG A CG  1 
ATOM   685  C CD  . ARG A 1 91  ? 2.699   9.862   6.222   1.00 7.52  ? 91  ARG A CD  1 
ATOM   686  N NE  . ARG A 1 91  ? 1.578   10.515  6.894   1.00 10.13 ? 91  ARG A NE  1 
ATOM   687  C CZ  . ARG A 1 91  ? 1.629   11.740  7.408   1.00 10.63 ? 91  ARG A CZ  1 
ATOM   688  N NH1 . ARG A 1 91  ? 2.749   12.446  7.329   1.00 12.04 ? 91  ARG A NH1 1 
ATOM   689  N NH2 . ARG A 1 91  ? 0.562   12.264  7.992   1.00 11.98 ? 91  ARG A NH2 1 
ATOM   690  N N   . GLU A 1 92  ? -0.189  7.118   2.118   1.00 8.02  ? 92  GLU A N   1 
ATOM   691  C CA  . GLU A 1 92  ? -1.286  7.095   1.154   1.00 7.92  ? 92  GLU A CA  1 
ATOM   692  C C   . GLU A 1 92  ? -1.922  5.711   1.149   1.00 7.39  ? 92  GLU A C   1 
ATOM   693  O O   . GLU A 1 92  ? -3.139  5.575   1.064   1.00 8.21  ? 92  GLU A O   1 
ATOM   694  C CB  . GLU A 1 92  ? -0.776  7.419   -0.254  1.00 7.67  ? 92  GLU A CB  1 
ATOM   695  C CG  . GLU A 1 92  ? -0.529  8.890   -0.487  1.00 9.37  ? 92  GLU A CG  1 
ATOM   696  C CD  . GLU A 1 92  ? -1.822  9.676   -0.600  1.00 8.68  ? 92  GLU A CD  1 
ATOM   697  O OE1 . GLU A 1 92  ? -2.411  9.711   -1.704  1.00 10.65 ? 92  GLU A OE1 1 
ATOM   698  O OE2 . GLU A 1 92  ? -2.261  10.247  0.415   1.00 9.27  ? 92  GLU A OE2 1 
ATOM   699  N N   . HIS A 1 93  ? -1.083  4.684   1.244   1.00 7.05  ? 93  HIS A N   1 
ATOM   700  C CA  . HIS A 1 93  ? -1.569  3.313   1.243   1.00 7.15  ? 93  HIS A CA  1 
ATOM   701  C C   . HIS A 1 93  ? -2.436  3.053   2.468   1.00 7.56  ? 93  HIS A C   1 
ATOM   702  O O   . HIS A 1 93  ? -3.493  2.433   2.378   1.00 8.65  ? 93  HIS A O   1 
ATOM   703  C CB  . HIS A 1 93  ? -0.391  2.336   1.240   1.00 7.95  ? 93  HIS A CB  1 
ATOM   704  C CG  . HIS A 1 93  ? -0.793  0.908   1.031   1.00 7.78  ? 93  HIS A CG  1 
ATOM   705  N ND1 . HIS A 1 93  ? -1.252  0.434   -0.179  1.00 6.95  ? 93  HIS A ND1 1 
ATOM   706  C CD2 . HIS A 1 93  ? -0.819  -0.143  1.885   1.00 8.90  ? 93  HIS A CD2 1 
ATOM   707  C CE1 . HIS A 1 93  ? -1.545  -0.850  -0.063  1.00 7.44  ? 93  HIS A CE1 1 
ATOM   708  N NE2 . HIS A 1 93  ? -1.291  -1.224  1.178   1.00 10.38 ? 93  HIS A NE2 1 
ATOM   709  N N   . ASN A 1 94  ? -1.992  3.547   3.618   1.00 7.19  ? 94  ASN A N   1 
ATOM   710  C CA  . ASN A 1 94  ? -2.730  3.330   4.848   1.00 7.46  ? 94  ASN A CA  1 
ATOM   711  C C   . ASN A 1 94  ? -3.944  4.237   5.043   1.00 6.29  ? 94  ASN A C   1 
ATOM   712  O O   . ASN A 1 94  ? -4.947  3.807   5.607   1.00 6.10  ? 94  ASN A O   1 
ATOM   713  C CB  . ASN A 1 94  ? -1.794  3.477   6.049   1.00 6.35  ? 94  ASN A CB  1 
ATOM   714  C CG  . ASN A 1 94  ? -2.466  3.116   7.355   1.00 8.29  ? 94  ASN A CG  1 
ATOM   715  O OD1 . ASN A 1 94  ? -2.920  1.981   7.548   1.00 11.63 ? 94  ASN A OD1 1 
ATOM   716  N ND2 . ASN A 1 94  ? -2.535  4.076   8.263   1.00 6.69  ? 94  ASN A ND2 1 
ATOM   717  N N   . GLY A 1 95  ? -3.861  5.478   4.569   1.00 7.34  ? 95  GLY A N   1 
ATOM   718  C CA  . GLY A 1 95  ? -4.957  6.411   4.769   1.00 6.74  ? 95  GLY A CA  1 
ATOM   719  C C   . GLY A 1 95  ? -5.838  6.829   3.606   1.00 7.83  ? 95  GLY A C   1 
ATOM   720  O O   . GLY A 1 95  ? -6.772  7.607   3.797   1.00 7.91  ? 95  GLY A O   1 
ATOM   721  N N   . GLY A 1 96  ? -5.561  6.346   2.403   1.00 8.66  ? 96  GLY A N   1 
ATOM   722  C CA  . GLY A 1 96  ? -6.405  6.720   1.284   1.00 8.71  ? 96  GLY A CA  1 
ATOM   723  C C   . GLY A 1 96  ? -5.865  7.812   0.382   1.00 9.64  ? 96  GLY A C   1 
ATOM   724  O O   . GLY A 1 96  ? -4.695  8.165   0.473   1.00 8.20  ? 96  GLY A O   1 
ATOM   725  N N   . PRO A 1 97  ? -6.713  8.377   -0.497  1.00 10.00 ? 97  PRO A N   1 
ATOM   726  C CA  . PRO A 1 97  ? -6.358  9.437   -1.447  1.00 10.25 ? 97  PRO A CA  1 
ATOM   727  C C   . PRO A 1 97  ? -5.557  10.598  -0.861  1.00 11.23 ? 97  PRO A C   1 
ATOM   728  O O   . PRO A 1 97  ? -4.693  11.163  -1.533  1.00 12.38 ? 97  PRO A O   1 
ATOM   729  C CB  . PRO A 1 97  ? -7.716  9.885   -1.981  1.00 11.14 ? 97  PRO A CB  1 
ATOM   730  C CG  . PRO A 1 97  ? -8.512  8.621   -1.949  1.00 10.17 ? 97  PRO A CG  1 
ATOM   731  C CD  . PRO A 1 97  ? -8.151  8.068   -0.588  1.00 10.79 ? 97  PRO A CD  1 
ATOM   732  N N   . ARG A 1 98  ? -5.855  10.960  0.380   1.00 10.95 ? 98  ARG A N   1 
ATOM   733  C CA  . ARG A 1 98  ? -5.151  12.054  1.041   1.00 12.89 ? 98  ARG A CA  1 
ATOM   734  C C   . ARG A 1 98  ? -4.542  11.557  2.345   1.00 11.49 ? 98  ARG A C   1 
ATOM   735  O O   . ARG A 1 98  ? -4.356  12.322  3.292   1.00 11.02 ? 98  ARG A O   1 
ATOM   736  C CB  . ARG A 1 98  ? -6.109  13.215  1.331   1.00 12.55 ? 98  ARG A CB  1 
ATOM   737  C CG  . ARG A 1 98  ? -6.678  13.902  0.096   1.00 15.71 ? 98  ARG A CG  1 
ATOM   738  C CD  . ARG A 1 98  ? -7.238  15.270  0.467   1.00 16.00 ? 98  ARG A CD  1 
ATOM   739  N NE  . ARG A 1 98  ? -7.828  15.975  -0.673  1.00 18.84 ? 98  ARG A NE  1 
ATOM   740  C CZ  . ARG A 1 98  ? -8.974  15.635  -1.253  1.00 24.16 ? 98  ARG A CZ  1 
ATOM   741  N NH1 . ARG A 1 98  ? -9.666  14.595  -0.806  1.00 22.66 ? 98  ARG A NH1 1 
ATOM   742  N NH2 . ARG A 1 98  ? -9.430  16.339  -2.282  1.00 23.17 ? 98  ARG A NH2 1 
ATOM   743  N N   . GLY A 1 99  ? -4.224  10.266  2.377   1.00 11.16 ? 99  GLY A N   1 
ATOM   744  C CA  . GLY A 1 99  ? -3.653  9.669   3.567   1.00 9.37  ? 99  GLY A CA  1 
ATOM   745  C C   . GLY A 1 99  ? -2.366  10.307  4.046   1.00 10.15 ? 99  GLY A C   1 
ATOM   746  O O   . GLY A 1 99  ? -2.114  10.348  5.247   1.00 9.45  ? 99  GLY A O   1 
ATOM   747  N N   . CYS A 1 100 ? -1.552  10.812  3.127   1.00 9.68  ? 100 CYS A N   1 
ATOM   748  C CA  . CYS A 1 100 ? -0.287  11.419  3.516   1.00 10.37 ? 100 CYS A CA  1 
ATOM   749  C C   . CYS A 1 100 ? -0.474  12.735  4.266   1.00 11.20 ? 100 CYS A C   1 
ATOM   750  O O   . CYS A 1 100 ? 0.496   13.330  4.744   1.00 10.39 ? 100 CYS A O   1 
ATOM   751  C CB  . CYS A 1 100 ? 0.601   11.637  2.288   1.00 9.44  ? 100 CYS A CB  1 
ATOM   752  S SG  . CYS A 1 100 ? 0.058   12.936  1.137   1.00 9.53  ? 100 CYS A SG  1 
ATOM   753  N N   . LYS A 1 101 ? -1.722  13.183  4.375   1.00 11.41 ? 101 LYS A N   1 
ATOM   754  C CA  . LYS A 1 101 ? -2.026  14.426  5.077   1.00 13.91 ? 101 LYS A CA  1 
ATOM   755  C C   . LYS A 1 101 ? -2.797  14.174  6.368   1.00 14.29 ? 101 LYS A C   1 
ATOM   756  O O   . LYS A 1 101 ? -3.041  15.102  7.145   1.00 15.75 ? 101 LYS A O   1 
ATOM   757  C CB  . LYS A 1 101 ? -2.827  15.364  4.169   1.00 12.95 ? 101 LYS A CB  1 
ATOM   758  C CG  . LYS A 1 101 ? -2.087  15.788  2.910   1.00 14.15 ? 101 LYS A CG  1 
ATOM   759  C CD  . LYS A 1 101 ? -0.818  16.559  3.234   1.00 16.02 ? 101 LYS A CD  1 
ATOM   760  C CE  . LYS A 1 101 ? -0.059  16.908  1.963   1.00 16.66 ? 101 LYS A CE  1 
ATOM   761  N NZ  . LYS A 1 101 ? 1.211   17.631  2.246   1.00 18.07 ? 101 LYS A NZ  1 
ATOM   762  N N   . LYS A 1 102 ? -3.179  12.919  6.595   1.00 13.98 ? 102 LYS A N   1 
ATOM   763  C CA  . LYS A 1 102 ? -3.923  12.540  7.795   1.00 12.74 ? 102 LYS A CA  1 
ATOM   764  C C   . LYS A 1 102 ? -2.983  12.215  8.948   1.00 12.55 ? 102 LYS A C   1 
ATOM   765  O O   . LYS A 1 102 ? -2.036  11.447  8.786   1.00 10.45 ? 102 LYS A O   1 
ATOM   766  C CB  . LYS A 1 102 ? -4.794  11.312  7.528   1.00 12.49 ? 102 LYS A CB  1 
ATOM   767  C CG  . LYS A 1 102 ? -5.869  11.485  6.471   1.00 14.18 ? 102 LYS A CG  1 
ATOM   768  C CD  . LYS A 1 102 ? -6.705  10.213  6.380   1.00 13.59 ? 102 LYS A CD  1 
ATOM   769  C CE  . LYS A 1 102 ? -7.763  10.300  5.300   1.00 15.64 ? 102 LYS A CE  1 
ATOM   770  N NZ  . LYS A 1 102 ? -8.555  9.044   5.220   1.00 16.44 ? 102 LYS A NZ  1 
ATOM   771  N N   . GLY A 1 103 ? -3.259  12.778  10.120  1.00 12.17 ? 103 GLY A N   1 
ATOM   772  C CA  . GLY A 1 103 ? -2.413  12.510  11.271  1.00 11.95 ? 103 GLY A CA  1 
ATOM   773  C C   . GLY A 1 103 ? -2.425  11.041  11.653  1.00 12.21 ? 103 GLY A C   1 
ATOM   774  O O   . GLY A 1 103 ? -1.476  10.529  12.240  1.00 11.88 ? 103 GLY A O   1 
ATOM   775  N N   . SER A 1 104 ? -3.514  10.358  11.316  1.00 13.73 ? 104 SER A N   1 
ATOM   776  C CA  . SER A 1 104 ? -3.666  8.940   11.617  1.00 14.25 ? 104 SER A CA  1 
ATOM   777  C C   . SER A 1 104 ? -2.532  8.088   11.041  1.00 12.90 ? 104 SER A C   1 
ATOM   778  O O   . SER A 1 104 ? -2.088  7.125   11.662  1.00 15.39 ? 104 SER A O   1 
ATOM   779  C CB  . SER A 1 104 ? -5.002  8.439   11.060  1.00 14.19 ? 104 SER A CB  1 
ATOM   780  O OG  . SER A 1 104 ? -5.173  7.054   11.292  1.00 18.71 ? 104 SER A OG  1 
ATOM   781  N N   . THR A 1 105 ? -2.058  8.454   9.856   1.00 10.73 ? 105 THR A N   1 
ATOM   782  C CA  . THR A 1 105 ? -1.005  7.690   9.199   1.00 9.08  ? 105 THR A CA  1 
ATOM   783  C C   . THR A 1 105 ? 0.410   7.960   9.696   1.00 9.31  ? 105 THR A C   1 
ATOM   784  O O   . THR A 1 105 ? 1.361   7.310   9.262   1.00 9.07  ? 105 THR A O   1 
ATOM   785  C CB  . THR A 1 105 ? -1.055  7.899   7.675   1.00 8.68  ? 105 THR A CB  1 
ATOM   786  O OG1 . THR A 1 105 ? -0.886  9.289   7.376   1.00 5.55  ? 105 THR A OG1 1 
ATOM   787  C CG2 . THR A 1 105 ? -2.396  7.425   7.128   1.00 7.61  ? 105 THR A CG2 1 
ATOM   788  N N   . ILE A 1 106 ? 0.559   8.915   10.607  1.00 8.52  ? 106 ILE A N   1 
ATOM   789  C CA  . ILE A 1 106 ? 1.876   9.208   11.151  1.00 8.57  ? 106 ILE A CA  1 
ATOM   790  C C   . ILE A 1 106 ? 2.368   7.965   11.884  1.00 8.48  ? 106 ILE A C   1 
ATOM   791  O O   . ILE A 1 106 ? 3.541   7.598   11.793  1.00 9.12  ? 106 ILE A O   1 
ATOM   792  C CB  . ILE A 1 106 ? 1.823   10.385  12.146  1.00 8.00  ? 106 ILE A CB  1 
ATOM   793  C CG1 . ILE A 1 106 ? 1.538   11.690  11.394  1.00 7.68  ? 106 ILE A CG1 1 
ATOM   794  C CG2 . ILE A 1 106 ? 3.139   10.487  12.903  1.00 7.98  ? 106 ILE A CG2 1 
ATOM   795  C CD1 . ILE A 1 106 ? 1.270   12.869  12.311  1.00 11.12 ? 106 ILE A CD1 1 
ATOM   796  N N   . GLY A 1 107 ? 1.454   7.310   12.595  1.00 8.58  ? 107 GLY A N   1 
ATOM   797  C CA  . GLY A 1 107 ? 1.804   6.119   13.350  1.00 7.96  ? 107 GLY A CA  1 
ATOM   798  C C   . GLY A 1 107 ? 2.150   4.937   12.475  1.00 8.90  ? 107 GLY A C   1 
ATOM   799  O O   . GLY A 1 107 ? 3.002   4.119   12.830  1.00 7.86  ? 107 GLY A O   1 
ATOM   800  N N   . TYR A 1 108 ? 1.489   4.844   11.326  1.00 7.98  ? 108 TYR A N   1 
ATOM   801  C CA  . TYR A 1 108 ? 1.733   3.751   10.395  1.00 7.99  ? 108 TYR A CA  1 
ATOM   802  C C   . TYR A 1 108 ? 3.150   3.855   9.858   1.00 6.82  ? 108 TYR A C   1 
ATOM   803  O O   . TYR A 1 108 ? 3.867   2.856   9.774   1.00 6.01  ? 108 TYR A O   1 
ATOM   804  C CB  . TYR A 1 108 ? 0.722   3.807   9.249   1.00 7.73  ? 108 TYR A CB  1 
ATOM   805  C CG  . TYR A 1 108 ? 0.921   2.749   8.186   1.00 7.27  ? 108 TYR A CG  1 
ATOM   806  C CD1 . TYR A 1 108 ? 1.714   3.000   7.067   1.00 9.15  ? 108 TYR A CD1 1 
ATOM   807  C CD2 . TYR A 1 108 ? 0.308   1.501   8.293   1.00 8.22  ? 108 TYR A CD2 1 
ATOM   808  C CE1 . TYR A 1 108 ? 1.891   2.035   6.080   1.00 6.53  ? 108 TYR A CE1 1 
ATOM   809  C CE2 . TYR A 1 108 ? 0.478   0.530   7.310   1.00 8.28  ? 108 TYR A CE2 1 
ATOM   810  C CZ  . TYR A 1 108 ? 1.269   0.803   6.207   1.00 8.86  ? 108 TYR A CZ  1 
ATOM   811  O OH  . TYR A 1 108 ? 1.442   -0.160  5.233   1.00 8.28  ? 108 TYR A OH  1 
ATOM   812  N N   . TRP A 1 109 ? 3.552   5.074   9.509   1.00 6.91  ? 109 TRP A N   1 
ATOM   813  C CA  . TRP A 1 109 ? 4.887   5.323   8.978   1.00 8.06  ? 109 TRP A CA  1 
ATOM   814  C C   . TRP A 1 109 ? 5.953   5.011   10.028  1.00 7.65  ? 109 TRP A C   1 
ATOM   815  O O   . TRP A 1 109 ? 6.970   4.383   9.726   1.00 7.45  ? 109 TRP A O   1 
ATOM   816  C CB  . TRP A 1 109 ? 5.002   6.782   8.520   1.00 6.90  ? 109 TRP A CB  1 
ATOM   817  C CG  . TRP A 1 109 ? 6.374   7.203   8.070   1.00 8.22  ? 109 TRP A CG  1 
ATOM   818  C CD1 . TRP A 1 109 ? 7.079   8.286   8.511   1.00 7.62  ? 109 TRP A CD1 1 
ATOM   819  C CD2 . TRP A 1 109 ? 7.196   6.565   7.082   1.00 8.33  ? 109 TRP A CD2 1 
ATOM   820  N NE1 . TRP A 1 109 ? 8.286   8.365   7.864   1.00 10.46 ? 109 TRP A NE1 1 
ATOM   821  C CE2 . TRP A 1 109 ? 8.386   7.321   6.981   1.00 8.15  ? 109 TRP A CE2 1 
ATOM   822  C CE3 . TRP A 1 109 ? 7.044   5.430   6.274   1.00 6.54  ? 109 TRP A CE3 1 
ATOM   823  C CZ2 . TRP A 1 109 ? 9.421   6.980   6.104   1.00 8.06  ? 109 TRP A CZ2 1 
ATOM   824  C CZ3 . TRP A 1 109 ? 8.081   5.089   5.398   1.00 6.55  ? 109 TRP A CZ3 1 
ATOM   825  C CH2 . TRP A 1 109 ? 9.252   5.865   5.323   1.00 6.91  ? 109 TRP A CH2 1 
ATOM   826  N N   . ASN A 1 110 ? 5.723   5.451   11.261  1.00 7.35  ? 110 ASN A N   1 
ATOM   827  C CA  . ASN A 1 110 ? 6.683   5.194   12.326  1.00 8.37  ? 110 ASN A CA  1 
ATOM   828  C C   . ASN A 1 110 ? 6.803   3.709   12.659  1.00 7.45  ? 110 ASN A C   1 
ATOM   829  O O   . ASN A 1 110 ? 7.898   3.221   12.923  1.00 7.09  ? 110 ASN A O   1 
ATOM   830  C CB  . ASN A 1 110 ? 6.325   5.985   13.590  1.00 7.85  ? 110 ASN A CB  1 
ATOM   831  C CG  . ASN A 1 110 ? 6.705   7.444   13.488  1.00 10.52 ? 110 ASN A CG  1 
ATOM   832  O OD1 . ASN A 1 110 ? 7.662   7.795   12.803  1.00 11.23 ? 110 ASN A OD1 1 
ATOM   833  N ND2 . ASN A 1 110 ? 5.972   8.305   14.189  1.00 8.08  ? 110 ASN A ND2 1 
ATOM   834  N N   . ARG A 1 111 ? 5.685   2.991   12.649  1.00 7.71  ? 111 ARG A N   1 
ATOM   835  C CA  . ARG A 1 111 ? 5.703   1.563   12.950  1.00 8.13  ? 111 ARG A CA  1 
ATOM   836  C C   . ARG A 1 111 ? 6.380   0.799   11.815  1.00 8.05  ? 111 ARG A C   1 
ATOM   837  O O   . ARG A 1 111 ? 7.124   -0.155  12.048  1.00 7.50  ? 111 ARG A O   1 
ATOM   838  C CB  . ARG A 1 111 ? 4.273   1.048   13.145  1.00 8.20  ? 111 ARG A CB  1 
ATOM   839  C CG  . ARG A 1 111 ? 4.160   -0.456  13.352  1.00 12.26 ? 111 ARG A CG  1 
ATOM   840  C CD  . ARG A 1 111 ? 4.370   -0.876  14.805  1.00 20.34 ? 111 ARG A CD  1 
ATOM   841  N NE  . ARG A 1 111 ? 4.327   -2.331  14.955  1.00 22.98 ? 111 ARG A NE  1 
ATOM   842  C CZ  . ARG A 1 111 ? 4.163   -2.970  16.111  1.00 24.87 ? 111 ARG A CZ  1 
ATOM   843  N NH1 . ARG A 1 111 ? 4.022   -2.286  17.240  1.00 21.84 ? 111 ARG A NH1 1 
ATOM   844  N NH2 . ARG A 1 111 ? 4.141   -4.296  16.141  1.00 23.61 ? 111 ARG A NH2 1 
ATOM   845  N N   . LEU A 1 112 ? 6.123   1.227   10.584  1.00 7.21  ? 112 LEU A N   1 
ATOM   846  C CA  . LEU A 1 112 ? 6.712   0.584   9.417   0.50 6.59  ? 112 LEU A CA  1 
ATOM   847  C C   . LEU A 1 112 ? 8.237   0.691   9.447   1.00 6.72  ? 112 LEU A C   1 
ATOM   848  O O   . LEU A 1 112 ? 8.942   -0.251  9.092   1.00 7.43  ? 112 LEU A O   1 
ATOM   849  C CB  . LEU A 1 112 ? 6.153   1.223   8.140   0.50 5.88  ? 112 LEU A CB  1 
ATOM   850  C CG  . LEU A 1 112 ? 6.712   0.787   6.782   0.50 5.51  ? 112 LEU A CG  1 
ATOM   851  C CD1 . LEU A 1 112 ? 5.684   1.065   5.695   0.50 3.19  ? 112 LEU A CD1 1 
ATOM   852  C CD2 . LEU A 1 112 ? 8.018   1.521   6.499   0.50 3.62  ? 112 LEU A CD2 1 
ATOM   853  N N   . GLN A 1 113 ? 8.745   1.834   9.895   1.00 7.27  ? 113 GLN A N   1 
ATOM   854  C CA  . GLN A 1 113 ? 10.187  2.048   9.949   1.00 9.11  ? 113 GLN A CA  1 
ATOM   855  C C   . GLN A 1 113 ? 10.889  1.170   10.979  1.00 9.92  ? 113 GLN A C   1 
ATOM   856  O O   . GLN A 1 113 ? 12.117  1.058   10.974  1.00 10.11 ? 113 GLN A O   1 
ATOM   857  C CB  . GLN A 1 113 ? 10.494  3.516   10.237  1.00 9.05  ? 113 GLN A CB  1 
ATOM   858  C CG  . GLN A 1 113 ? 10.023  4.464   9.155   1.00 11.41 ? 113 GLN A CG  1 
ATOM   859  C CD  . GLN A 1 113 ? 10.525  5.868   9.366   1.00 11.24 ? 113 GLN A CD  1 
ATOM   860  O OE1 . GLN A 1 113 ? 11.678  6.180   9.069   1.00 9.52  ? 113 GLN A OE1 1 
ATOM   861  N NE2 . GLN A 1 113 ? 9.667   6.725   9.902   1.00 8.36  ? 113 GLN A NE2 1 
ATOM   862  N N   . LYS A 1 114 ? 10.115  0.551   11.864  1.00 10.49 ? 114 LYS A N   1 
ATOM   863  C CA  . LYS A 1 114 ? 10.692  -0.319  12.879  1.00 10.93 ? 114 LYS A CA  1 
ATOM   864  C C   . LYS A 1 114 ? 11.078  -1.675  12.297  1.00 12.56 ? 114 LYS A C   1 
ATOM   865  O O   . LYS A 1 114 ? 11.793  -2.452  12.934  1.00 12.97 ? 114 LYS A O   1 
ATOM   866  C CB  . LYS A 1 114 ? 9.711   -0.505  14.035  1.00 11.59 ? 114 LYS A CB  1 
ATOM   867  C CG  . LYS A 1 114 ? 9.481   0.763   14.846  1.00 13.18 ? 114 LYS A CG  1 
ATOM   868  C CD  . LYS A 1 114 ? 8.489   0.528   15.966  1.00 15.23 ? 114 LYS A CD  1 
ATOM   869  C CE  . LYS A 1 114 ? 8.291   1.785   16.806  1.00 20.12 ? 114 LYS A CE  1 
ATOM   870  N NZ  . LYS A 1 114 ? 9.533   2.185   17.532  1.00 22.61 ? 114 LYS A NZ  1 
ATOM   871  N N   . ILE A 1 115 ? 10.604  -1.949  11.085  1.00 10.97 ? 115 ILE A N   1 
ATOM   872  C CA  . ILE A 1 115 ? 10.905  -3.201  10.397  1.00 11.65 ? 115 ILE A CA  1 
ATOM   873  C C   . ILE A 1 115 ? 12.339  -3.158  9.865   1.00 11.68 ? 115 ILE A C   1 
ATOM   874  O O   . ILE A 1 115 ? 12.763  -2.166  9.271   1.00 11.10 ? 115 ILE A O   1 
ATOM   875  C CB  . ILE A 1 115 ? 9.914   -3.440  9.227   1.00 11.74 ? 115 ILE A CB  1 
ATOM   876  C CG1 . ILE A 1 115 ? 8.488   -3.573  9.776   1.00 9.30  ? 115 ILE A CG1 1 
ATOM   877  C CG2 . ILE A 1 115 ? 10.296  -4.703  8.455   1.00 12.57 ? 115 ILE A CG2 1 
ATOM   878  C CD1 . ILE A 1 115 ? 7.415   -3.725  8.699   1.00 9.35  ? 115 ILE A CD1 1 
ATOM   879  N N   . SER A 1 116 ? 13.085  -4.235  10.099  1.00 12.77 ? 116 SER A N   1 
ATOM   880  C CA  . SER A 1 116 ? 14.475  -4.335  9.668   1.00 13.76 ? 116 SER A CA  1 
ATOM   881  C C   . SER A 1 116 ? 14.727  -3.830  8.251   1.00 12.73 ? 116 SER A C   1 
ATOM   882  O O   . SER A 1 116 ? 14.127  -4.315  7.294   1.00 15.53 ? 116 SER A O   1 
ATOM   883  C CB  . SER A 1 116 ? 14.953  -5.784  9.774   1.00 14.96 ? 116 SER A CB  1 
ATOM   884  O OG  . SER A 1 116 ? 14.860  -6.250  11.107  1.00 15.70 ? 116 SER A OG  1 
ATOM   885  N N   . GLY A 1 117 ? 15.627  -2.858  8.133   1.00 13.26 ? 117 GLY A N   1 
ATOM   886  C CA  . GLY A 1 117 ? 15.971  -2.297  6.837   1.00 11.94 ? 117 GLY A CA  1 
ATOM   887  C C   . GLY A 1 117 ? 14.968  -1.306  6.280   1.00 10.76 ? 117 GLY A C   1 
ATOM   888  O O   . GLY A 1 117 ? 15.101  -0.866  5.138   1.00 10.55 ? 117 GLY A O   1 
ATOM   889  N N   . CYS A 1 118 ? 13.971  -0.942  7.077   1.00 10.45 ? 118 CYS A N   1 
ATOM   890  C CA  . CYS A 1 118 ? 12.954  -0.003  6.618   1.00 10.04 ? 118 CYS A CA  1 
ATOM   891  C C   . CYS A 1 118 ? 13.045  1.380   7.230   1.00 10.53 ? 118 CYS A C   1 
ATOM   892  O O   . CYS A 1 118 ? 12.257  2.258   6.889   1.00 9.64  ? 118 CYS A O   1 
ATOM   893  C CB  . CYS A 1 118 ? 11.558  -0.574  6.869   1.00 10.02 ? 118 CYS A CB  1 
ATOM   894  S SG  . CYS A 1 118 ? 11.246  -2.061  5.881   1.00 9.74  ? 118 CYS A SG  1 
ATOM   895  N N   . HIS A 1 119 ? 13.997  1.596   8.130   1.00 11.60 ? 119 HIS A N   1 
ATOM   896  C CA  . HIS A 1 119 ? 14.093  2.915   8.732   1.00 11.40 ? 119 HIS A CA  1 
ATOM   897  C C   . HIS A 1 119 ? 14.553  3.933   7.700   1.00 10.88 ? 119 HIS A C   1 
ATOM   898  O O   . HIS A 1 119 ? 15.612  3.781   7.085   1.00 11.03 ? 119 HIS A O   1 
ATOM   899  C CB  . HIS A 1 119 ? 15.045  2.915   9.927   1.00 12.38 ? 119 HIS A CB  1 
ATOM   900  C CG  . HIS A 1 119 ? 15.023  4.199   10.696  1.00 15.04 ? 119 HIS A CG  1 
ATOM   901  N ND1 . HIS A 1 119 ? 15.615  5.354   10.234  1.00 20.06 ? 119 HIS A ND1 1 
ATOM   902  C CD2 . HIS A 1 119 ? 14.427  4.524   11.867  1.00 16.28 ? 119 HIS A CD2 1 
ATOM   903  C CE1 . HIS A 1 119 ? 15.383  6.337   11.086  1.00 19.53 ? 119 HIS A CE1 1 
ATOM   904  N NE2 . HIS A 1 119 ? 14.663  5.860   12.085  1.00 19.33 ? 119 HIS A NE2 1 
ATOM   905  N N   . GLY A 1 120 ? 13.731  4.959   7.500   1.00 10.35 ? 120 GLY A N   1 
ATOM   906  C CA  . GLY A 1 120 ? 14.052  5.998   6.539   1.00 10.25 ? 120 GLY A CA  1 
ATOM   907  C C   . GLY A 1 120 ? 14.034  5.508   5.106   1.00 10.54 ? 120 GLY A C   1 
ATOM   908  O O   . GLY A 1 120 ? 14.603  6.146   4.221   1.00 11.02 ? 120 GLY A O   1 
ATOM   909  N N   . VAL A 1 121 ? 13.378  4.379   4.862   1.00 9.34  ? 121 VAL A N   1 
ATOM   910  C CA  . VAL A 1 121 ? 13.312  3.833   3.512   1.00 9.77  ? 121 VAL A CA  1 
ATOM   911  C C   . VAL A 1 121 ? 12.719  4.865   2.558   1.00 10.02 ? 121 VAL A C   1 
ATOM   912  O O   . VAL A 1 121 ? 11.780  5.575   2.913   1.00 9.55  ? 121 VAL A O   1 
ATOM   913  C CB  . VAL A 1 121 ? 12.452  2.548   3.467   1.00 9.28  ? 121 VAL A CB  1 
ATOM   914  C CG1 . VAL A 1 121 ? 11.027  2.851   3.923   1.00 8.23  ? 121 VAL A CG1 1 
ATOM   915  C CG2 . VAL A 1 121 ? 12.458  1.972   2.062   1.00 9.38  ? 121 VAL A CG2 1 
ATOM   916  N N   . GLN A 1 122 ? 13.282  4.958   1.356   1.00 10.14 ? 122 GLN A N   1 
ATOM   917  C CA  . GLN A 1 122 ? 12.790  5.907   0.360   1.00 11.01 ? 122 GLN A CA  1 
ATOM   918  C C   . GLN A 1 122 ? 12.164  5.153   -0.807  1.00 10.42 ? 122 GLN A C   1 
ATOM   919  O O   . GLN A 1 122 ? 12.680  4.069   -1.142  1.00 9.90  ? 122 GLN A O   1 
ATOM   920  C CB  . GLN A 1 122 ? 13.935  6.782   -0.162  1.00 11.87 ? 122 GLN A CB  1 
ATOM   921  C CG  . GLN A 1 122 ? 14.707  7.516   0.921   1.00 16.65 ? 122 GLN A CG  1 
ATOM   922  C CD  . GLN A 1 122 ? 13.898  8.611   1.579   1.00 21.21 ? 122 GLN A CD  1 
ATOM   923  O OE1 . GLN A 1 122 ? 13.508  9.583   0.931   1.00 22.79 ? 122 GLN A OE1 1 
ATOM   924  N NE2 . GLN A 1 122 ? 13.637  8.459   2.874   1.00 21.70 ? 122 GLN A NE2 1 
ATOM   925  O OXT . GLN A 1 122 ? 11.176  5.662   -1.381  1.00 9.74  ? 122 GLN A OXT 1 
HETATM 926  C C1  . 4NN B 2 .   ? -5.997  -1.715  7.028   1.00 20.00 ? 1   4NN B C1  1 
HETATM 927  O O1  . 4NN B 2 .   ? -6.187  -2.664  7.764   1.00 20.00 ? 1   4NN B O1  1 
HETATM 928  C C2  . 4NN B 2 .   ? -5.910  -0.469  7.602   1.00 20.00 ? 1   4NN B C2  1 
HETATM 929  N N2  . 4NN B 2 .   ? -5.951  -0.402  8.967   1.00 20.00 ? 1   4NN B N2  1 
HETATM 930  C C3  . 4NN B 2 .   ? -5.845  0.613   6.724   1.00 20.00 ? 1   4NN B C3  1 
HETATM 931  C C4  . 4NN B 2 .   ? -5.760  0.384   5.189   1.00 20.00 ? 1   4NN B C4  1 
HETATM 932  O O4  . 4NN B 2 .   ? -6.932  0.569   4.464   1.00 20.00 ? 1   4NN B O4  1 
HETATM 933  C C5  . 4NN B 2 .   ? -5.287  -1.070  4.887   1.00 20.00 ? 1   4NN B C5  1 
HETATM 934  O O5  . 4NN B 2 .   ? -6.034  -1.923  5.715   1.00 20.00 ? 1   4NN B O5  1 
HETATM 935  C C6  . 4NN B 2 .   ? -3.773  -1.323  4.830   1.00 20.00 ? 1   4NN B C6  1 
HETATM 936  O O6  . 4NN B 2 .   ? -3.099  -0.383  5.606   1.00 20.00 ? 1   4NN B O6  1 
HETATM 937  C C7  . 4NN B 2 .   ? -5.823  0.734   9.643   1.00 20.00 ? 1   4NN B C7  1 
HETATM 938  O O7  . 4NN B 2 .   ? -5.707  1.808   9.093   1.00 20.00 ? 1   4NN B O7  1 
HETATM 939  C C8  . 4NN B 2 .   ? -5.870  0.654   11.193  1.00 20.00 ? 1   4NN B C8  1 
HETATM 940  C C1  . NAG B 2 .   ? -7.138  1.870   3.998   1.00 20.00 ? 2   NAG B C1  1 
HETATM 941  C C2  . NAG B 2 .   ? -7.284  1.744   2.470   1.00 20.00 ? 2   NAG B C2  1 
HETATM 942  C C3  . NAG B 2 .   ? -7.792  3.038   1.815   1.00 20.00 ? 2   NAG B C3  1 
HETATM 943  C C4  . NAG B 2 .   ? -8.995  3.659   2.537   1.00 20.00 ? 2   NAG B C4  1 
HETATM 944  C C5  . NAG B 2 .   ? -8.741  3.633   4.052   1.00 20.00 ? 2   NAG B C5  1 
HETATM 945  C C6  . NAG B 2 .   ? -9.955  4.167   4.830   1.00 20.00 ? 2   NAG B C6  1 
HETATM 946  C C7  . NAG B 2 .   ? -6.040  0.054   1.208   1.00 20.00 ? 2   NAG B C7  1 
HETATM 947  C C8  . NAG B 2 .   ? -4.685  -0.392  0.724   1.00 20.00 ? 2   NAG B C8  1 
HETATM 948  N N2  . NAG B 2 .   ? -6.093  1.222   1.830   1.00 20.00 ? 2   NAG B N2  1 
HETATM 949  O O3  . NAG B 2 .   ? -8.106  2.876   0.447   1.00 20.00 ? 2   NAG B O3  1 
HETATM 950  O O4  . NAG B 2 .   ? -9.291  4.768   2.181   1.00 20.00 ? 2   NAG B O4  1 
HETATM 951  O O5  . NAG B 2 .   ? -8.347  2.360   4.536   1.00 20.00 ? 2   NAG B O5  1 
HETATM 952  O O6  . NAG B 2 .   ? -10.943 3.188   5.046   1.00 20.00 ? 2   NAG B O6  1 
HETATM 953  O O7  . NAG B 2 .   ? -6.986  -0.674  1.050   1.00 20.00 ? 2   NAG B O7  1 
HETATM 954  C C1  . NAG B 2 .   ? -10.331 4.966   1.248   1.00 20.00 ? 3   NAG B C1  1 
HETATM 955  C C2  . NAG B 2 .   ? -11.045 6.332   1.385   1.00 20.00 ? 3   NAG B C2  1 
HETATM 956  C C3  . NAG B 2 .   ? -12.063 6.569   0.257   1.00 20.00 ? 3   NAG B C3  1 
HETATM 957  C C4  . NAG B 2 .   ? -11.511 6.207   -1.121  1.00 20.00 ? 3   NAG B C4  1 
HETATM 958  C C5  . NAG B 2 .   ? -10.821 4.835   -1.019  1.00 20.00 ? 3   NAG B C5  1 
HETATM 959  C C6  . NAG B 2 .   ? -10.268 4.342   -2.359  1.00 20.00 ? 3   NAG B C6  1 
HETATM 960  C C7  . NAG B 2 .   ? -11.215 7.396   3.532   1.00 20.00 ? 3   NAG B C7  1 
HETATM 961  C C8  . NAG B 2 .   ? -11.955 7.521   4.813   1.00 20.00 ? 3   NAG B C8  1 
HETATM 962  N N2  . NAG B 2 .   ? -11.681 6.498   2.678   1.00 20.00 ? 3   NAG B N2  1 
HETATM 963  O O3  . NAG B 2 .   ? -12.541 7.884   0.220   1.00 20.00 ? 3   NAG B O3  1 
HETATM 964  O O4  . NAG B 2 .   ? -12.698 6.188   -2.000  1.00 20.00 ? 3   NAG B O4  1 
HETATM 965  O O5  . NAG B 2 .   ? -9.815  4.831   -0.037  1.00 20.00 ? 3   NAG B O5  1 
HETATM 966  O O6  . NAG B 2 .   ? -9.428  5.297   -2.932  1.00 20.00 ? 3   NAG B O6  1 
HETATM 967  O O7  . NAG B 2 .   ? -10.247 8.072   3.318   1.00 20.00 ? 3   NAG B O7  1 
HETATM 968  C C1  . NAG B 2 .   ? -12.445 7.006   -3.086  1.00 20.00 ? 4   NAG B C1  1 
HETATM 969  C C2  . NAG B 2 .   ? -13.483 6.718   -4.169  1.00 20.00 ? 4   NAG B C2  1 
HETATM 970  C C3  . NAG B 2 .   ? -13.323 7.729   -5.321  1.00 20.00 ? 4   NAG B C3  1 
HETATM 971  C C4  . NAG B 2 .   ? -13.328 9.153   -4.790  1.00 20.00 ? 4   NAG B C4  1 
HETATM 972  C C5  . NAG B 2 .   ? -12.274 9.311   -3.697  1.00 20.00 ? 4   NAG B C5  1 
HETATM 973  C C6  . NAG B 2 .   ? -12.381 10.712  -3.071  1.00 20.00 ? 4   NAG B C6  1 
HETATM 974  C C7  . NAG B 2 .   ? -14.259 4.355   -4.451  1.00 20.00 ? 4   NAG B C7  1 
HETATM 975  C C8  . NAG B 2 .   ? -14.073 3.114   -5.284  1.00 20.00 ? 4   NAG B C8  1 
HETATM 976  N N2  . NAG B 2 .   ? -13.399 5.350   -4.657  1.00 20.00 ? 4   NAG B N2  1 
HETATM 977  O O3  . NAG B 2 .   ? -14.387 7.566   -6.209  1.00 20.00 ? 4   NAG B O3  1 
HETATM 978  O O4  . NAG B 2 .   ? -13.085 10.066  -5.818  1.00 20.00 ? 4   NAG B O4  1 
HETATM 979  O O5  . NAG B 2 .   ? -12.469 8.347   -2.681  1.00 20.00 ? 4   NAG B O5  1 
HETATM 980  O O6  . NAG B 2 .   ? -13.620 10.835  -2.411  1.00 20.00 ? 4   NAG B O6  1 
HETATM 981  O O7  . NAG B 2 .   ? -15.136 4.386   -3.617  1.00 20.00 ? 4   NAG B O7  1 
HETATM 982  O O   . HOH C 3 .   ? -4.783  0.949   -14.678 1.00 36.89 ? 127 HOH A O   1 
HETATM 983  O O   . HOH C 3 .   ? -5.892  6.963   -12.669 1.00 37.08 ? 128 HOH A O   1 
HETATM 984  O O   . HOH C 3 .   ? 1.164   0.266   -14.280 1.00 34.97 ? 129 HOH A O   1 
HETATM 985  O O   . HOH C 3 .   ? -0.059  11.182  -12.024 1.00 46.13 ? 130 HOH A O   1 
HETATM 986  O O   . HOH C 3 .   ? -15.200 -6.586  -6.724  1.00 36.23 ? 131 HOH A O   1 
HETATM 987  O O   . HOH C 3 .   ? 6.576   16.201  -6.306  1.00 32.36 ? 132 HOH A O   1 
HETATM 988  O O   . HOH C 3 .   ? 3.727   8.680   -7.866  1.00 33.12 ? 133 HOH A O   1 
HETATM 989  O O   . HOH C 3 .   ? 3.504   12.984  3.929   1.00 35.72 ? 134 HOH A O   1 
HETATM 990  O O   . HOH C 3 .   ? 7.179   -2.398  16.773  1.00 59.26 ? 135 HOH A O   1 
HETATM 991  O O   . HOH C 3 .   ? -15.402 8.680   -0.556  1.00 51.81 ? 136 HOH A O   1 
HETATM 992  O O   . HOH C 3 .   ? -14.337 5.020   2.899   1.00 33.31 ? 137 HOH A O   1 
HETATM 993  O O   . HOH C 3 .   ? -17.965 -3.772  1.257   1.00 24.49 ? 138 HOH A O   1 
HETATM 994  O O   . HOH C 3 .   ? 6.734   -10.897 -2.637  1.00 25.50 ? 139 HOH A O   1 
HETATM 995  O O   . HOH C 3 .   ? 10.576  0.626   -10.938 1.00 40.77 ? 140 HOH A O   1 
HETATM 996  O O   . HOH C 3 .   ? -12.552 -15.525 -12.364 1.00 37.91 ? 141 HOH A O   1 
HETATM 997  O O   . HOH C 3 .   ? 9.264   -9.720  -2.184  1.00 36.30 ? 142 HOH A O   1 
HETATM 998  O O   . HOH C 3 .   ? -0.390  14.898  9.235   1.00 32.07 ? 143 HOH A O   1 
HETATM 999  O O   . HOH C 3 .   ? -2.611  -8.028  -12.464 0.50 11.55 ? 144 HOH A O   1 
HETATM 1000 O O   . HOH C 3 .   ? -8.840  10.944  -9.238  1.00 38.13 ? 145 HOH A O   1 
HETATM 1001 O O   . HOH C 3 .   ? -7.603  8.894   -13.040 1.00 44.28 ? 146 HOH A O   1 
HETATM 1002 O O   . HOH C 3 .   ? -16.487 2.674   -2.389  1.00 60.46 ? 147 HOH A O   1 
HETATM 1003 O O   . HOH C 3 .   ? 14.990  -5.372  -5.345  1.00 60.46 ? 148 HOH A O   1 
HETATM 1004 O O   . HOH C 3 .   ? 17.048  -4.835  0.629   1.00 51.94 ? 149 HOH A O   1 
HETATM 1005 O O   . HOH C 3 .   ? 16.024  -2.276  -4.413  1.00 34.97 ? 150 HOH A O   1 
HETATM 1006 O O   . HOH C 3 .   ? 17.491  -3.023  -2.454  1.00 43.54 ? 151 HOH A O   1 
HETATM 1007 O O   . HOH C 3 .   ? 12.448  -6.629  -5.764  1.00 32.75 ? 152 HOH A O   1 
HETATM 1008 O O   . HOH C 3 .   ? 15.460  -1.478  2.467   1.00 46.20 ? 153 HOH A O   1 
HETATM 1009 O O   . HOH C 3 .   ? 13.155  -4.340  4.165   1.00 31.55 ? 154 HOH A O   1 
HETATM 1010 O O   . HOH C 3 .   ? 15.952  -5.307  4.095   1.00 32.96 ? 155 HOH A O   1 
HETATM 1011 O O   . HOH C 3 .   ? 15.806  -6.746  6.357   1.00 74.02 ? 156 HOH A O   1 
HETATM 1012 O O   . HOH C 3 .   ? 9.804   -10.298 1.711   1.00 30.28 ? 157 HOH A O   1 
HETATM 1013 O O   . HOH C 3 .   ? 4.861   -9.185  10.302  1.00 35.05 ? 158 HOH A O   1 
HETATM 1014 O O   . HOH C 3 .   ? -8.611  -17.131 4.584   1.00 33.48 ? 159 HOH A O   1 
HETATM 1015 O O   . HOH C 3 .   ? -4.741  -17.494 2.520   1.00 36.88 ? 160 HOH A O   1 
HETATM 1016 O O   . HOH C 3 .   ? -8.781  -6.467  12.276  1.00 42.03 ? 161 HOH A O   1 
HETATM 1017 O O   . HOH C 3 .   ? -7.343  -8.707  12.294  1.00 65.62 ? 162 HOH A O   1 
HETATM 1018 O O   . HOH C 3 .   ? 11.297  -1.244  -12.611 1.00 59.15 ? 163 HOH A O   1 
HETATM 1019 O O   . HOH C 3 .   ? -15.638 -9.040  0.609   1.00 41.25 ? 164 HOH A O   1 
HETATM 1020 O O   . HOH C 3 .   ? -12.337 0.980   4.755   1.00 51.92 ? 165 HOH A O   1 
HETATM 1021 O O   . HOH C 3 .   ? -18.035 -0.684  -8.365  1.00 48.86 ? 166 HOH A O   1 
HETATM 1022 O O   . HOH C 3 .   ? -13.978 3.280   0.947   1.00 32.61 ? 167 HOH A O   1 
HETATM 1023 O O   . HOH C 3 .   ? -13.313 -7.686  -12.441 1.00 28.74 ? 168 HOH A O   1 
HETATM 1024 O O   . HOH C 3 .   ? -14.052 11.435  1.461   1.00 31.18 ? 169 HOH A O   1 
HETATM 1025 O O   . HOH C 3 .   ? -14.361 -8.334  -10.238 1.00 35.20 ? 170 HOH A O   1 
HETATM 1026 O O   . HOH C 3 .   ? -16.513 -9.243  -3.162  1.00 41.06 ? 171 HOH A O   1 
HETATM 1027 O O   . HOH C 3 .   ? -8.847  -15.795 -5.093  1.00 48.53 ? 172 HOH A O   1 
HETATM 1028 O O   . HOH C 3 .   ? -5.439  -16.754 -6.071  1.00 40.37 ? 173 HOH A O   1 
HETATM 1029 O O   . HOH C 3 .   ? 1.037   -16.342 -2.850  1.00 56.05 ? 174 HOH A O   1 
HETATM 1030 O O   . HOH C 3 .   ? -10.585 -15.366 -2.423  1.00 38.20 ? 175 HOH A O   1 
HETATM 1031 O O   . HOH C 3 .   ? 0.087   -15.797 -7.247  1.00 49.34 ? 176 HOH A O   1 
HETATM 1032 O O   . HOH C 3 .   ? 8.943   -15.319 1.645   1.00 41.68 ? 177 HOH A O   1 
HETATM 1033 O O   . HOH C 3 .   ? -0.929  17.887  -9.145  1.00 43.63 ? 178 HOH A O   1 
HETATM 1034 O O   . HOH C 3 .   ? -3.936  16.707  0.245   1.00 34.72 ? 179 HOH A O   1 
HETATM 1035 O O   . HOH C 3 .   ? 9.539   16.159  0.706   0.50 25.84 ? 180 HOH A O   1 
HETATM 1036 O O   . HOH C 3 .   ? 8.894   14.344  -3.332  1.00 28.10 ? 181 HOH A O   1 
HETATM 1037 O O   . HOH C 3 .   ? -12.296 -2.631  12.474  1.00 38.22 ? 182 HOH A O   1 
HETATM 1038 O O   . HOH C 3 .   ? 4.627   17.366  0.761   1.00 40.12 ? 183 HOH A O   1 
HETATM 1039 O O   . HOH C 3 .   ? 2.071   17.349  5.861   1.00 40.29 ? 184 HOH A O   1 
HETATM 1040 O O   . HOH C 3 .   ? 0.634   20.465  4.145   1.00 37.89 ? 185 HOH A O   1 
HETATM 1041 O O   . HOH C 3 .   ? 8.171   11.670  9.452   1.00 37.24 ? 186 HOH A O   1 
HETATM 1042 O O   . HOH C 3 .   ? -3.166  -3.478  7.977   1.00 47.78 ? 187 HOH A O   1 
HETATM 1043 O O   . HOH C 3 .   ? -2.078  4.667   13.509  1.00 48.62 ? 188 HOH A O   1 
HETATM 1044 O O   . HOH C 3 .   ? 9.939   9.059   11.264  1.00 40.45 ? 189 HOH A O   1 
HETATM 1045 O O   . HOH C 3 .   ? 10.379  8.882   14.230  1.00 31.19 ? 190 HOH A O   1 
HETATM 1046 O O   . HOH C 3 .   ? 10.469  4.557   16.530  1.00 48.68 ? 191 HOH A O   1 
HETATM 1047 O O   . HOH C 3 .   ? 5.397   -0.131  17.455  1.00 35.37 ? 192 HOH A O   1 
HETATM 1048 O O   . HOH C 3 .   ? -2.819  -7.352  -1.211  1.00 8.62  ? 193 HOH A O   1 
HETATM 1049 O O   . HOH C 3 .   ? -13.145 -3.908  1.024   1.00 12.97 ? 194 HOH A O   1 
HETATM 1050 O O   . HOH C 3 .   ? 6.025   -9.472  -6.505  1.00 14.33 ? 195 HOH A O   1 
HETATM 1051 O O   . HOH C 3 .   ? -13.517 -1.230  0.208   1.00 12.01 ? 196 HOH A O   1 
HETATM 1052 O O   . HOH C 3 .   ? -3.915  -6.929  -14.272 1.00 20.82 ? 197 HOH A O   1 
HETATM 1053 O O   . HOH C 3 .   ? 9.986   0.115   -8.465  1.00 16.78 ? 198 HOH A O   1 
HETATM 1054 O O   . HOH C 3 .   ? 3.781   1.084   -13.132 1.00 21.76 ? 199 HOH A O   1 
HETATM 1055 O O   . HOH C 3 .   ? -12.685 -10.754 -5.291  1.00 19.46 ? 200 HOH A O   1 
HETATM 1056 O O   . HOH C 3 .   ? -3.765  -14.951 -6.736  1.00 19.52 ? 201 HOH A O   1 
HETATM 1057 O O   . HOH C 3 .   ? 14.421  -0.105  -4.242  1.00 19.99 ? 202 HOH A O   1 
HETATM 1058 O O   . HOH C 3 .   ? -7.269  -12.098 -1.164  1.00 20.09 ? 203 HOH A O   1 
HETATM 1059 O O   . HOH C 3 .   ? 3.523   4.434   -10.016 1.00 21.04 ? 204 HOH A O   1 
HETATM 1060 O O   . HOH C 3 .   ? -13.542 -8.588  -7.752  1.00 18.52 ? 205 HOH A O   1 
HETATM 1061 O O   . HOH C 3 .   ? -5.307  -5.050  7.772   1.00 22.77 ? 206 HOH A O   1 
HETATM 1062 O O   . HOH C 3 .   ? -1.326  12.109  -8.674  1.00 19.76 ? 207 HOH A O   1 
HETATM 1063 O O   . HOH C 3 .   ? 9.754   5.224   -3.661  1.00 16.05 ? 208 HOH A O   1 
HETATM 1064 O O   . HOH C 3 .   ? 10.563  8.215   2.595   1.00 13.12 ? 209 HOH A O   1 
HETATM 1065 O O   . HOH C 3 .   ? 13.144  -2.916  2.025   1.00 23.27 ? 210 HOH A O   1 
HETATM 1066 O O   . HOH C 3 .   ? 11.231  10.282  4.171   1.00 21.00 ? 211 HOH A O   1 
HETATM 1067 O O   . HOH C 3 .   ? -1.824  -5.654  8.741   1.00 19.96 ? 212 HOH A O   1 
HETATM 1068 O O   . HOH C 3 .   ? 2.732   -13.814 -5.312  1.00 20.98 ? 213 HOH A O   1 
HETATM 1069 O O   . HOH C 3 .   ? -10.348 -14.104 -9.916  1.00 21.79 ? 214 HOH A O   1 
HETATM 1070 O O   . HOH C 3 .   ? -9.480  -14.655 4.294   1.00 24.51 ? 215 HOH A O   1 
HETATM 1071 O O   . HOH C 3 .   ? 2.357   -13.143 -7.750  1.00 24.46 ? 216 HOH A O   1 
HETATM 1072 O O   . HOH C 3 .   ? -8.006  -7.301  -15.265 1.00 26.28 ? 217 HOH A O   1 
HETATM 1073 O O   . HOH C 3 .   ? -10.396 -7.206  -12.901 1.00 21.20 ? 218 HOH A O   1 
HETATM 1074 O O   . HOH C 3 .   ? -7.602  9.794   2.383   1.00 20.41 ? 219 HOH A O   1 
HETATM 1075 O O   . HOH C 3 .   ? -5.272  -13.263 0.322   1.00 21.82 ? 220 HOH A O   1 
HETATM 1076 O O   . HOH C 3 .   ? 9.865   7.153   -5.545  1.00 20.05 ? 221 HOH A O   1 
HETATM 1077 O O   . HOH C 3 .   ? 4.033   -6.842  10.033  1.00 25.26 ? 222 HOH A O   1 
HETATM 1078 O O   . HOH C 3 .   ? -13.414 -13.664 0.972   1.00 34.91 ? 223 HOH A O   1 
HETATM 1079 O O   . HOH C 3 .   ? 5.219   13.708  5.838   1.00 25.08 ? 224 HOH A O   1 
HETATM 1080 O O   . HOH C 3 .   ? 8.634   -9.157  -5.509  1.00 21.45 ? 225 HOH A O   1 
HETATM 1081 O O   . HOH C 3 .   ? 6.758   -12.468 -0.359  1.00 26.38 ? 226 HOH A O   1 
HETATM 1082 O O   . HOH C 3 .   ? 12.890  8.632   9.047   1.00 28.88 ? 227 HOH A O   1 
HETATM 1083 O O   . HOH C 3 .   ? 10.281  10.406  8.287   1.00 28.96 ? 228 HOH A O   1 
HETATM 1084 O O   . HOH C 3 .   ? -17.128 -13.495 -0.004  1.00 30.78 ? 229 HOH A O   1 
HETATM 1085 O O   . HOH C 3 .   ? 10.024  -8.238  -0.011  1.00 31.90 ? 230 HOH A O   1 
HETATM 1086 O O   . HOH C 3 .   ? -12.509 -13.352 -6.269  1.00 28.77 ? 231 HOH A O   1 
HETATM 1087 O O   . HOH C 3 .   ? -13.853 -10.531 -11.678 1.00 30.45 ? 232 HOH A O   1 
HETATM 1088 O O   . HOH C 3 .   ? 10.326  4.223   13.809  1.00 26.74 ? 233 HOH A O   1 
HETATM 1089 O O   . HOH C 3 .   ? 7.363   10.396  11.616  1.00 32.50 ? 234 HOH A O   1 
HETATM 1090 O O   . HOH C 3 .   ? 11.920  -6.329  11.459  1.00 31.39 ? 235 HOH A O   1 
HETATM 1091 O O   . HOH C 3 .   ? 15.181  2.666   -1.235  1.00 37.00 ? 236 HOH A O   1 
HETATM 1092 O O   . HOH C 3 .   ? 0.118   -3.887  10.158  1.00 35.23 ? 237 HOH A O   1 
HETATM 1093 O O   . HOH C 3 .   ? -11.307 9.353   -7.091  1.00 28.87 ? 238 HOH A O   1 
HETATM 1094 O O   . HOH C 3 .   ? 2.609   -17.518 10.527  1.00 31.27 ? 239 HOH A O   1 
HETATM 1095 O O   . HOH C 3 .   ? -3.293  5.081   -12.107 1.00 36.89 ? 240 HOH A O   1 
HETATM 1096 O O   . HOH C 3 .   ? 0.190   3.729   -13.013 1.00 27.78 ? 241 HOH A O   1 
HETATM 1097 O O   . HOH C 3 .   ? 5.701   11.113  8.622   1.00 28.58 ? 242 HOH A O   1 
HETATM 1098 O O   . HOH C 3 .   ? -11.570 -9.995  10.356  1.00 33.69 ? 243 HOH A O   1 
HETATM 1099 O O   . HOH C 3 .   ? 8.666   -8.743  -9.642  1.00 25.70 ? 244 HOH A O   1 
HETATM 1100 O O   . HOH C 3 .   ? 2.705   -5.085  11.190  1.00 31.61 ? 245 HOH A O   1 
HETATM 1101 O O   . HOH C 3 .   ? 8.922   -10.971 4.236   1.00 32.65 ? 246 HOH A O   1 
HETATM 1102 O O   . HOH C 3 .   ? 4.898   9.331   10.288  1.00 35.55 ? 247 HOH A O   1 
HETATM 1103 O O   . HOH C 3 .   ? -6.582  -3.182  -15.212 1.00 37.95 ? 248 HOH A O   1 
HETATM 1104 O O   . HOH C 3 .   ? -6.731  -16.431 -8.938  1.00 27.04 ? 249 HOH A O   1 
HETATM 1105 O O   . HOH C 3 .   ? -6.354  3.944   -11.780 1.00 31.46 ? 250 HOH A O   1 
HETATM 1106 O O   . HOH C 3 .   ? -8.499  7.013   7.231   1.00 49.77 ? 251 HOH A O   1 
HETATM 1107 O O   . HOH C 3 .   ? -15.437 0.807   5.028   1.00 37.16 ? 252 HOH A O   1 
HETATM 1108 O O   . HOH C 3 .   ? -11.384 1.700   -11.924 1.00 28.74 ? 253 HOH A O   1 
HETATM 1109 O O   . HOH C 3 .   ? 7.608   -13.824 3.574   1.00 36.88 ? 254 HOH A O   1 
HETATM 1110 O O   . HOH C 3 .   ? -4.566  -1.772  -13.990 1.00 32.77 ? 255 HOH A O   1 
HETATM 1111 O O   . HOH C 3 .   ? -15.811 -0.268  -3.262  1.00 26.67 ? 256 HOH A O   1 
HETATM 1112 O O   . HOH C 3 .   ? -10.345 1.133   0.156   1.00 21.98 ? 257 HOH A O   1 
HETATM 1113 O O   . HOH C 3 .   ? -5.854  -5.579  -16.060 1.00 33.04 ? 258 HOH A O   1 
HETATM 1114 O O   . HOH C 3 .   ? 13.512  0.417   -6.862  1.00 19.86 ? 259 HOH A O   1 
HETATM 1115 O O   . HOH C 3 .   ? -15.996 -6.189  3.157   1.00 28.24 ? 260 HOH A O   1 
HETATM 1116 O O   . HOH C 3 .   ? -15.530 -4.747  0.313   1.00 25.81 ? 261 HOH A O   1 
HETATM 1117 O O   . HOH C 3 .   ? 3.336   3.805   -12.538 1.00 33.20 ? 262 HOH A O   1 
HETATM 1118 O O   . HOH C 3 .   ? 0.961   10.744  -8.212  1.00 17.83 ? 263 HOH A O   1 
HETATM 1119 O O   . HOH C 3 .   ? 2.202   15.048  8.423   1.00 23.95 ? 264 HOH A O   1 
HETATM 1120 O O   . HOH C 3 .   ? -4.870  4.963   9.441   1.00 27.38 ? 265 HOH A O   1 
HETATM 1121 O O   . HOH C 3 .   ? -12.276 1.264   1.771   1.00 22.20 ? 266 HOH A O   1 
HETATM 1122 O O   . HOH C 3 .   ? 10.144  -3.364  -13.421 1.00 44.98 ? 267 HOH A O   1 
HETATM 1123 O O   . HOH C 3 .   ? -0.130  -17.315 5.007   1.00 36.71 ? 268 HOH A O   1 
HETATM 1124 O O   . HOH C 3 .   ? 4.814   -13.927 -7.008  1.00 33.08 ? 269 HOH A O   1 
HETATM 1125 O O   . HOH C 3 .   ? -13.121 -11.306 8.772   1.00 29.66 ? 270 HOH A O   1 
HETATM 1126 O O   . HOH C 3 .   ? -10.816 -14.523 2.116   1.00 39.91 ? 271 HOH A O   1 
HETATM 1127 O O   . HOH C 3 .   ? -5.269  -17.166 -2.203  1.00 33.45 ? 272 HOH A O   1 
HETATM 1128 O O   . HOH C 3 .   ? 2.524   -16.393 1.511   1.00 29.62 ? 273 HOH A O   1 
HETATM 1129 O O   . HOH C 3 .   ? -15.862 -0.437  -0.616  1.00 37.66 ? 274 HOH A O   1 
# 
